data_1H82
#
_entry.id   1H82
#
_cell.length_a   184.970
_cell.length_b   184.970
_cell.length_c   282.240
_cell.angle_alpha   90.00
_cell.angle_beta   90.00
_cell.angle_gamma   120.00
#
_symmetry.space_group_name_H-M   'P 65 2 2'
#
loop_
_entity.id
_entity.type
_entity.pdbx_description
1 polymer 'POLYAMINE OXIDASE'
2 branched 2-acetamido-2-deoxy-beta-D-glucopyranose-(1-4)-2-acetamido-2-deoxy-beta-D-glucopyranose
3 branched alpha-D-mannopyranose-(1-6)-alpha-D-mannopyranose-(1-4)-2-acetamido-2-deoxy-beta-D-glucopyranose-(1-4)-[alpha-D-fucopyranose-(1-3)]2-acetamido-2-deoxy-beta-D-glucopyranose
4 non-polymer 'FLAVIN-ADENINE DINUCLEOTIDE'
5 non-polymer N-{8-[(8-{[(E)-AMINO(IMINO)METHYL]AMINO}OCTYL)AMINO]OCTYL}GUANIDINE
6 water water
#
_entity_poly.entity_id   1
_entity_poly.type   'polypeptide(L)'
_entity_poly.pdbx_seq_one_letter_code
;ATVGPRVIVVGAGMSGISAAKRLSEAGITDLLILEATDHIGGRMHKTNFAGINVELGANWVEGVNGGKMNPIWPIVNSTL
KLRNFRSDFDYLAQNVYKEDGGVYDEDYVQKRIELADSVEEMGEKLSATLHASGRDDMSILAMQRLNEHQPNGPATPVDM
VVDYYKFDYEFAEPPRVTSLQNTVPLATFSDFGDDVYFVADQRGYEAVVYYLAGQYLKTDDKSGKIVDPRLQLNKVVREI
KYSPGGVTVKTEDNSVYSADYVMVSASLGVLQSDLIQFKPKLPTWKVRAIYQFDMAVYTKIFLKFPRKFWPEGKGREFFL
YASSRRGYYGVWQEFEKQYPDANVLLVTVTDEESRRIEQQSDEQTKAEIMQVLRKMFPGKDVPDATDILVPRWWSDRFYK
GTFSNWPVGVNRYEYDQLRAPVGRVYFTGEHTSEHYNGYVHGAYLSGIDSAEILINCAQKKMCKYHVQGKYD
;
_entity_poly.pdbx_strand_id   A,B,C
#
loop_
_chem_comp.id
_chem_comp.type
_chem_comp.name
_chem_comp.formula
FAD non-polymer 'FLAVIN-ADENINE DINUCLEOTIDE' 'C27 H33 N9 O15 P2'
FCA D-saccharide, alpha linking alpha-D-fucopyranose 'C6 H12 O5'
GZZ non-polymer N-{8-[(8-{[(E)-AMINO(IMINO)METHYL]AMINO}OCTYL)AMINO]OCTYL}GUANIDINE 'C18 H41 N7'
MAN D-saccharide, alpha linking alpha-D-mannopyranose 'C6 H12 O6'
NAG D-saccharide, beta linking 2-acetamido-2-deoxy-beta-D-glucopyranose 'C8 H15 N O6'
#
# COMPACT_ATOMS: atom_id res chain seq x y z
N PRO A 5 -5.28 55.13 -24.57
CA PRO A 5 -6.48 54.37 -24.94
C PRO A 5 -7.34 53.97 -23.77
N ARG A 6 -8.63 53.85 -23.99
CA ARG A 6 -9.41 53.45 -22.86
C ARG A 6 -9.49 51.94 -22.98
N VAL A 7 -9.35 51.30 -21.83
CA VAL A 7 -9.48 49.85 -21.78
C VAL A 7 -10.41 49.44 -20.66
N ILE A 8 -11.31 48.53 -21.00
CA ILE A 8 -12.22 47.97 -20.00
C ILE A 8 -11.64 46.63 -19.57
N VAL A 9 -11.64 46.40 -18.27
CA VAL A 9 -11.14 45.15 -17.74
C VAL A 9 -12.29 44.43 -17.08
N VAL A 10 -12.58 43.23 -17.58
CA VAL A 10 -13.69 42.49 -17.01
C VAL A 10 -13.14 41.57 -15.94
N GLY A 11 -13.64 41.83 -14.73
CA GLY A 11 -13.27 41.08 -13.52
C GLY A 11 -12.15 41.72 -12.68
N ALA A 12 -12.33 41.70 -11.36
CA ALA A 12 -11.35 42.25 -10.40
C ALA A 12 -10.71 41.21 -9.45
N GLY A 13 -10.42 40.04 -10.01
CA GLY A 13 -9.72 38.92 -9.35
C GLY A 13 -8.22 39.24 -9.52
N MET A 14 -7.37 38.31 -9.14
CA MET A 14 -5.94 38.58 -9.26
C MET A 14 -5.43 39.02 -10.63
N SER A 15 -5.86 38.34 -11.69
CA SER A 15 -5.34 38.71 -13.00
C SER A 15 -5.85 40.06 -13.50
N GLY A 16 -7.09 40.41 -13.22
CA GLY A 16 -7.58 41.71 -13.68
C GLY A 16 -6.89 42.91 -13.02
N ILE A 17 -6.76 42.79 -11.71
CA ILE A 17 -6.13 43.87 -10.94
C ILE A 17 -4.67 43.96 -11.34
N SER A 18 -4.10 42.80 -11.60
CA SER A 18 -2.71 42.76 -12.04
C SER A 18 -2.52 43.35 -13.45
N ALA A 19 -3.47 43.09 -14.32
CA ALA A 19 -3.35 43.61 -15.66
C ALA A 19 -3.57 45.14 -15.61
N ALA A 20 -4.61 45.56 -14.89
CA ALA A 20 -4.95 46.97 -14.85
C ALA A 20 -3.76 47.70 -14.25
N LYS A 21 -3.10 47.07 -13.30
CA LYS A 21 -1.93 47.70 -12.73
C LYS A 21 -0.79 47.85 -13.74
N ARG A 22 -0.55 46.83 -14.52
CA ARG A 22 0.55 46.90 -15.48
C ARG A 22 0.33 47.95 -16.57
N LEU A 23 -0.94 48.10 -16.92
CA LEU A 23 -1.41 49.07 -17.89
C LEU A 23 -1.20 50.47 -17.33
N SER A 24 -1.58 50.65 -16.07
CA SER A 24 -1.42 51.95 -15.43
C SER A 24 0.05 52.31 -15.53
N GLU A 25 0.89 51.33 -15.21
CA GLU A 25 2.31 51.55 -15.26
C GLU A 25 2.81 51.92 -16.62
N ALA A 26 2.08 51.54 -17.66
CA ALA A 26 2.62 51.88 -18.97
C ALA A 26 1.93 53.21 -19.29
N GLY A 27 1.22 53.75 -18.32
CA GLY A 27 0.55 55.02 -18.56
C GLY A 27 -0.86 54.91 -19.08
N ILE A 28 -1.37 53.71 -19.24
CA ILE A 28 -2.74 53.61 -19.73
C ILE A 28 -3.56 53.63 -18.47
N THR A 29 -4.06 54.82 -18.17
CA THR A 29 -4.81 55.05 -16.95
C THR A 29 -6.27 55.24 -17.18
N ASP A 30 -6.68 55.35 -18.44
CA ASP A 30 -8.10 55.47 -18.70
C ASP A 30 -8.63 54.04 -18.71
N LEU A 31 -8.79 53.52 -17.50
CA LEU A 31 -9.24 52.15 -17.31
C LEU A 31 -10.61 52.11 -16.72
N LEU A 32 -11.36 51.04 -16.95
CA LEU A 32 -12.64 50.87 -16.32
C LEU A 32 -12.69 49.36 -15.97
N ILE A 33 -12.73 49.07 -14.68
CA ILE A 33 -12.74 47.69 -14.24
C ILE A 33 -14.13 47.37 -13.80
N LEU A 34 -14.72 46.38 -14.47
CA LEU A 34 -16.08 45.97 -14.15
C LEU A 34 -16.07 44.60 -13.48
N GLU A 35 -16.49 44.56 -12.21
CA GLU A 35 -16.53 43.35 -11.40
C GLU A 35 -17.96 42.95 -11.08
N ALA A 36 -18.27 41.68 -11.30
CA ALA A 36 -19.62 41.16 -11.09
C ALA A 36 -20.12 41.18 -9.65
N THR A 37 -19.26 40.76 -8.72
CA THR A 37 -19.61 40.69 -7.29
C THR A 37 -19.46 42.04 -6.58
N ASP A 38 -19.76 42.02 -5.30
CA ASP A 38 -19.61 43.25 -4.52
C ASP A 38 -18.19 43.37 -3.99
N HIS A 39 -17.24 42.62 -4.49
CA HIS A 39 -15.92 42.84 -3.92
C HIS A 39 -14.90 42.38 -4.91
N ILE A 40 -13.65 42.74 -4.65
CA ILE A 40 -12.56 42.32 -5.51
C ILE A 40 -11.93 41.04 -4.91
N GLY A 41 -10.98 40.45 -5.64
CA GLY A 41 -10.26 39.24 -5.19
C GLY A 41 -10.62 37.90 -5.87
N GLY A 42 -11.84 37.77 -6.39
CA GLY A 42 -12.26 36.56 -7.09
C GLY A 42 -12.07 35.28 -6.31
N ARG A 43 -11.30 34.37 -6.92
CA ARG A 43 -11.02 33.06 -6.33
C ARG A 43 -10.12 33.02 -5.06
N MET A 44 -9.66 34.21 -4.67
CA MET A 44 -8.87 34.41 -3.44
C MET A 44 -9.94 35.07 -2.56
N HIS A 45 -10.54 34.27 -1.68
CA HIS A 45 -11.65 34.82 -0.93
C HIS A 45 -11.95 34.14 0.39
N LYS A 46 -11.94 34.94 1.46
CA LYS A 46 -12.20 34.36 2.77
C LYS A 46 -13.62 34.48 3.21
N THR A 47 -13.92 33.79 4.31
CA THR A 47 -15.27 33.87 4.86
C THR A 47 -15.22 33.55 6.36
N ASN A 48 -16.25 33.98 7.07
CA ASN A 48 -16.23 33.71 8.50
C ASN A 48 -16.88 32.37 8.71
N PHE A 49 -16.23 31.45 9.40
CA PHE A 49 -16.89 30.17 9.62
C PHE A 49 -16.62 29.90 11.08
N ALA A 50 -17.66 29.69 11.87
CA ALA A 50 -17.39 29.38 13.27
C ALA A 50 -16.56 30.44 13.97
N GLY A 51 -16.90 31.72 13.75
CA GLY A 51 -16.08 32.71 14.41
C GLY A 51 -14.67 32.94 13.84
N ILE A 52 -14.29 32.28 12.75
CA ILE A 52 -12.98 32.61 12.20
C ILE A 52 -13.11 32.68 10.70
N ASN A 53 -12.15 33.38 10.15
CA ASN A 53 -12.18 33.56 8.71
C ASN A 53 -11.40 32.41 8.12
N VAL A 54 -11.98 31.75 7.12
CA VAL A 54 -11.22 30.68 6.47
C VAL A 54 -11.24 30.99 4.99
N GLU A 55 -10.32 30.38 4.26
CA GLU A 55 -10.27 30.61 2.81
C GLU A 55 -11.28 29.72 2.09
N LEU A 56 -12.16 30.28 1.30
CA LEU A 56 -13.08 29.46 0.51
C LEU A 56 -12.34 28.96 -0.77
N GLY A 57 -11.41 29.78 -1.24
CA GLY A 57 -10.64 29.56 -2.47
C GLY A 57 -9.20 29.24 -2.21
N ALA A 58 -8.31 29.92 -2.93
CA ALA A 58 -6.87 29.70 -2.79
C ALA A 58 -6.47 29.79 -1.31
N ASN A 59 -5.52 28.94 -0.91
CA ASN A 59 -5.11 28.95 0.50
C ASN A 59 -3.60 28.83 0.71
N TRP A 60 -2.89 28.42 -0.33
CA TRP A 60 -1.46 28.27 -0.20
C TRP A 60 -0.69 29.10 -1.21
N VAL A 61 0.53 29.43 -0.84
CA VAL A 61 1.41 30.05 -1.80
C VAL A 61 2.22 28.80 -2.10
N GLU A 62 2.18 28.37 -3.35
CA GLU A 62 2.90 27.15 -3.67
C GLU A 62 4.10 27.40 -4.55
N GLY A 63 5.18 26.72 -4.23
CA GLY A 63 6.45 26.82 -4.97
C GLY A 63 7.25 27.89 -4.23
N VAL A 64 7.96 27.46 -3.19
CA VAL A 64 8.72 28.41 -2.37
C VAL A 64 10.00 27.70 -1.96
N ASN A 65 11.04 28.51 -1.81
CA ASN A 65 12.38 28.05 -1.42
C ASN A 65 13.22 27.49 -2.53
N GLY A 66 12.85 27.76 -3.78
CA GLY A 66 13.63 27.24 -4.90
C GLY A 66 14.59 28.26 -5.55
N GLY A 67 15.08 27.89 -6.72
CA GLY A 67 15.98 28.72 -7.50
C GLY A 67 15.38 30.05 -7.95
N LYS A 68 14.07 30.17 -8.07
CA LYS A 68 13.57 31.45 -8.51
C LYS A 68 12.61 31.81 -7.43
N MET A 69 12.42 33.11 -7.31
CA MET A 69 11.48 33.61 -6.34
C MET A 69 10.05 33.69 -6.88
N ASN A 70 9.12 33.03 -6.21
CA ASN A 70 7.74 33.16 -6.63
C ASN A 70 7.32 34.60 -6.26
N PRO A 71 6.86 35.35 -7.25
CA PRO A 71 6.46 36.74 -7.06
C PRO A 71 5.42 36.94 -6.00
N ILE A 72 4.64 35.93 -5.73
CA ILE A 72 3.65 36.20 -4.69
C ILE A 72 4.23 36.16 -3.27
N TRP A 73 5.26 35.34 -3.13
CA TRP A 73 5.84 35.07 -1.81
C TRP A 73 6.31 36.25 -0.95
N PRO A 74 7.15 37.06 -1.58
CA PRO A 74 7.68 38.25 -0.92
C PRO A 74 6.50 39.12 -0.53
N ILE A 75 5.48 39.22 -1.36
CA ILE A 75 4.36 40.06 -0.94
C ILE A 75 3.69 39.49 0.30
N VAL A 76 3.54 38.18 0.31
CA VAL A 76 2.86 37.59 1.46
C VAL A 76 3.71 37.59 2.71
N ASN A 77 4.91 37.05 2.55
CA ASN A 77 5.76 36.85 3.68
C ASN A 77 6.43 38.10 4.23
N SER A 78 6.77 39.04 3.35
CA SER A 78 7.46 40.26 3.74
C SER A 78 6.66 41.55 3.72
N THR A 79 6.08 41.89 2.58
CA THR A 79 5.30 43.10 2.54
C THR A 79 4.15 43.07 3.53
N LEU A 80 3.25 42.12 3.40
CA LEU A 80 2.09 42.11 4.28
C LEU A 80 2.32 41.31 5.53
N LYS A 81 3.33 40.47 5.44
CA LYS A 81 3.54 39.55 6.55
C LYS A 81 2.23 38.85 6.89
N LEU A 82 1.66 38.12 5.94
CA LEU A 82 0.42 37.46 6.29
C LEU A 82 0.88 36.25 7.08
N ARG A 83 0.12 35.92 8.10
CA ARG A 83 0.46 34.79 8.96
C ARG A 83 0.38 33.50 8.13
N ASN A 84 1.44 32.68 8.16
CA ASN A 84 1.43 31.43 7.38
C ASN A 84 2.34 30.34 7.93
N PHE A 85 2.14 29.11 7.46
CA PHE A 85 2.89 27.96 7.94
C PHE A 85 3.24 27.01 6.80
N ARG A 86 4.48 26.50 6.80
CA ARG A 86 4.97 25.57 5.78
C ARG A 86 4.28 24.22 5.96
N SER A 87 3.73 23.63 4.90
CA SER A 87 3.06 22.36 5.05
C SER A 87 4.06 21.21 4.99
N ASP A 88 3.97 20.27 5.93
CA ASP A 88 4.84 19.09 5.94
C ASP A 88 4.04 17.79 5.72
N PHE A 89 4.35 17.13 4.60
CA PHE A 89 3.64 15.93 4.21
C PHE A 89 4.43 14.69 4.56
N ASP A 90 5.50 14.92 5.29
CA ASP A 90 6.34 13.79 5.61
C ASP A 90 5.79 12.65 6.42
N TYR A 91 4.72 12.87 7.16
CA TYR A 91 4.17 11.80 7.99
C TYR A 91 2.91 11.14 7.47
N LEU A 92 2.59 11.30 6.19
CA LEU A 92 1.34 10.70 5.75
C LEU A 92 1.18 9.24 6.05
N ALA A 93 2.29 8.52 5.89
CA ALA A 93 2.29 7.08 6.10
C ALA A 93 1.75 6.66 7.45
N GLN A 94 1.76 7.55 8.44
CA GLN A 94 1.20 7.15 9.73
C GLN A 94 -0.23 7.55 9.80
N ASN A 95 -0.77 8.17 8.75
CA ASN A 95 -2.09 8.74 8.87
C ASN A 95 -3.09 8.35 7.80
N VAL A 96 -3.06 7.09 7.40
CA VAL A 96 -4.02 6.65 6.40
C VAL A 96 -5.02 5.70 7.05
N TYR A 97 -6.27 6.11 7.11
CA TYR A 97 -7.32 5.33 7.76
C TYR A 97 -7.94 4.26 6.89
N LYS A 98 -8.14 3.09 7.46
CA LYS A 98 -8.79 1.99 6.76
C LYS A 98 -10.29 2.32 6.64
N GLU A 99 -10.98 1.79 5.64
CA GLU A 99 -12.38 2.13 5.40
C GLU A 99 -13.19 1.86 6.64
N ASP A 100 -12.83 0.75 7.26
CA ASP A 100 -13.51 0.30 8.47
C ASP A 100 -13.14 0.79 9.85
N GLY A 101 -11.86 1.08 10.03
CA GLY A 101 -11.49 1.60 11.32
C GLY A 101 -10.01 1.53 11.59
N GLY A 102 -9.45 2.66 12.00
CA GLY A 102 -8.04 2.63 12.32
C GLY A 102 -7.16 2.82 11.11
N VAL A 103 -5.91 3.10 11.43
CA VAL A 103 -4.96 3.32 10.38
C VAL A 103 -4.28 2.05 9.96
N TYR A 104 -3.80 2.10 8.73
CA TYR A 104 -3.00 1.04 8.18
C TYR A 104 -1.59 1.06 8.77
N ASP A 105 -0.93 -0.10 8.68
CA ASP A 105 0.47 -0.25 9.09
C ASP A 105 1.36 0.80 8.38
N GLU A 106 2.04 1.63 9.16
CA GLU A 106 2.82 2.72 8.60
C GLU A 106 3.87 2.27 7.58
N ASP A 107 4.49 1.14 7.90
CA ASP A 107 5.51 0.70 6.98
C ASP A 107 4.94 0.23 5.65
N TYR A 108 3.80 -0.46 5.68
CA TYR A 108 3.16 -0.90 4.45
C TYR A 108 2.82 0.38 3.66
N VAL A 109 2.22 1.37 4.31
CA VAL A 109 1.91 2.61 3.60
C VAL A 109 3.09 3.38 3.04
N GLN A 110 4.19 3.43 3.77
CA GLN A 110 5.35 4.17 3.29
C GLN A 110 5.86 3.52 2.02
N LYS A 111 5.82 2.20 1.99
CA LYS A 111 6.27 1.58 0.74
C LYS A 111 5.36 1.86 -0.45
N ARG A 112 4.04 1.93 -0.24
CA ARG A 112 3.13 2.21 -1.37
C ARG A 112 3.39 3.62 -1.89
N ILE A 113 3.62 4.52 -0.95
CA ILE A 113 3.93 5.91 -1.30
C ILE A 113 5.22 5.99 -2.07
N GLU A 114 6.20 5.24 -1.59
CA GLU A 114 7.45 5.29 -2.32
C GLU A 114 7.32 4.79 -3.74
N LEU A 115 6.57 3.70 -3.84
CA LEU A 115 6.36 3.10 -5.13
C LEU A 115 5.69 4.16 -6.00
N ALA A 116 4.64 4.79 -5.48
CA ALA A 116 3.96 5.74 -6.33
C ALA A 116 4.91 6.88 -6.70
N ASP A 117 5.79 7.26 -5.79
CA ASP A 117 6.70 8.34 -6.12
C ASP A 117 7.68 7.95 -7.16
N SER A 118 8.12 6.72 -7.07
CA SER A 118 9.10 6.34 -8.05
C SER A 118 8.50 6.30 -9.46
N VAL A 119 7.25 5.86 -9.54
CA VAL A 119 6.60 5.80 -10.85
C VAL A 119 6.49 7.21 -11.43
N GLU A 120 6.10 8.14 -10.56
CA GLU A 120 5.98 9.52 -11.00
C GLU A 120 7.33 10.02 -11.49
N GLU A 121 8.42 9.63 -10.81
CA GLU A 121 9.72 10.11 -11.26
C GLU A 121 10.12 9.53 -12.62
N MET A 122 9.78 8.27 -12.83
CA MET A 122 10.06 7.72 -14.14
C MET A 122 9.20 8.51 -15.15
N GLY A 123 8.01 8.93 -14.71
CA GLY A 123 7.14 9.69 -15.59
C GLY A 123 7.83 10.99 -16.01
N GLU A 124 8.50 11.60 -15.04
CA GLU A 124 9.21 12.84 -15.32
C GLU A 124 10.32 12.62 -16.33
N LYS A 125 10.98 11.49 -16.22
CA LYS A 125 12.03 11.27 -17.20
C LYS A 125 11.39 11.10 -18.56
N LEU A 126 10.26 10.40 -18.61
CA LEU A 126 9.65 10.15 -19.90
C LEU A 126 9.15 11.42 -20.55
N SER A 127 8.53 12.21 -19.70
CA SER A 127 7.92 13.44 -20.18
C SER A 127 8.98 14.28 -20.87
N ALA A 128 10.15 14.30 -20.26
CA ALA A 128 11.23 15.10 -20.81
C ALA A 128 11.59 14.68 -22.24
N THR A 129 11.32 13.43 -22.58
CA THR A 129 11.68 13.03 -23.91
C THR A 129 10.58 13.21 -24.96
N LEU A 130 9.41 13.74 -24.61
CA LEU A 130 8.35 13.82 -25.62
C LEU A 130 8.52 15.03 -26.52
N HIS A 131 7.91 14.99 -27.71
CA HIS A 131 8.02 16.15 -28.59
C HIS A 131 7.17 17.32 -28.22
N ALA A 132 7.75 18.48 -28.45
CA ALA A 132 7.06 19.74 -28.20
C ALA A 132 5.70 19.83 -28.90
N SER A 133 5.58 19.20 -30.05
CA SER A 133 4.32 19.25 -30.77
C SER A 133 3.23 18.61 -29.92
N GLY A 134 3.63 17.78 -28.96
CA GLY A 134 2.68 17.10 -28.08
C GLY A 134 2.23 15.82 -28.75
N ARG A 135 2.74 15.54 -29.94
CA ARG A 135 2.27 14.33 -30.60
C ARG A 135 2.45 12.97 -29.88
N ASP A 136 3.30 12.92 -28.88
CA ASP A 136 3.48 11.67 -28.15
C ASP A 136 2.86 11.77 -26.75
N ASP A 137 2.24 12.90 -26.40
CA ASP A 137 1.71 13.02 -25.05
C ASP A 137 0.80 11.82 -24.71
N MET A 138 0.53 11.61 -23.43
CA MET A 138 -0.36 10.55 -22.96
C MET A 138 -0.89 10.97 -21.58
N SER A 139 -1.94 10.31 -21.09
CA SER A 139 -2.43 10.71 -19.77
C SER A 139 -1.44 10.26 -18.69
N ILE A 140 -1.57 10.79 -17.49
CA ILE A 140 -0.65 10.30 -16.47
C ILE A 140 -0.92 8.81 -16.19
N LEU A 141 -2.19 8.44 -16.30
CA LEU A 141 -2.56 7.03 -16.05
C LEU A 141 -1.83 6.15 -17.05
N ALA A 142 -1.81 6.62 -18.30
CA ALA A 142 -1.14 5.78 -19.29
C ALA A 142 0.31 5.60 -18.90
N MET A 143 0.93 6.66 -18.36
CA MET A 143 2.33 6.58 -18.00
C MET A 143 2.45 5.59 -16.84
N GLN A 144 1.50 5.67 -15.92
CA GLN A 144 1.57 4.72 -14.82
C GLN A 144 1.48 3.29 -15.35
N ARG A 145 0.58 2.98 -16.31
CA ARG A 145 0.51 1.57 -16.77
C ARG A 145 1.83 1.11 -17.37
N LEU A 146 2.40 2.01 -18.14
CA LEU A 146 3.63 1.75 -18.85
C LEU A 146 4.74 1.51 -17.86
N ASN A 147 4.79 2.29 -16.80
CA ASN A 147 5.89 2.13 -15.87
C ASN A 147 5.72 0.97 -14.94
N GLU A 148 4.51 0.54 -14.72
CA GLU A 148 4.41 -0.55 -13.79
C GLU A 148 4.11 -1.80 -14.55
N HIS A 149 3.91 -1.71 -15.86
CA HIS A 149 3.50 -2.91 -16.59
C HIS A 149 2.21 -3.55 -16.16
N GLN A 150 1.12 -2.78 -16.13
CA GLN A 150 -0.16 -3.36 -15.74
C GLN A 150 -1.21 -2.77 -16.67
N PRO A 151 -2.37 -3.42 -16.73
CA PRO A 151 -3.51 -2.98 -17.52
C PRO A 151 -4.30 -1.95 -16.72
N ASN A 152 -3.79 -1.53 -15.56
CA ASN A 152 -4.54 -0.54 -14.78
C ASN A 152 -3.58 0.25 -13.91
N GLY A 153 -3.98 1.39 -13.38
CA GLY A 153 -3.13 2.16 -12.44
C GLY A 153 -3.49 1.70 -11.01
N PRO A 154 -3.19 2.52 -10.02
CA PRO A 154 -3.52 2.24 -8.62
C PRO A 154 -5.00 1.83 -8.54
N ALA A 155 -5.30 0.72 -7.84
CA ALA A 155 -6.65 0.14 -7.79
C ALA A 155 -7.13 -0.39 -6.45
N THR A 156 -6.25 -0.56 -5.48
CA THR A 156 -6.72 -0.93 -4.14
C THR A 156 -7.05 0.42 -3.45
N PRO A 157 -7.84 0.39 -2.38
CA PRO A 157 -8.25 1.61 -1.70
C PRO A 157 -7.09 2.44 -1.20
N VAL A 158 -6.07 1.77 -0.69
CA VAL A 158 -4.91 2.49 -0.20
C VAL A 158 -4.12 3.04 -1.38
N ASP A 159 -3.89 2.22 -2.38
CA ASP A 159 -3.18 2.76 -3.53
C ASP A 159 -3.92 3.92 -4.19
N MET A 160 -5.24 3.76 -4.25
CA MET A 160 -6.01 4.83 -4.86
C MET A 160 -6.02 6.16 -4.09
N VAL A 161 -6.07 6.07 -2.76
CA VAL A 161 -6.10 7.33 -1.99
C VAL A 161 -4.73 8.01 -2.05
N VAL A 162 -3.67 7.23 -2.15
CA VAL A 162 -2.36 7.83 -2.29
C VAL A 162 -2.27 8.51 -3.65
N ASP A 163 -2.80 7.82 -4.65
CA ASP A 163 -2.83 8.35 -6.04
C ASP A 163 -3.64 9.67 -6.02
N TYR A 164 -4.77 9.68 -5.31
CA TYR A 164 -5.58 10.89 -5.24
C TYR A 164 -4.85 12.05 -4.56
N TYR A 165 -4.17 11.71 -3.48
CA TYR A 165 -3.52 12.75 -2.72
C TYR A 165 -2.40 13.27 -3.61
N LYS A 166 -1.76 12.37 -4.33
CA LYS A 166 -0.67 12.82 -5.20
C LYS A 166 -1.07 13.65 -6.43
N PHE A 167 -2.24 13.41 -6.99
CA PHE A 167 -2.57 14.09 -8.22
C PHE A 167 -3.88 14.88 -8.15
N ASP A 168 -4.98 14.21 -7.86
CA ASP A 168 -6.25 14.93 -7.78
C ASP A 168 -6.23 16.08 -6.77
N TYR A 169 -5.58 15.91 -5.63
CA TYR A 169 -5.52 16.92 -4.56
C TYR A 169 -4.80 18.16 -5.06
N GLU A 170 -4.06 17.99 -6.14
CA GLU A 170 -3.39 19.15 -6.69
C GLU A 170 -4.15 19.66 -7.91
N PHE A 171 -4.50 18.75 -8.81
CA PHE A 171 -5.14 19.12 -10.09
C PHE A 171 -6.62 19.10 -10.16
N ALA A 172 -7.25 18.44 -9.20
CA ALA A 172 -8.69 18.37 -9.15
C ALA A 172 -9.37 17.53 -10.22
N GLU A 173 -8.61 16.72 -10.95
CA GLU A 173 -9.20 15.78 -11.89
C GLU A 173 -8.25 14.59 -11.77
N PRO A 174 -8.72 13.40 -12.17
CA PRO A 174 -7.90 12.19 -12.10
C PRO A 174 -6.73 12.15 -13.10
N PRO A 175 -5.71 11.37 -12.79
CA PRO A 175 -4.57 11.23 -13.70
C PRO A 175 -5.00 10.78 -15.10
N ARG A 176 -6.02 9.94 -15.22
CA ARG A 176 -6.39 9.48 -16.55
C ARG A 176 -6.89 10.53 -17.53
N VAL A 177 -7.23 11.70 -17.03
CA VAL A 177 -7.71 12.77 -17.88
C VAL A 177 -6.60 13.79 -18.10
N THR A 178 -5.57 13.70 -17.26
CA THR A 178 -4.54 14.72 -17.22
C THR A 178 -3.35 14.52 -18.13
N SER A 179 -2.94 15.59 -18.81
CA SER A 179 -1.80 15.53 -19.75
C SER A 179 -0.51 15.27 -18.96
N LEU A 180 0.19 14.22 -19.35
CA LEU A 180 1.45 13.97 -18.65
C LEU A 180 2.47 15.08 -18.98
N GLN A 181 2.61 15.31 -20.27
CA GLN A 181 3.60 16.26 -20.76
C GLN A 181 3.42 17.60 -20.11
N ASN A 182 2.19 17.99 -19.86
CA ASN A 182 2.01 19.32 -19.32
C ASN A 182 1.80 19.46 -17.83
N THR A 183 2.09 18.41 -17.07
CA THR A 183 1.88 18.49 -15.62
C THR A 183 3.01 17.78 -14.87
N VAL A 184 3.71 16.90 -15.56
CA VAL A 184 4.76 16.20 -14.85
C VAL A 184 6.08 16.32 -15.57
N PRO A 185 7.03 17.08 -15.03
CA PRO A 185 6.95 17.86 -13.79
C PRO A 185 6.30 19.25 -13.95
N LEU A 186 5.89 19.86 -12.84
CA LEU A 186 5.26 21.16 -12.84
C LEU A 186 6.29 22.23 -12.63
N ALA A 187 6.24 23.22 -13.50
CA ALA A 187 7.18 24.33 -13.47
C ALA A 187 7.16 25.06 -12.16
N THR A 188 5.96 25.23 -11.62
CA THR A 188 5.78 25.92 -10.35
C THR A 188 6.82 25.39 -9.38
N PHE A 189 6.83 24.08 -9.19
CA PHE A 189 7.82 23.57 -8.25
C PHE A 189 9.21 23.56 -8.83
N SER A 190 9.29 23.21 -10.10
CA SER A 190 10.61 23.23 -10.70
C SER A 190 11.34 24.55 -10.62
N ASP A 191 10.66 25.66 -10.86
CA ASP A 191 11.32 26.98 -10.80
C ASP A 191 11.33 27.62 -9.42
N PHE A 192 10.21 27.56 -8.72
CA PHE A 192 10.12 28.26 -7.47
C PHE A 192 10.45 27.56 -6.19
N GLY A 193 10.63 26.24 -6.28
CA GLY A 193 10.90 25.43 -5.09
C GLY A 193 9.73 24.50 -4.66
N ASP A 194 10.08 23.48 -3.88
CA ASP A 194 9.17 22.43 -3.43
C ASP A 194 8.22 22.68 -2.28
N ASP A 195 8.40 23.76 -1.56
CA ASP A 195 7.58 24.00 -0.39
C ASP A 195 6.33 24.75 -0.73
N VAL A 196 5.38 24.70 0.19
CA VAL A 196 4.07 25.34 0.08
C VAL A 196 3.77 25.82 1.51
N TYR A 197 3.20 27.02 1.60
CA TYR A 197 2.94 27.66 2.89
C TYR A 197 1.47 27.99 2.94
N PHE A 198 0.81 27.45 3.94
CA PHE A 198 -0.60 27.65 4.12
C PHE A 198 -0.80 29.02 4.77
N VAL A 199 -1.57 29.88 4.13
CA VAL A 199 -1.83 31.24 4.63
C VAL A 199 -2.99 31.13 5.58
N ALA A 200 -2.76 31.63 6.79
CA ALA A 200 -3.80 31.57 7.80
C ALA A 200 -3.77 32.91 8.55
N ASP A 201 -4.34 33.93 7.93
CA ASP A 201 -4.35 35.27 8.51
C ASP A 201 -5.75 35.85 8.39
N GLN A 202 -6.19 36.54 9.43
CA GLN A 202 -7.55 37.08 9.37
C GLN A 202 -7.78 38.09 8.27
N ARG A 203 -6.71 38.70 7.79
CA ARG A 203 -6.84 39.66 6.70
C ARG A 203 -7.20 38.92 5.39
N GLY A 204 -6.90 37.63 5.33
CA GLY A 204 -7.17 36.79 4.15
C GLY A 204 -6.06 36.84 3.07
N TYR A 205 -5.89 35.74 2.34
CA TYR A 205 -4.91 35.65 1.25
C TYR A 205 -5.27 36.78 0.25
N GLU A 206 -6.56 37.12 0.14
CA GLU A 206 -7.00 38.18 -0.78
C GLU A 206 -6.33 39.52 -0.55
N ALA A 207 -5.77 39.65 0.65
CA ALA A 207 -5.12 40.91 1.00
C ALA A 207 -4.04 41.19 -0.03
N VAL A 208 -3.56 40.14 -0.66
CA VAL A 208 -2.52 40.34 -1.67
C VAL A 208 -3.12 41.14 -2.83
N VAL A 209 -4.38 40.85 -3.16
CA VAL A 209 -5.02 41.56 -4.27
C VAL A 209 -5.25 43.02 -3.91
N TYR A 210 -5.76 43.24 -2.70
CA TYR A 210 -6.01 44.60 -2.19
C TYR A 210 -4.70 45.37 -2.21
N TYR A 211 -3.62 44.73 -1.83
CA TYR A 211 -2.39 45.49 -1.84
C TYR A 211 -2.03 45.94 -3.23
N LEU A 212 -2.11 45.03 -4.19
CA LEU A 212 -1.79 45.44 -5.55
C LEU A 212 -2.72 46.55 -6.03
N ALA A 213 -4.01 46.35 -5.81
CA ALA A 213 -4.97 47.31 -6.31
C ALA A 213 -4.68 48.73 -5.79
N GLY A 214 -4.34 48.77 -4.51
CA GLY A 214 -4.07 50.04 -3.85
C GLY A 214 -2.84 50.76 -4.40
N GLN A 215 -1.97 50.05 -5.09
CA GLN A 215 -0.82 50.74 -5.59
C GLN A 215 -1.21 51.63 -6.75
N TYR A 216 -2.45 51.59 -7.25
CA TYR A 216 -2.78 52.42 -8.40
C TYR A 216 -4.23 52.90 -8.44
N LEU A 217 -5.07 52.41 -7.56
CA LEU A 217 -6.41 52.94 -7.61
C LEU A 217 -6.51 53.86 -6.38
N LYS A 218 -7.43 54.81 -6.32
CA LYS A 218 -7.52 55.63 -5.11
C LYS A 218 -8.27 54.95 -3.96
N THR A 219 -7.74 55.14 -2.76
CA THR A 219 -8.35 54.62 -1.52
C THR A 219 -8.51 55.72 -0.45
N ASP A 220 -9.55 55.58 0.36
CA ASP A 220 -9.84 56.54 1.41
C ASP A 220 -8.68 56.61 2.39
N ASP A 221 -8.26 57.81 2.76
CA ASP A 221 -7.14 57.91 3.70
C ASP A 221 -7.50 57.47 5.12
N LYS A 222 -8.79 57.53 5.43
CA LYS A 222 -9.24 57.08 6.74
C LYS A 222 -9.51 55.58 6.57
N SER A 223 -10.48 55.27 5.71
CA SER A 223 -10.92 53.91 5.36
C SER A 223 -9.82 52.99 4.88
N GLY A 224 -9.15 53.40 3.80
CA GLY A 224 -8.19 52.53 3.15
C GLY A 224 -9.04 51.84 2.05
N LYS A 225 -10.36 51.96 2.09
CA LYS A 225 -11.24 51.40 1.09
C LYS A 225 -10.90 52.05 -0.25
N ILE A 226 -11.06 51.26 -1.30
CA ILE A 226 -10.77 51.77 -2.63
C ILE A 226 -11.99 52.62 -2.93
N VAL A 227 -11.73 53.81 -3.49
CA VAL A 227 -12.81 54.71 -3.81
C VAL A 227 -12.72 55.26 -5.22
N ASP A 228 -11.76 54.72 -5.96
CA ASP A 228 -11.57 55.09 -7.36
C ASP A 228 -12.75 54.64 -8.22
N PRO A 229 -13.33 55.60 -8.95
CA PRO A 229 -14.47 55.35 -9.81
C PRO A 229 -14.11 54.49 -11.01
N ARG A 230 -12.81 54.24 -11.19
CA ARG A 230 -12.33 53.36 -12.25
C ARG A 230 -12.68 51.91 -11.91
N LEU A 231 -13.07 51.68 -10.66
CA LEU A 231 -13.50 50.37 -10.21
C LEU A 231 -14.97 50.39 -9.94
N GLN A 232 -15.73 49.52 -10.61
CA GLN A 232 -17.18 49.47 -10.41
C GLN A 232 -17.58 48.04 -10.10
N LEU A 233 -18.10 47.83 -8.91
CA LEU A 233 -18.53 46.52 -8.49
C LEU A 233 -19.98 46.31 -8.89
N ASN A 234 -20.42 45.07 -8.72
CA ASN A 234 -21.78 44.74 -9.07
C ASN A 234 -22.12 45.01 -10.51
N LYS A 235 -21.09 44.94 -11.33
CA LYS A 235 -21.23 45.11 -12.77
C LYS A 235 -21.06 43.73 -13.46
N VAL A 236 -22.17 43.08 -13.80
CA VAL A 236 -22.10 41.78 -14.46
C VAL A 236 -22.07 41.98 -15.96
N VAL A 237 -20.92 41.78 -16.59
CA VAL A 237 -20.88 41.95 -18.03
C VAL A 237 -21.69 40.87 -18.74
N ARG A 238 -22.56 41.21 -19.68
CA ARG A 238 -23.32 40.13 -20.31
C ARG A 238 -23.12 40.15 -21.82
N GLU A 239 -22.54 41.23 -22.33
CA GLU A 239 -22.32 41.31 -23.77
C GLU A 239 -21.14 42.16 -24.09
N ILE A 240 -20.33 41.67 -25.02
CA ILE A 240 -19.17 42.40 -25.49
C ILE A 240 -19.21 42.48 -27.02
N LYS A 241 -19.41 43.70 -27.59
CA LYS A 241 -19.50 43.89 -29.04
C LYS A 241 -18.19 44.50 -29.41
N TYR A 242 -17.64 44.03 -30.49
CA TYR A 242 -16.32 44.59 -30.88
C TYR A 242 -16.30 44.78 -32.38
N SER A 243 -15.38 45.63 -32.84
CA SER A 243 -15.25 45.88 -34.27
C SER A 243 -13.78 46.26 -34.42
N PRO A 244 -13.34 46.48 -35.66
CA PRO A 244 -11.95 46.84 -35.83
C PRO A 244 -11.64 48.17 -35.19
N GLY A 245 -12.63 49.00 -34.90
CA GLY A 245 -12.29 50.27 -34.29
C GLY A 245 -12.41 50.33 -32.78
N GLY A 246 -13.14 49.42 -32.17
CA GLY A 246 -13.28 49.49 -30.70
C GLY A 246 -14.27 48.47 -30.13
N VAL A 247 -14.72 48.68 -28.90
CA VAL A 247 -15.65 47.77 -28.24
C VAL A 247 -16.73 48.52 -27.45
N THR A 248 -17.80 47.79 -27.18
CA THR A 248 -18.91 48.26 -26.38
C THR A 248 -19.20 47.06 -25.49
N VAL A 249 -19.43 47.39 -24.22
CA VAL A 249 -19.68 46.39 -23.21
C VAL A 249 -20.96 46.71 -22.46
N LYS A 250 -21.82 45.71 -22.35
CA LYS A 250 -23.07 45.87 -21.64
C LYS A 250 -23.16 45.01 -20.37
N THR A 251 -23.67 45.64 -19.33
CA THR A 251 -23.86 44.98 -18.04
C THR A 251 -25.29 44.64 -17.77
N GLU A 252 -25.45 43.69 -16.85
CA GLU A 252 -26.72 43.15 -16.48
C GLU A 252 -27.61 44.22 -15.89
N ASP A 253 -27.03 45.24 -15.27
CA ASP A 253 -27.89 46.30 -14.71
C ASP A 253 -28.23 47.31 -15.81
N ASN A 254 -28.00 46.94 -17.06
CA ASN A 254 -28.28 47.87 -18.13
C ASN A 254 -27.35 48.99 -18.53
N SER A 255 -26.21 49.12 -17.87
CA SER A 255 -25.27 50.15 -18.28
C SER A 255 -24.59 49.71 -19.56
N VAL A 256 -24.09 50.68 -20.32
CA VAL A 256 -23.35 50.38 -21.53
C VAL A 256 -22.10 51.20 -21.53
N TYR A 257 -20.97 50.60 -21.88
CA TYR A 257 -19.71 51.30 -21.87
C TYR A 257 -18.98 51.11 -23.18
N SER A 258 -18.13 52.07 -23.50
CA SER A 258 -17.38 52.01 -24.74
C SER A 258 -15.94 52.20 -24.36
N ALA A 259 -15.06 51.60 -25.16
CA ALA A 259 -13.60 51.69 -24.94
C ALA A 259 -12.86 51.31 -26.21
N ASP A 260 -11.53 51.42 -26.16
CA ASP A 260 -10.71 51.04 -27.31
C ASP A 260 -10.43 49.55 -27.36
N TYR A 261 -10.40 48.98 -26.17
CA TYR A 261 -10.11 47.56 -25.97
C TYR A 261 -10.80 46.99 -24.75
N VAL A 262 -10.88 45.65 -24.76
CA VAL A 262 -11.43 45.03 -23.57
C VAL A 262 -10.51 43.89 -23.22
N MET A 263 -10.28 43.75 -21.91
CA MET A 263 -9.38 42.72 -21.38
C MET A 263 -10.25 41.82 -20.54
N VAL A 264 -10.47 40.61 -21.01
CA VAL A 264 -11.37 39.72 -20.32
C VAL A 264 -10.68 38.81 -19.33
N SER A 265 -10.96 38.98 -18.04
CA SER A 265 -10.31 38.11 -17.05
C SER A 265 -11.19 37.04 -16.38
N ALA A 266 -12.46 36.92 -16.75
CA ALA A 266 -13.35 35.90 -16.17
C ALA A 266 -12.71 34.49 -16.33
N SER A 267 -13.07 33.53 -15.46
CA SER A 267 -12.48 32.17 -15.57
C SER A 267 -12.85 31.43 -16.86
N LEU A 268 -12.03 30.41 -17.14
CA LEU A 268 -12.29 29.57 -18.29
C LEU A 268 -13.72 29.03 -18.15
N GLY A 269 -14.10 28.62 -16.94
CA GLY A 269 -15.46 28.10 -16.81
C GLY A 269 -16.51 29.14 -17.21
N VAL A 270 -16.27 30.40 -16.86
CA VAL A 270 -17.23 31.42 -17.24
C VAL A 270 -17.25 31.52 -18.77
N LEU A 271 -16.05 31.48 -19.35
CA LEU A 271 -16.01 31.50 -20.80
C LEU A 271 -16.69 30.30 -21.44
N GLN A 272 -16.72 29.15 -20.79
CA GLN A 272 -17.37 27.99 -21.40
C GLN A 272 -18.89 27.98 -21.20
N SER A 273 -19.39 28.94 -20.43
CA SER A 273 -20.84 29.06 -20.21
C SER A 273 -21.36 30.16 -21.17
N ASP A 274 -22.63 30.44 -21.13
CA ASP A 274 -22.94 31.53 -22.04
C ASP A 274 -23.14 32.88 -21.36
N LEU A 275 -22.54 33.04 -20.18
CA LEU A 275 -22.77 34.27 -19.43
C LEU A 275 -22.45 35.50 -20.29
N ILE A 276 -21.33 35.47 -21.01
CA ILE A 276 -21.04 36.64 -21.81
C ILE A 276 -21.26 36.35 -23.28
N GLN A 277 -22.07 37.14 -23.94
CA GLN A 277 -22.28 36.96 -25.36
C GLN A 277 -21.31 37.85 -26.14
N PHE A 278 -20.58 37.25 -27.08
CA PHE A 278 -19.66 38.04 -27.92
C PHE A 278 -20.39 38.33 -29.22
N LYS A 279 -20.20 39.52 -29.76
CA LYS A 279 -20.87 39.91 -30.99
C LYS A 279 -19.89 40.76 -31.79
N PRO A 280 -19.40 40.23 -32.92
CA PRO A 280 -19.79 38.90 -33.38
C PRO A 280 -19.29 37.71 -32.56
N LYS A 281 -19.81 36.53 -32.84
CA LYS A 281 -19.38 35.34 -32.12
C LYS A 281 -17.89 35.17 -32.27
N LEU A 282 -17.24 34.58 -31.28
CA LEU A 282 -15.80 34.35 -31.38
C LEU A 282 -15.54 33.32 -32.49
N PRO A 283 -14.38 33.41 -33.13
CA PRO A 283 -14.07 32.48 -34.20
C PRO A 283 -13.95 31.07 -33.69
N THR A 284 -14.22 30.15 -34.61
CA THR A 284 -14.22 28.71 -34.31
C THR A 284 -12.93 28.28 -33.67
N TRP A 285 -11.81 28.77 -34.18
CA TRP A 285 -10.56 28.38 -33.55
C TRP A 285 -10.53 28.74 -32.07
N LYS A 286 -11.11 29.89 -31.75
CA LYS A 286 -11.10 30.31 -30.37
C LYS A 286 -12.07 29.45 -29.53
N VAL A 287 -13.25 29.28 -30.07
CA VAL A 287 -14.27 28.53 -29.35
C VAL A 287 -13.82 27.11 -29.02
N ARG A 288 -13.15 26.51 -30.00
CA ARG A 288 -12.65 25.15 -29.81
C ARG A 288 -11.58 25.02 -28.78
N ALA A 289 -10.67 25.97 -28.77
CA ALA A 289 -9.64 25.95 -27.77
C ALA A 289 -10.33 26.16 -26.43
N ILE A 290 -11.32 27.04 -26.34
CA ILE A 290 -11.92 27.20 -25.02
C ILE A 290 -12.52 25.92 -24.47
N TYR A 291 -13.31 25.25 -25.29
CA TYR A 291 -14.02 24.06 -24.82
C TYR A 291 -13.17 22.81 -24.67
N GLN A 292 -11.97 22.82 -25.27
CA GLN A 292 -11.11 21.67 -25.09
C GLN A 292 -10.34 21.63 -23.78
N PHE A 293 -10.08 22.78 -23.16
CA PHE A 293 -9.32 22.80 -21.91
C PHE A 293 -10.33 22.52 -20.78
N ASP A 294 -9.88 22.12 -19.60
CA ASP A 294 -10.84 21.76 -18.54
C ASP A 294 -10.91 22.82 -17.43
N MET A 295 -12.09 23.08 -16.92
CA MET A 295 -12.21 23.98 -15.76
C MET A 295 -12.52 22.93 -14.64
N ALA A 296 -11.58 22.74 -13.72
CA ALA A 296 -11.80 21.74 -12.67
C ALA A 296 -12.53 22.38 -11.47
N VAL A 297 -12.92 21.56 -10.49
CA VAL A 297 -13.65 22.01 -9.29
C VAL A 297 -13.03 21.31 -8.08
N TYR A 298 -12.69 22.10 -7.05
CA TYR A 298 -12.07 21.62 -5.81
C TYR A 298 -12.87 22.22 -4.66
N THR A 299 -13.53 21.35 -3.91
CA THR A 299 -14.42 21.80 -2.85
C THR A 299 -13.89 21.62 -1.41
N LYS A 300 -13.69 22.73 -0.70
CA LYS A 300 -13.14 22.74 0.66
C LYS A 300 -14.29 22.77 1.65
N ILE A 301 -14.63 21.61 2.18
CA ILE A 301 -15.73 21.47 3.11
C ILE A 301 -15.22 21.58 4.53
N PHE A 302 -15.62 22.66 5.19
CA PHE A 302 -15.22 22.92 6.56
C PHE A 302 -16.24 22.40 7.56
N LEU A 303 -15.72 21.91 8.69
CA LEU A 303 -16.63 21.35 9.66
C LEU A 303 -16.23 21.78 11.05
N LYS A 304 -17.25 22.13 11.85
CA LYS A 304 -16.99 22.57 13.22
C LYS A 304 -17.57 21.60 14.23
N PHE A 305 -16.77 21.28 15.23
CA PHE A 305 -17.28 20.34 16.21
C PHE A 305 -17.21 20.88 17.64
N PRO A 306 -18.10 20.31 18.46
CA PRO A 306 -18.24 20.58 19.90
C PRO A 306 -16.98 20.18 20.65
N ARG A 307 -16.16 19.29 20.10
CA ARG A 307 -14.92 18.95 20.77
C ARG A 307 -14.17 18.09 19.81
N LYS A 308 -12.86 18.02 20.06
CA LYS A 308 -11.91 17.28 19.25
C LYS A 308 -12.00 15.80 19.50
N PHE A 309 -11.66 15.00 18.49
CA PHE A 309 -11.70 13.55 18.68
C PHE A 309 -10.67 12.95 17.74
N TRP A 310 -9.94 13.79 17.06
CA TRP A 310 -8.94 13.23 16.17
C TRP A 310 -7.63 13.56 16.81
N PRO A 311 -6.58 12.96 16.27
CA PRO A 311 -5.24 13.16 16.79
C PRO A 311 -4.64 14.50 16.48
N GLU A 312 -3.82 14.97 17.42
CA GLU A 312 -3.11 16.21 17.18
C GLU A 312 -1.68 15.92 17.60
N GLY A 313 -0.73 16.56 16.94
CA GLY A 313 0.68 16.31 17.25
C GLY A 313 1.53 16.30 16.00
N LYS A 314 2.80 15.93 16.18
CA LYS A 314 3.72 15.87 15.05
C LYS A 314 3.20 14.97 13.93
N GLY A 315 3.21 15.49 12.72
CA GLY A 315 2.76 14.69 11.59
C GLY A 315 1.26 14.48 11.55
N ARG A 316 0.49 15.06 12.47
CA ARG A 316 -0.97 14.89 12.47
C ARG A 316 -1.81 15.80 11.57
N GLU A 317 -1.21 16.85 11.00
CA GLU A 317 -1.97 17.82 10.20
C GLU A 317 -2.82 17.27 9.07
N PHE A 318 -2.18 16.39 8.29
CA PHE A 318 -2.81 15.75 7.13
C PHE A 318 -3.07 14.27 7.31
N PHE A 319 -4.27 13.86 6.92
CA PHE A 319 -4.60 12.43 7.03
C PHE A 319 -5.54 12.06 5.89
N LEU A 320 -5.48 10.79 5.49
CA LEU A 320 -6.29 10.26 4.40
C LEU A 320 -7.27 9.21 4.84
N TYR A 321 -8.37 9.08 4.11
CA TYR A 321 -9.34 8.04 4.38
C TYR A 321 -9.34 7.18 3.14
N ALA A 322 -8.93 5.92 3.29
CA ALA A 322 -8.90 5.01 2.14
C ALA A 322 -10.21 4.30 1.82
N SER A 323 -11.16 5.06 1.26
CA SER A 323 -12.45 4.47 0.84
C SER A 323 -12.30 3.52 -0.36
N SER A 324 -13.15 2.51 -0.43
CA SER A 324 -13.08 1.63 -1.57
C SER A 324 -13.70 2.39 -2.77
N ARG A 325 -14.34 3.53 -2.55
CA ARG A 325 -14.93 4.39 -3.60
C ARG A 325 -13.91 5.51 -3.79
N ARG A 326 -13.22 5.47 -4.92
CA ARG A 326 -12.15 6.42 -5.16
C ARG A 326 -12.60 7.83 -4.97
N GLY A 327 -11.82 8.64 -4.28
CA GLY A 327 -12.14 10.05 -4.05
C GLY A 327 -13.28 10.40 -3.07
N TYR A 328 -13.80 9.41 -2.36
CA TYR A 328 -14.89 9.70 -1.42
C TYR A 328 -14.34 10.25 -0.11
N TYR A 329 -14.56 11.53 0.16
CA TYR A 329 -14.09 12.26 1.38
C TYR A 329 -12.69 11.76 1.79
N GLY A 330 -11.72 11.83 0.88
CA GLY A 330 -10.42 11.21 1.15
C GLY A 330 -9.26 11.95 1.78
N VAL A 331 -9.24 13.27 1.61
CA VAL A 331 -8.16 14.12 2.09
C VAL A 331 -8.60 15.09 3.18
N TRP A 332 -8.02 14.86 4.35
CA TRP A 332 -8.32 15.60 5.57
C TRP A 332 -7.21 16.50 6.12
N GLN A 333 -7.61 17.59 6.76
CA GLN A 333 -6.62 18.47 7.38
C GLN A 333 -7.17 19.01 8.74
N GLU A 334 -6.32 19.13 9.75
CA GLU A 334 -6.71 19.64 11.07
C GLU A 334 -5.73 20.78 11.36
N PHE A 335 -6.27 21.79 12.00
CA PHE A 335 -5.57 23.05 12.20
C PHE A 335 -5.06 23.40 13.57
N GLU A 336 -4.47 22.41 14.20
CA GLU A 336 -3.93 22.70 15.52
C GLU A 336 -3.06 23.97 15.48
N LYS A 337 -2.24 24.12 14.44
CA LYS A 337 -1.42 25.31 14.34
C LYS A 337 -2.20 26.52 13.89
N GLN A 338 -2.93 26.39 12.81
CA GLN A 338 -3.61 27.55 12.26
C GLN A 338 -4.71 28.17 13.06
N TYR A 339 -5.57 27.34 13.57
CA TYR A 339 -6.74 27.85 14.29
C TYR A 339 -6.79 27.06 15.60
N PRO A 340 -5.76 27.31 16.40
CA PRO A 340 -5.50 26.59 17.65
C PRO A 340 -6.68 26.21 18.48
N ASP A 341 -7.60 27.13 18.73
CA ASP A 341 -8.65 26.56 19.58
C ASP A 341 -9.93 25.92 19.04
N ALA A 342 -10.07 26.12 17.73
CA ALA A 342 -11.20 25.76 16.91
C ALA A 342 -12.03 24.49 16.77
N ASN A 343 -11.44 23.29 16.82
CA ASN A 343 -12.30 22.11 16.68
C ASN A 343 -12.87 22.05 15.27
N VAL A 344 -12.06 22.55 14.34
CA VAL A 344 -12.42 22.56 12.94
C VAL A 344 -11.64 21.51 12.15
N LEU A 345 -12.34 20.89 11.23
CA LEU A 345 -11.64 19.98 10.33
C LEU A 345 -11.98 20.44 8.89
N LEU A 346 -11.12 20.06 7.96
CA LEU A 346 -11.36 20.35 6.53
C LEU A 346 -11.17 19.06 5.74
N VAL A 347 -12.19 18.69 5.00
CA VAL A 347 -12.13 17.55 4.08
C VAL A 347 -12.28 18.15 2.65
N THR A 348 -11.46 17.70 1.72
CA THR A 348 -11.50 18.25 0.35
C THR A 348 -11.97 17.20 -0.65
N VAL A 349 -12.85 17.58 -1.58
CA VAL A 349 -13.28 16.63 -2.62
C VAL A 349 -13.17 17.40 -3.96
N THR A 350 -13.27 16.68 -5.07
CA THR A 350 -13.13 17.36 -6.35
C THR A 350 -14.03 16.69 -7.40
N ASP A 351 -13.97 17.29 -8.59
CA ASP A 351 -14.56 16.69 -9.75
C ASP A 351 -15.97 16.12 -9.55
N GLU A 352 -16.14 14.84 -9.86
CA GLU A 352 -17.47 14.22 -9.78
C GLU A 352 -18.11 14.34 -8.41
N GLU A 353 -17.31 14.14 -7.37
CA GLU A 353 -17.87 14.26 -6.04
C GLU A 353 -18.26 15.71 -5.82
N SER A 354 -17.41 16.63 -6.26
CA SER A 354 -17.78 18.05 -6.06
C SER A 354 -19.13 18.34 -6.73
N ARG A 355 -19.31 17.93 -7.98
CA ARG A 355 -20.56 18.28 -8.62
C ARG A 355 -21.76 17.64 -7.95
N ARG A 356 -21.54 16.43 -7.45
CA ARG A 356 -22.64 15.73 -6.79
C ARG A 356 -23.01 16.45 -5.50
N ILE A 357 -22.00 16.75 -4.71
CA ILE A 357 -22.24 17.41 -3.42
C ILE A 357 -22.80 18.83 -3.51
N GLU A 358 -22.38 19.59 -4.53
CA GLU A 358 -22.88 20.96 -4.69
C GLU A 358 -24.37 20.92 -4.91
N GLN A 359 -24.78 19.83 -5.55
CA GLN A 359 -26.16 19.61 -5.88
C GLN A 359 -26.99 19.05 -4.78
N GLN A 360 -26.48 18.89 -3.56
CA GLN A 360 -27.34 18.37 -2.53
C GLN A 360 -27.20 19.30 -1.34
N SER A 361 -28.03 19.08 -0.34
CA SER A 361 -28.01 19.98 0.82
C SER A 361 -26.82 19.76 1.70
N ASP A 362 -26.52 20.84 2.43
CA ASP A 362 -25.42 20.82 3.37
C ASP A 362 -25.67 19.73 4.42
N GLU A 363 -26.94 19.63 4.80
CA GLU A 363 -27.31 18.65 5.82
C GLU A 363 -27.02 17.24 5.33
N GLN A 364 -27.36 16.98 4.06
CA GLN A 364 -27.12 15.66 3.48
C GLN A 364 -25.61 15.40 3.44
N THR A 365 -24.87 16.44 3.08
CA THR A 365 -23.43 16.25 3.07
C THR A 365 -22.88 16.06 4.47
N LYS A 366 -23.38 16.83 5.42
CA LYS A 366 -22.89 16.63 6.77
C LYS A 366 -23.15 15.20 7.25
N ALA A 367 -24.31 14.69 6.91
CA ALA A 367 -24.62 13.35 7.34
C ALA A 367 -23.68 12.34 6.69
N GLU A 368 -23.37 12.50 5.40
CA GLU A 368 -22.44 11.52 4.82
C GLU A 368 -21.08 11.57 5.53
N ILE A 369 -20.65 12.80 5.84
CA ILE A 369 -19.36 13.00 6.45
C ILE A 369 -19.36 12.42 7.84
N MET A 370 -20.47 12.58 8.54
CA MET A 370 -20.50 12.01 9.89
C MET A 370 -20.29 10.50 9.81
N GLN A 371 -20.89 9.84 8.83
CA GLN A 371 -20.70 8.38 8.78
C GLN A 371 -19.25 8.04 8.53
N VAL A 372 -18.59 8.81 7.68
CA VAL A 372 -17.19 8.49 7.43
C VAL A 372 -16.35 8.63 8.70
N LEU A 373 -16.48 9.75 9.40
CA LEU A 373 -15.67 9.98 10.59
C LEU A 373 -15.92 8.90 11.65
N ARG A 374 -17.17 8.52 11.84
CA ARG A 374 -17.42 7.50 12.84
C ARG A 374 -16.77 6.22 12.42
N LYS A 375 -16.65 6.03 11.11
CA LYS A 375 -16.00 4.84 10.65
C LYS A 375 -14.53 4.97 10.89
N MET A 376 -14.02 6.17 10.75
CA MET A 376 -12.61 6.35 10.97
C MET A 376 -12.23 6.29 12.46
N PHE A 377 -13.09 6.81 13.33
CA PHE A 377 -12.71 6.82 14.76
C PHE A 377 -13.69 5.98 15.55
N PRO A 378 -13.75 4.70 15.20
CA PRO A 378 -14.70 3.81 15.84
C PRO A 378 -14.51 3.81 17.35
N GLY A 379 -13.29 4.04 17.79
CA GLY A 379 -13.06 4.06 19.23
C GLY A 379 -13.48 5.30 20.01
N LYS A 380 -13.87 6.36 19.33
CA LYS A 380 -14.23 7.59 20.01
C LYS A 380 -15.73 7.88 20.02
N ASP A 381 -16.15 8.91 20.75
CA ASP A 381 -17.58 9.21 20.66
C ASP A 381 -17.49 10.45 19.77
N VAL A 382 -17.95 10.31 18.54
CA VAL A 382 -17.78 11.44 17.66
C VAL A 382 -19.04 12.29 17.70
N PRO A 383 -18.91 13.53 18.14
CA PRO A 383 -20.09 14.40 18.13
C PRO A 383 -20.42 14.80 16.69
N ASP A 384 -21.69 15.08 16.43
CA ASP A 384 -22.10 15.63 15.15
C ASP A 384 -21.47 17.00 15.00
N ALA A 385 -21.07 17.35 13.79
CA ALA A 385 -20.48 18.66 13.62
C ALA A 385 -21.59 19.66 13.87
N THR A 386 -21.22 20.80 14.43
CA THR A 386 -22.20 21.84 14.71
C THR A 386 -22.51 22.79 13.56
N ASP A 387 -21.52 22.93 12.70
CA ASP A 387 -21.66 23.78 11.52
C ASP A 387 -20.81 23.17 10.40
N ILE A 388 -21.20 23.44 9.17
CA ILE A 388 -20.46 22.94 8.01
C ILE A 388 -20.52 23.99 6.94
N LEU A 389 -19.46 24.11 6.18
CA LEU A 389 -19.47 25.10 5.13
C LEU A 389 -19.08 24.37 3.83
N VAL A 390 -19.97 24.38 2.84
CA VAL A 390 -19.66 23.71 1.56
C VAL A 390 -19.60 24.74 0.44
N PRO A 391 -18.43 25.20 0.05
CA PRO A 391 -18.28 26.19 -1.06
C PRO A 391 -18.89 25.63 -2.36
N ARG A 392 -19.67 26.39 -3.11
CA ARG A 392 -20.28 25.92 -4.36
C ARG A 392 -19.78 26.64 -5.60
N TRP A 393 -18.47 26.55 -5.81
CA TRP A 393 -17.85 27.25 -6.93
C TRP A 393 -18.33 26.87 -8.35
N TRP A 394 -18.69 25.61 -8.57
CA TRP A 394 -19.14 25.20 -9.90
C TRP A 394 -20.54 25.74 -10.17
N SER A 395 -21.35 25.77 -9.12
CA SER A 395 -22.68 26.31 -9.28
C SER A 395 -22.66 27.85 -9.46
N ASP A 396 -21.62 28.53 -9.02
CA ASP A 396 -21.59 29.97 -9.12
C ASP A 396 -21.33 30.46 -10.53
N ARG A 397 -22.32 31.15 -11.07
CA ARG A 397 -22.18 31.62 -12.44
C ARG A 397 -21.01 32.51 -12.68
N PHE A 398 -20.39 33.10 -11.67
CA PHE A 398 -19.23 33.95 -11.97
C PHE A 398 -17.92 33.18 -11.94
N TYR A 399 -17.97 31.88 -11.69
CA TYR A 399 -16.74 31.10 -11.58
C TYR A 399 -16.85 29.79 -12.32
N LYS A 400 -17.98 29.11 -12.13
CA LYS A 400 -18.21 27.82 -12.80
C LYS A 400 -17.05 26.84 -12.58
N GLY A 401 -16.38 26.87 -11.43
CA GLY A 401 -15.29 25.93 -11.25
C GLY A 401 -14.26 26.60 -10.37
N THR A 402 -13.14 25.96 -10.12
CA THR A 402 -12.10 26.52 -9.25
C THR A 402 -10.79 26.81 -9.96
N PHE A 403 -10.40 25.98 -10.92
CA PHE A 403 -9.17 26.28 -11.66
C PHE A 403 -9.00 25.36 -12.88
N SER A 404 -8.27 25.86 -13.87
CA SER A 404 -8.16 25.04 -15.06
C SER A 404 -7.28 23.82 -14.80
N ASN A 405 -7.40 22.86 -15.71
CA ASN A 405 -6.56 21.67 -15.66
C ASN A 405 -6.25 21.33 -17.13
N TRP A 406 -5.04 20.86 -17.39
CA TRP A 406 -4.60 20.58 -18.75
C TRP A 406 -4.89 19.11 -19.09
N PRO A 407 -5.85 18.86 -20.00
CA PRO A 407 -6.25 17.49 -20.33
C PRO A 407 -5.40 16.85 -21.40
N VAL A 408 -5.34 15.53 -21.39
CA VAL A 408 -4.54 14.83 -22.39
C VAL A 408 -5.24 15.11 -23.72
N GLY A 409 -4.45 15.39 -24.75
CA GLY A 409 -5.11 15.71 -26.01
C GLY A 409 -4.91 17.16 -26.41
N VAL A 410 -4.66 18.03 -25.45
CA VAL A 410 -4.46 19.45 -25.79
C VAL A 410 -2.99 19.75 -25.88
N ASN A 411 -2.49 20.33 -26.97
CA ASN A 411 -1.06 20.59 -27.00
C ASN A 411 -0.80 22.05 -26.75
N ARG A 412 0.48 22.36 -26.75
CA ARG A 412 0.82 23.73 -26.46
C ARG A 412 0.21 24.78 -27.38
N TYR A 413 0.08 24.39 -28.64
CA TYR A 413 -0.46 25.29 -29.62
C TYR A 413 -1.91 25.59 -29.35
N GLU A 414 -2.65 24.55 -29.06
CA GLU A 414 -4.04 24.84 -28.78
C GLU A 414 -4.12 25.61 -27.44
N TYR A 415 -3.21 25.31 -26.51
CA TYR A 415 -3.23 25.99 -25.24
C TYR A 415 -3.00 27.45 -25.56
N ASP A 416 -2.06 27.66 -26.45
CA ASP A 416 -1.81 29.04 -26.76
C ASP A 416 -3.00 29.81 -27.38
N GLN A 417 -3.77 29.15 -28.24
CA GLN A 417 -4.93 29.79 -28.81
C GLN A 417 -5.84 30.34 -27.69
N LEU A 418 -5.74 29.76 -26.50
CA LEU A 418 -6.55 30.24 -25.38
C LEU A 418 -6.16 31.64 -25.00
N ARG A 419 -4.86 31.91 -25.02
CA ARG A 419 -4.35 33.23 -24.66
C ARG A 419 -4.58 34.26 -25.78
N ALA A 420 -4.72 33.75 -26.99
CA ALA A 420 -4.82 34.63 -28.14
C ALA A 420 -5.95 35.66 -28.12
N PRO A 421 -5.65 36.91 -28.48
CA PRO A 421 -6.71 37.89 -28.58
C PRO A 421 -7.50 37.64 -29.84
N VAL A 422 -8.64 38.29 -29.91
CA VAL A 422 -9.49 38.25 -31.09
C VAL A 422 -9.77 39.72 -31.38
N GLY A 423 -9.06 40.23 -32.39
CA GLY A 423 -9.16 41.64 -32.75
C GLY A 423 -8.79 42.46 -31.52
N ARG A 424 -9.70 43.30 -31.07
CA ARG A 424 -9.41 44.12 -29.90
C ARG A 424 -9.81 43.44 -28.56
N VAL A 425 -10.24 42.18 -28.59
CA VAL A 425 -10.66 41.49 -27.37
C VAL A 425 -9.48 40.67 -26.88
N TYR A 426 -8.99 41.05 -25.70
CA TYR A 426 -7.83 40.39 -25.09
C TYR A 426 -8.28 39.53 -23.92
N PHE A 427 -7.47 38.52 -23.62
CA PHE A 427 -7.81 37.60 -22.53
C PHE A 427 -6.69 37.44 -21.52
N THR A 428 -7.10 37.25 -20.27
CA THR A 428 -6.12 37.05 -19.21
C THR A 428 -6.73 36.11 -18.18
N GLY A 429 -5.93 35.72 -17.19
CA GLY A 429 -6.43 34.81 -16.15
C GLY A 429 -5.49 33.61 -16.02
N GLU A 430 -5.70 32.86 -14.95
CA GLU A 430 -4.86 31.69 -14.69
C GLU A 430 -4.78 30.69 -15.86
N HIS A 431 -5.89 30.54 -16.59
CA HIS A 431 -5.90 29.63 -17.74
C HIS A 431 -5.09 30.16 -18.92
N THR A 432 -4.57 31.37 -18.81
CA THR A 432 -3.76 31.91 -19.92
C THR A 432 -2.30 31.88 -19.49
N SER A 433 -2.02 31.40 -18.28
CA SER A 433 -0.62 31.35 -17.83
C SER A 433 0.26 30.37 -18.60
N GLU A 434 1.31 30.88 -19.22
CA GLU A 434 2.14 29.98 -19.97
C GLU A 434 2.64 28.77 -19.18
N HIS A 435 3.17 28.98 -17.98
CA HIS A 435 3.65 27.80 -17.27
C HIS A 435 3.16 27.57 -15.88
N TYR A 436 2.25 28.42 -15.49
CA TYR A 436 1.73 28.25 -14.15
C TYR A 436 0.24 28.22 -14.19
N ASN A 437 -0.39 27.61 -15.20
CA ASN A 437 -1.84 27.61 -15.17
C ASN A 437 -2.32 27.00 -13.85
N GLY A 438 -3.48 27.46 -13.41
CA GLY A 438 -4.09 27.03 -12.17
C GLY A 438 -3.76 27.87 -10.92
N TYR A 439 -2.52 28.34 -10.73
CA TYR A 439 -2.10 29.08 -9.53
C TYR A 439 -2.28 30.59 -9.40
N VAL A 440 -2.31 31.04 -8.15
CA VAL A 440 -2.40 32.48 -7.86
C VAL A 440 -1.24 33.19 -8.58
N HIS A 441 -0.04 32.64 -8.46
CA HIS A 441 1.10 33.27 -9.09
C HIS A 441 0.92 33.27 -10.59
N GLY A 442 0.20 32.29 -11.07
CA GLY A 442 -0.07 32.23 -12.51
C GLY A 442 -1.11 33.31 -12.87
N ALA A 443 -2.14 33.54 -12.04
CA ALA A 443 -3.10 34.58 -12.40
C ALA A 443 -2.32 35.89 -12.42
N TYR A 444 -1.47 36.05 -11.42
CA TYR A 444 -0.69 37.29 -11.31
C TYR A 444 0.21 37.56 -12.53
N LEU A 445 1.05 36.61 -12.88
CA LEU A 445 1.90 36.83 -14.01
C LEU A 445 1.14 36.96 -15.33
N SER A 446 0.01 36.26 -15.44
CA SER A 446 -0.81 36.31 -16.66
C SER A 446 -1.35 37.73 -16.90
N GLY A 447 -1.70 38.42 -15.82
CA GLY A 447 -2.21 39.80 -15.91
C GLY A 447 -1.12 40.67 -16.55
N ILE A 448 0.11 40.47 -16.12
CA ILE A 448 1.20 41.27 -16.65
C ILE A 448 1.50 40.99 -18.12
N ASP A 449 1.56 39.71 -18.41
CA ASP A 449 1.84 39.33 -19.78
C ASP A 449 0.75 39.79 -20.70
N SER A 450 -0.52 39.54 -20.34
CA SER A 450 -1.64 39.96 -21.20
C SER A 450 -1.57 41.47 -21.44
N ALA A 451 -1.37 42.21 -20.36
CA ALA A 451 -1.29 43.67 -20.44
C ALA A 451 -0.16 44.07 -21.36
N GLU A 452 0.97 43.38 -21.24
CA GLU A 452 2.04 43.76 -22.13
C GLU A 452 1.74 43.47 -23.59
N ILE A 453 1.01 42.42 -23.86
CA ILE A 453 0.70 42.19 -25.27
C ILE A 453 -0.17 43.33 -25.79
N LEU A 454 -1.17 43.72 -25.02
CA LEU A 454 -2.02 44.83 -25.45
C LEU A 454 -1.23 46.15 -25.66
N ILE A 455 -0.33 46.42 -24.72
CA ILE A 455 0.51 47.61 -24.77
C ILE A 455 1.32 47.70 -26.05
N ASN A 456 2.01 46.60 -26.36
CA ASN A 456 2.78 46.68 -27.58
C ASN A 456 1.91 46.87 -28.81
N CYS A 457 0.76 46.21 -28.81
CA CYS A 457 -0.07 46.35 -29.97
C CYS A 457 -0.58 47.77 -30.00
N ALA A 458 -1.26 48.17 -28.93
CA ALA A 458 -1.88 49.46 -28.91
C ALA A 458 -0.86 50.57 -29.00
N GLN A 459 0.13 50.51 -28.13
CA GLN A 459 1.05 51.60 -28.17
C GLN A 459 2.09 51.60 -29.26
N LYS A 460 2.73 50.47 -29.53
CA LYS A 460 3.75 50.46 -30.56
C LYS A 460 3.28 49.92 -31.89
N LYS A 461 2.01 49.59 -32.00
CA LYS A 461 1.49 48.97 -33.21
C LYS A 461 2.31 47.73 -33.50
N MET A 462 2.65 46.99 -32.47
CA MET A 462 3.34 45.77 -32.83
C MET A 462 2.52 44.68 -32.16
N CYS A 463 1.64 44.07 -32.96
CA CYS A 463 0.70 43.02 -32.54
C CYS A 463 1.16 41.61 -32.98
N PRO B 5 5.19 -24.24 -44.10
CA PRO B 5 5.57 -23.37 -42.98
C PRO B 5 4.75 -23.80 -41.78
N ARG B 6 5.36 -23.72 -40.58
CA ARG B 6 4.63 -24.13 -39.39
C ARG B 6 4.39 -22.84 -38.65
N VAL B 7 3.16 -22.79 -38.17
CA VAL B 7 2.69 -21.64 -37.40
C VAL B 7 2.02 -22.08 -36.10
N ILE B 8 2.44 -21.39 -35.05
CA ILE B 8 1.76 -21.60 -33.77
C ILE B 8 0.89 -20.35 -33.57
N VAL B 9 -0.32 -20.63 -33.15
CA VAL B 9 -1.30 -19.59 -32.82
C VAL B 9 -1.50 -19.68 -31.31
N VAL B 10 -1.30 -18.55 -30.65
CA VAL B 10 -1.55 -18.48 -29.21
C VAL B 10 -2.98 -17.98 -28.98
N GLY B 11 -3.81 -18.83 -28.39
CA GLY B 11 -5.19 -18.52 -28.06
C GLY B 11 -6.23 -19.09 -29.03
N ALA B 12 -7.29 -19.67 -28.48
CA ALA B 12 -8.38 -20.24 -29.26
C ALA B 12 -9.69 -19.51 -29.04
N GLY B 13 -9.59 -18.19 -29.07
CA GLY B 13 -10.80 -17.36 -28.99
C GLY B 13 -11.21 -17.19 -30.46
N MET B 14 -12.12 -16.25 -30.70
CA MET B 14 -12.61 -16.00 -32.05
C MET B 14 -11.47 -15.63 -32.99
N SER B 15 -10.61 -14.71 -32.60
CA SER B 15 -9.57 -14.35 -33.55
C SER B 15 -8.56 -15.46 -33.84
N GLY B 16 -8.18 -16.23 -32.84
CA GLY B 16 -7.16 -17.24 -33.11
C GLY B 16 -7.73 -18.34 -34.01
N ILE B 17 -8.95 -18.77 -33.68
CA ILE B 17 -9.57 -19.79 -34.48
C ILE B 17 -9.77 -19.22 -35.88
N SER B 18 -10.18 -17.96 -35.94
CA SER B 18 -10.42 -17.34 -37.24
C SER B 18 -9.12 -17.32 -38.03
N ALA B 19 -8.06 -16.91 -37.38
CA ALA B 19 -6.83 -16.81 -38.12
C ALA B 19 -6.36 -18.17 -38.63
N ALA B 20 -6.49 -19.17 -37.76
CA ALA B 20 -6.03 -20.50 -38.10
C ALA B 20 -6.81 -21.02 -39.30
N LYS B 21 -8.11 -20.70 -39.30
CA LYS B 21 -8.99 -21.12 -40.38
C LYS B 21 -8.51 -20.55 -41.72
N ARG B 22 -8.10 -19.29 -41.69
CA ARG B 22 -7.65 -18.64 -42.90
C ARG B 22 -6.34 -19.23 -43.36
N LEU B 23 -5.44 -19.53 -42.42
CA LEU B 23 -4.15 -20.10 -42.84
C LEU B 23 -4.41 -21.47 -43.42
N SER B 24 -5.32 -22.16 -42.77
CA SER B 24 -5.63 -23.48 -43.26
C SER B 24 -6.06 -23.33 -44.70
N GLU B 25 -6.94 -22.36 -44.94
CA GLU B 25 -7.45 -22.09 -46.28
C GLU B 25 -6.41 -21.74 -47.30
N ALA B 26 -5.31 -21.12 -46.86
CA ALA B 26 -4.26 -20.77 -47.81
C ALA B 26 -3.32 -21.98 -47.98
N GLY B 27 -3.76 -23.11 -47.46
CA GLY B 27 -2.93 -24.30 -47.49
C GLY B 27 -1.90 -24.39 -46.35
N ILE B 28 -1.83 -23.40 -45.45
CA ILE B 28 -0.89 -23.50 -44.34
C ILE B 28 -1.59 -24.33 -43.26
N THR B 29 -1.30 -25.63 -43.27
CA THR B 29 -1.96 -26.58 -42.38
C THR B 29 -1.11 -27.16 -41.22
N ASP B 30 0.19 -26.88 -41.26
CA ASP B 30 1.11 -27.28 -40.22
C ASP B 30 0.98 -26.17 -39.17
N LEU B 31 -0.07 -26.32 -38.38
CA LEU B 31 -0.48 -25.35 -37.39
C LEU B 31 -0.57 -25.97 -36.01
N LEU B 32 -0.27 -25.15 -35.01
CA LEU B 32 -0.42 -25.59 -33.63
C LEU B 32 -1.04 -24.43 -32.86
N ILE B 33 -2.24 -24.72 -32.35
CA ILE B 33 -3.02 -23.77 -31.59
C ILE B 33 -2.90 -24.13 -30.11
N LEU B 34 -2.28 -23.22 -29.35
CA LEU B 34 -2.09 -23.35 -27.89
C LEU B 34 -3.09 -22.47 -27.11
N GLU B 35 -4.04 -23.11 -26.41
CA GLU B 35 -5.07 -22.40 -25.62
C GLU B 35 -4.85 -22.58 -24.12
N ALA B 36 -4.76 -21.44 -23.43
CA ALA B 36 -4.53 -21.47 -21.98
C ALA B 36 -5.55 -22.30 -21.22
N THR B 37 -6.83 -22.08 -21.49
CA THR B 37 -7.88 -22.76 -20.76
C THR B 37 -8.17 -24.14 -21.29
N ASP B 38 -9.14 -24.76 -20.64
CA ASP B 38 -9.52 -26.08 -21.06
C ASP B 38 -10.62 -25.98 -22.10
N HIS B 39 -10.77 -24.85 -22.78
CA HIS B 39 -11.84 -24.78 -23.77
C HIS B 39 -11.52 -23.71 -24.81
N ILE B 40 -12.30 -23.67 -25.88
CA ILE B 40 -12.12 -22.63 -26.90
C ILE B 40 -13.27 -21.62 -26.73
N GLY B 41 -13.12 -20.47 -27.37
CA GLY B 41 -14.16 -19.44 -27.28
C GLY B 41 -13.67 -18.14 -26.64
N GLY B 42 -12.76 -18.23 -25.67
CA GLY B 42 -12.22 -17.02 -25.04
C GLY B 42 -13.30 -16.14 -24.43
N ARG B 43 -13.35 -14.88 -24.86
CA ARG B 43 -14.35 -13.96 -24.35
C ARG B 43 -15.80 -14.23 -24.70
N MET B 44 -16.03 -15.27 -25.49
CA MET B 44 -17.39 -15.71 -25.79
C MET B 44 -17.53 -16.94 -24.89
N HIS B 45 -18.32 -16.85 -23.83
CA HIS B 45 -18.36 -18.00 -22.95
C HIS B 45 -19.51 -17.95 -21.99
N LYS B 46 -20.20 -19.08 -21.99
CA LYS B 46 -21.40 -19.17 -21.17
C LYS B 46 -21.16 -19.83 -19.84
N THR B 47 -22.19 -19.77 -19.00
CA THR B 47 -22.09 -20.42 -17.73
C THR B 47 -23.46 -20.74 -17.14
N ASN B 48 -23.52 -21.71 -16.26
CA ASN B 48 -24.81 -22.01 -15.66
C ASN B 48 -25.15 -21.08 -14.52
N PHE B 49 -26.30 -20.43 -14.58
CA PHE B 49 -26.60 -19.57 -13.46
C PHE B 49 -28.00 -19.91 -13.06
N ALA B 50 -28.11 -20.33 -11.82
CA ALA B 50 -29.43 -20.62 -11.35
C ALA B 50 -30.19 -21.56 -12.30
N GLY B 51 -29.52 -22.54 -12.88
CA GLY B 51 -30.29 -23.39 -13.77
C GLY B 51 -30.37 -22.98 -15.24
N ILE B 52 -29.88 -21.81 -15.62
CA ILE B 52 -29.90 -21.52 -17.05
C ILE B 52 -28.52 -21.08 -17.47
N ASN B 53 -28.24 -21.23 -18.75
CA ASN B 53 -26.94 -20.78 -19.22
C ASN B 53 -27.08 -19.33 -19.60
N VAL B 54 -26.15 -18.50 -19.12
CA VAL B 54 -26.14 -17.09 -19.45
C VAL B 54 -24.74 -16.85 -19.97
N GLU B 55 -24.55 -15.76 -20.71
CA GLU B 55 -23.25 -15.45 -21.31
C GLU B 55 -22.45 -14.63 -20.30
N LEU B 56 -21.23 -15.04 -20.00
CA LEU B 56 -20.44 -14.25 -19.08
C LEU B 56 -19.80 -13.10 -19.81
N GLY B 57 -19.57 -13.33 -21.10
CA GLY B 57 -18.95 -12.34 -21.97
C GLY B 57 -19.88 -11.78 -23.04
N ALA B 58 -19.46 -11.88 -24.30
CA ALA B 58 -20.23 -11.32 -25.44
C ALA B 58 -21.61 -11.86 -25.39
N ASN B 59 -22.58 -11.03 -25.81
CA ASN B 59 -23.94 -11.52 -25.71
C ASN B 59 -24.75 -11.05 -26.90
N TRP B 60 -24.26 -10.03 -27.61
CA TRP B 60 -25.01 -9.53 -28.76
C TRP B 60 -24.28 -9.68 -30.06
N VAL B 61 -25.05 -9.74 -31.15
CA VAL B 61 -24.46 -9.61 -32.48
C VAL B 61 -24.84 -8.13 -32.72
N GLU B 62 -23.83 -7.28 -32.79
CA GLU B 62 -24.04 -5.84 -32.95
C GLU B 62 -23.77 -5.37 -34.37
N GLY B 63 -24.73 -4.61 -34.91
CA GLY B 63 -24.61 -4.08 -36.26
C GLY B 63 -25.29 -5.06 -37.20
N VAL B 64 -26.60 -4.92 -37.36
CA VAL B 64 -27.39 -5.80 -38.23
C VAL B 64 -28.45 -4.95 -38.95
N ASN B 65 -28.81 -5.44 -40.14
CA ASN B 65 -29.79 -4.87 -41.05
C ASN B 65 -29.32 -3.62 -41.76
N GLY B 66 -28.01 -3.50 -41.95
CA GLY B 66 -27.51 -2.29 -42.60
C GLY B 66 -27.09 -2.54 -44.03
N GLY B 67 -26.25 -1.66 -44.50
CA GLY B 67 -25.79 -1.72 -45.87
C GLY B 67 -24.91 -2.91 -46.16
N LYS B 68 -24.17 -3.41 -45.19
CA LYS B 68 -23.27 -4.52 -45.44
C LYS B 68 -23.61 -5.57 -44.42
N MET B 69 -23.26 -6.80 -44.74
CA MET B 69 -23.56 -7.94 -43.87
C MET B 69 -22.49 -8.17 -42.79
N ASN B 70 -22.91 -8.09 -41.53
CA ASN B 70 -21.99 -8.34 -40.45
C ASN B 70 -21.67 -9.83 -40.64
N PRO B 71 -20.40 -10.17 -40.83
CA PRO B 71 -20.05 -11.56 -41.05
C PRO B 71 -20.51 -12.54 -39.99
N ILE B 72 -20.71 -12.07 -38.78
CA ILE B 72 -21.14 -13.02 -37.77
C ILE B 72 -22.64 -13.34 -37.86
N TRP B 73 -23.41 -12.38 -38.37
CA TRP B 73 -24.85 -12.57 -38.38
C TRP B 73 -25.45 -13.85 -39.01
N PRO B 74 -25.01 -14.11 -40.23
CA PRO B 74 -25.49 -15.29 -40.91
C PRO B 74 -25.15 -16.57 -40.15
N ILE B 75 -23.96 -16.63 -39.56
CA ILE B 75 -23.62 -17.85 -38.81
C ILE B 75 -24.54 -17.97 -37.66
N VAL B 76 -24.71 -16.85 -36.99
CA VAL B 76 -25.64 -16.97 -35.88
C VAL B 76 -27.09 -17.18 -36.30
N ASN B 77 -27.57 -16.27 -37.14
CA ASN B 77 -28.99 -16.33 -37.41
C ASN B 77 -29.42 -17.43 -38.37
N SER B 78 -28.55 -17.75 -39.32
CA SER B 78 -28.89 -18.76 -40.30
C SER B 78 -28.20 -20.10 -40.09
N THR B 79 -26.89 -20.11 -40.27
CA THR B 79 -26.21 -21.37 -40.16
C THR B 79 -26.50 -22.16 -38.90
N LEU B 80 -26.38 -21.52 -37.75
CA LEU B 80 -26.63 -22.27 -36.53
C LEU B 80 -28.03 -22.06 -36.01
N LYS B 81 -28.69 -20.99 -36.44
CA LYS B 81 -30.00 -20.80 -35.84
C LYS B 81 -29.93 -20.65 -34.31
N LEU B 82 -29.04 -19.82 -33.77
CA LEU B 82 -29.05 -19.66 -32.31
C LEU B 82 -30.24 -18.78 -31.93
N ARG B 83 -30.94 -19.14 -30.86
CA ARG B 83 -32.09 -18.40 -30.42
C ARG B 83 -31.65 -16.95 -30.14
N ASN B 84 -32.40 -15.97 -30.65
CA ASN B 84 -32.02 -14.58 -30.44
C ASN B 84 -33.19 -13.61 -30.56
N PHE B 85 -33.00 -12.37 -30.09
CA PHE B 85 -34.02 -11.31 -30.11
C PHE B 85 -33.42 -9.91 -30.32
N ARG B 86 -34.02 -9.14 -31.23
CA ARG B 86 -33.55 -7.78 -31.51
C ARG B 86 -33.84 -7.00 -30.24
N SER B 87 -32.89 -6.18 -29.78
CA SER B 87 -33.20 -5.40 -28.60
C SER B 87 -33.88 -4.12 -29.04
N ASP B 88 -34.91 -3.69 -28.31
CA ASP B 88 -35.53 -2.43 -28.69
C ASP B 88 -35.35 -1.40 -27.57
N PHE B 89 -34.72 -0.28 -27.89
CA PHE B 89 -34.53 0.77 -26.91
C PHE B 89 -35.48 1.94 -27.03
N ASP B 90 -36.45 1.82 -27.92
CA ASP B 90 -37.39 2.94 -28.11
C ASP B 90 -38.17 3.41 -26.92
N TYR B 91 -38.37 2.57 -25.94
CA TYR B 91 -39.14 2.96 -24.76
C TYR B 91 -38.38 3.35 -23.49
N LEU B 92 -37.10 3.65 -23.63
CA LEU B 92 -36.37 4.03 -22.45
C LEU B 92 -36.94 5.19 -21.66
N ALA B 93 -37.42 6.25 -22.32
CA ALA B 93 -37.93 7.40 -21.59
C ALA B 93 -39.04 7.07 -20.58
N GLN B 94 -39.65 5.89 -20.75
CA GLN B 94 -40.72 5.45 -19.84
C GLN B 94 -40.15 4.60 -18.71
N ASN B 95 -38.84 4.46 -18.71
CA ASN B 95 -38.31 3.50 -17.78
C ASN B 95 -37.08 3.99 -17.04
N VAL B 96 -37.08 5.28 -16.70
CA VAL B 96 -35.96 5.80 -15.93
C VAL B 96 -36.40 6.01 -14.49
N TYR B 97 -35.79 5.28 -13.57
CA TYR B 97 -36.15 5.39 -12.15
C TYR B 97 -35.45 6.48 -11.36
N LYS B 98 -36.20 7.13 -10.47
CA LYS B 98 -35.72 8.19 -9.59
C LYS B 98 -34.85 7.58 -8.49
N GLU B 99 -33.80 8.29 -8.11
CA GLU B 99 -32.94 7.69 -7.08
C GLU B 99 -33.81 7.24 -5.92
N ASP B 100 -34.83 8.04 -5.66
CA ASP B 100 -35.75 7.76 -4.59
C ASP B 100 -37.17 7.26 -4.79
N GLY B 101 -37.41 6.53 -5.87
CA GLY B 101 -38.75 6.02 -6.03
C GLY B 101 -39.49 6.39 -7.30
N GLY B 102 -39.84 5.34 -8.03
CA GLY B 102 -40.59 5.52 -9.26
C GLY B 102 -39.85 6.13 -10.42
N VAL B 103 -40.55 6.14 -11.55
CA VAL B 103 -39.97 6.68 -12.76
C VAL B 103 -40.25 8.14 -12.96
N TYR B 104 -39.44 8.75 -13.80
CA TYR B 104 -39.58 10.14 -14.16
C TYR B 104 -40.64 10.26 -15.26
N ASP B 105 -41.17 11.46 -15.46
CA ASP B 105 -42.15 11.72 -16.51
C ASP B 105 -41.46 11.39 -17.82
N GLU B 106 -42.18 10.64 -18.65
CA GLU B 106 -41.66 10.22 -19.93
C GLU B 106 -41.30 11.36 -20.86
N ASP B 107 -42.12 12.39 -20.80
CA ASP B 107 -41.82 13.48 -21.71
C ASP B 107 -40.57 14.22 -21.27
N TYR B 108 -40.40 14.36 -19.96
CA TYR B 108 -39.20 15.01 -19.46
C TYR B 108 -37.97 14.20 -19.93
N VAL B 109 -38.04 12.89 -19.72
CA VAL B 109 -36.92 12.02 -20.09
C VAL B 109 -36.67 12.02 -21.59
N GLN B 110 -37.70 11.86 -22.40
CA GLN B 110 -37.46 11.87 -23.84
C GLN B 110 -36.79 13.17 -24.35
N LYS B 111 -37.13 14.30 -23.74
CA LYS B 111 -36.49 15.53 -24.18
C LYS B 111 -34.99 15.43 -23.91
N ARG B 112 -34.64 14.96 -22.71
CA ARG B 112 -33.22 14.86 -22.34
C ARG B 112 -32.53 13.88 -23.29
N ILE B 113 -33.22 12.81 -23.66
CA ILE B 113 -32.60 11.86 -24.58
C ILE B 113 -32.38 12.49 -25.96
N GLU B 114 -33.41 13.18 -26.43
CA GLU B 114 -33.27 13.82 -27.73
C GLU B 114 -32.11 14.81 -27.71
N LEU B 115 -32.01 15.57 -26.64
CA LEU B 115 -30.93 16.55 -26.54
C LEU B 115 -29.59 15.80 -26.63
N ALA B 116 -29.49 14.70 -25.89
CA ALA B 116 -28.20 13.99 -25.88
C ALA B 116 -27.88 13.45 -27.25
N ASP B 117 -28.87 12.89 -27.91
CA ASP B 117 -28.61 12.40 -29.27
C ASP B 117 -28.20 13.54 -30.21
N SER B 118 -28.79 14.72 -30.07
CA SER B 118 -28.42 15.79 -30.98
C SER B 118 -26.98 16.20 -30.83
N VAL B 119 -26.54 16.25 -29.57
CA VAL B 119 -25.14 16.62 -29.30
C VAL B 119 -24.29 15.57 -30.03
N GLU B 120 -24.70 14.31 -29.89
CA GLU B 120 -23.90 13.28 -30.52
C GLU B 120 -23.82 13.41 -32.04
N GLU B 121 -24.96 13.72 -32.65
CA GLU B 121 -24.99 13.90 -34.11
C GLU B 121 -24.10 15.08 -34.46
N MET B 122 -24.09 16.15 -33.65
CA MET B 122 -23.18 17.26 -33.96
C MET B 122 -21.76 16.68 -33.87
N GLY B 123 -21.54 15.81 -32.90
CA GLY B 123 -20.19 15.26 -32.76
C GLY B 123 -19.69 14.48 -33.98
N GLU B 124 -20.60 13.76 -34.60
CA GLU B 124 -20.18 13.00 -35.76
C GLU B 124 -19.74 13.91 -36.92
N LYS B 125 -20.39 15.06 -37.08
CA LYS B 125 -19.98 15.92 -38.18
C LYS B 125 -18.58 16.46 -37.92
N LEU B 126 -18.32 16.77 -36.66
CA LEU B 126 -17.00 17.33 -36.31
C LEU B 126 -15.95 16.27 -36.55
N SER B 127 -16.25 15.07 -36.07
CA SER B 127 -15.31 13.96 -36.21
C SER B 127 -14.89 13.68 -37.67
N ALA B 128 -15.83 13.76 -38.60
CA ALA B 128 -15.51 13.50 -40.00
C ALA B 128 -14.43 14.46 -40.51
N THR B 129 -14.38 15.67 -39.95
CA THR B 129 -13.43 16.65 -40.46
C THR B 129 -12.05 16.66 -39.85
N LEU B 130 -11.89 15.94 -38.74
CA LEU B 130 -10.62 15.92 -38.05
C LEU B 130 -9.51 15.27 -38.87
N HIS B 131 -8.30 15.78 -38.71
CA HIS B 131 -7.16 15.26 -39.39
C HIS B 131 -6.98 13.77 -39.19
N ALA B 132 -6.72 13.09 -40.30
CA ALA B 132 -6.60 11.64 -40.27
C ALA B 132 -5.53 11.11 -39.36
N SER B 133 -4.54 11.93 -39.07
CA SER B 133 -3.49 11.48 -38.18
C SER B 133 -4.06 11.28 -36.78
N GLY B 134 -5.17 11.89 -36.43
CA GLY B 134 -5.70 11.75 -35.07
C GLY B 134 -5.07 12.84 -34.23
N ARG B 135 -4.18 13.58 -34.85
CA ARG B 135 -3.61 14.62 -34.07
C ARG B 135 -4.56 15.71 -33.65
N ASP B 136 -5.76 15.80 -34.21
CA ASP B 136 -6.64 16.85 -33.71
C ASP B 136 -7.71 16.22 -32.82
N ASP B 137 -7.55 14.97 -32.41
CA ASP B 137 -8.63 14.35 -31.64
C ASP B 137 -8.95 15.04 -30.31
N MET B 138 -10.08 14.69 -29.71
CA MET B 138 -10.45 15.26 -28.41
C MET B 138 -11.35 14.17 -27.79
N SER B 139 -11.62 14.27 -26.49
CA SER B 139 -12.49 13.26 -25.89
C SER B 139 -13.94 13.52 -26.28
N ILE B 140 -14.79 12.51 -26.08
CA ILE B 140 -16.18 12.74 -26.36
C ILE B 140 -16.68 13.85 -25.46
N LEU B 141 -16.15 13.90 -24.24
CA LEU B 141 -16.61 14.95 -23.31
C LEU B 141 -16.36 16.39 -23.82
N ALA B 142 -15.19 16.62 -24.40
CA ALA B 142 -14.82 17.94 -24.92
C ALA B 142 -15.88 18.33 -25.97
N MET B 143 -16.20 17.36 -26.82
CA MET B 143 -17.20 17.61 -27.85
C MET B 143 -18.54 17.96 -27.23
N GLN B 144 -18.88 17.26 -26.17
CA GLN B 144 -20.14 17.59 -25.51
C GLN B 144 -20.14 19.01 -24.95
N ARG B 145 -19.05 19.40 -24.31
CA ARG B 145 -18.98 20.76 -23.73
C ARG B 145 -19.18 21.80 -24.80
N LEU B 146 -18.46 21.56 -25.90
CA LEU B 146 -18.46 22.46 -27.04
C LEU B 146 -19.86 22.64 -27.57
N ASN B 147 -20.57 21.53 -27.73
CA ASN B 147 -21.91 21.63 -28.28
C ASN B 147 -22.95 22.03 -27.27
N GLU B 148 -22.70 21.86 -25.99
CA GLU B 148 -23.73 22.30 -25.07
C GLU B 148 -23.36 23.69 -24.56
N HIS B 149 -22.15 24.17 -24.80
CA HIS B 149 -21.73 25.43 -24.21
C HIS B 149 -21.80 25.35 -22.71
N GLN B 150 -21.12 24.40 -22.11
CA GLN B 150 -21.13 24.33 -20.65
C GLN B 150 -19.73 23.90 -20.28
N PRO B 151 -19.37 24.12 -19.03
CA PRO B 151 -18.05 23.75 -18.52
C PRO B 151 -18.07 22.31 -18.03
N ASN B 152 -19.13 21.58 -18.38
CA ASN B 152 -19.17 20.18 -17.97
C ASN B 152 -20.14 19.47 -18.90
N GLY B 153 -20.08 18.14 -18.84
CA GLY B 153 -20.98 17.28 -19.60
C GLY B 153 -22.21 17.05 -18.76
N PRO B 154 -23.03 16.06 -19.13
CA PRO B 154 -24.26 15.72 -18.40
C PRO B 154 -23.89 15.62 -16.92
N ALA B 155 -24.63 16.30 -16.04
CA ALA B 155 -24.27 16.31 -14.63
C ALA B 155 -25.42 16.09 -13.63
N THR B 156 -26.65 16.02 -14.13
CA THR B 156 -27.77 15.74 -13.24
C THR B 156 -28.00 14.24 -13.35
N PRO B 157 -28.63 13.68 -12.32
CA PRO B 157 -28.92 12.25 -12.28
C PRO B 157 -29.50 11.69 -13.54
N VAL B 158 -30.58 12.30 -14.06
CA VAL B 158 -31.12 11.77 -15.30
C VAL B 158 -30.14 11.93 -16.46
N ASP B 159 -29.60 13.13 -16.63
CA ASP B 159 -28.71 13.25 -17.76
C ASP B 159 -27.53 12.33 -17.68
N MET B 160 -27.05 12.10 -16.47
CA MET B 160 -25.89 11.24 -16.34
C MET B 160 -26.21 9.79 -16.66
N VAL B 161 -27.33 9.23 -16.22
CA VAL B 161 -27.57 7.84 -16.55
C VAL B 161 -27.87 7.74 -18.06
N VAL B 162 -28.42 8.77 -18.67
CA VAL B 162 -28.61 8.68 -20.13
C VAL B 162 -27.27 8.61 -20.88
N ASP B 163 -26.34 9.45 -20.41
CA ASP B 163 -24.98 9.52 -20.95
C ASP B 163 -24.31 8.15 -20.81
N TYR B 164 -24.47 7.60 -19.63
CA TYR B 164 -23.80 6.33 -19.36
C TYR B 164 -24.38 5.26 -20.26
N TYR B 165 -25.68 5.34 -20.39
CA TYR B 165 -26.36 4.38 -21.23
C TYR B 165 -25.89 4.56 -22.66
N LYS B 166 -25.73 5.82 -23.05
CA LYS B 166 -25.33 6.03 -24.43
C LYS B 166 -23.91 5.67 -24.70
N PHE B 167 -23.00 5.92 -23.77
CA PHE B 167 -21.57 5.68 -23.99
C PHE B 167 -20.90 4.55 -23.17
N ASP B 168 -20.87 4.70 -21.86
CA ASP B 168 -20.20 3.67 -21.01
C ASP B 168 -20.78 2.27 -21.25
N TYR B 169 -22.09 2.20 -21.51
CA TYR B 169 -22.76 0.91 -21.73
C TYR B 169 -22.29 0.21 -23.01
N GLU B 170 -21.67 0.99 -23.90
CA GLU B 170 -21.12 0.41 -25.11
C GLU B 170 -19.61 0.24 -24.99
N PHE B 171 -18.92 1.27 -24.50
CA PHE B 171 -17.44 1.29 -24.47
C PHE B 171 -16.75 0.89 -23.18
N ALA B 172 -17.52 0.90 -22.10
CA ALA B 172 -16.97 0.55 -20.80
C ALA B 172 -16.00 1.53 -20.10
N GLU B 173 -15.94 2.77 -20.57
CA GLU B 173 -15.14 3.81 -19.92
C GLU B 173 -15.90 5.08 -20.22
N PRO B 174 -15.65 6.15 -19.49
CA PRO B 174 -16.43 7.38 -19.70
C PRO B 174 -16.05 8.13 -20.96
N PRO B 175 -16.98 8.96 -21.41
CA PRO B 175 -16.73 9.76 -22.62
C PRO B 175 -15.45 10.58 -22.45
N ARG B 176 -15.23 11.09 -21.25
CA ARG B 176 -14.07 11.97 -21.10
C ARG B 176 -12.75 11.29 -21.33
N VAL B 177 -12.80 9.98 -21.33
CA VAL B 177 -11.56 9.28 -21.52
C VAL B 177 -11.54 8.75 -22.94
N THR B 178 -12.67 8.77 -23.63
CA THR B 178 -12.73 8.16 -24.95
C THR B 178 -12.48 9.02 -26.18
N SER B 179 -11.75 8.47 -27.16
CA SER B 179 -11.47 9.19 -28.42
C SER B 179 -12.75 9.50 -29.23
N LEU B 180 -13.03 10.76 -29.53
CA LEU B 180 -14.22 11.07 -30.36
C LEU B 180 -14.09 10.52 -31.80
N GLN B 181 -12.94 10.85 -32.38
CA GLN B 181 -12.65 10.51 -33.76
C GLN B 181 -12.87 9.03 -33.99
N ASN B 182 -12.48 8.22 -33.01
CA ASN B 182 -12.63 6.80 -33.20
C ASN B 182 -13.86 6.11 -32.71
N THR B 183 -14.82 6.85 -32.20
CA THR B 183 -16.01 6.15 -31.71
C THR B 183 -17.28 6.83 -32.14
N VAL B 184 -17.18 8.05 -32.67
CA VAL B 184 -18.42 8.72 -33.01
C VAL B 184 -18.22 9.26 -34.41
N PRO B 185 -18.85 8.68 -35.41
CA PRO B 185 -19.70 7.51 -35.29
C PRO B 185 -18.88 6.22 -35.27
N LEU B 186 -19.56 5.13 -34.96
CA LEU B 186 -18.93 3.82 -34.90
C LEU B 186 -19.17 3.06 -36.21
N ALA B 187 -18.09 2.57 -36.83
CA ALA B 187 -18.19 1.86 -38.10
C ALA B 187 -19.10 0.65 -38.10
N THR B 188 -19.03 -0.09 -37.00
CA THR B 188 -19.89 -1.27 -36.83
C THR B 188 -21.33 -0.90 -37.21
N PHE B 189 -21.81 0.22 -36.67
CA PHE B 189 -23.17 0.64 -36.95
C PHE B 189 -23.33 1.27 -38.32
N SER B 190 -22.38 2.10 -38.71
CA SER B 190 -22.49 2.70 -40.04
C SER B 190 -22.45 1.63 -41.10
N ASP B 191 -21.58 0.65 -40.96
CA ASP B 191 -21.49 -0.35 -42.02
C ASP B 191 -22.46 -1.49 -42.04
N PHE B 192 -22.75 -2.04 -40.87
CA PHE B 192 -23.60 -3.22 -40.80
C PHE B 192 -25.03 -3.01 -40.36
N GLY B 193 -25.30 -1.84 -39.79
CA GLY B 193 -26.67 -1.60 -39.34
C GLY B 193 -26.80 -1.17 -37.89
N ASP B 194 -27.91 -0.48 -37.63
CA ASP B 194 -28.20 0.04 -36.30
C ASP B 194 -28.71 -1.00 -35.34
N ASP B 195 -29.16 -2.14 -35.84
CA ASP B 195 -29.72 -3.07 -34.89
C ASP B 195 -28.70 -3.96 -34.23
N VAL B 196 -29.16 -4.51 -33.09
CA VAL B 196 -28.39 -5.46 -32.30
C VAL B 196 -29.33 -6.57 -31.84
N TYR B 197 -28.77 -7.79 -31.86
CA TYR B 197 -29.55 -8.96 -31.46
C TYR B 197 -28.87 -9.71 -30.34
N PHE B 198 -29.66 -9.93 -29.30
CA PHE B 198 -29.22 -10.61 -28.08
C PHE B 198 -29.33 -12.13 -28.27
N VAL B 199 -28.23 -12.83 -28.16
CA VAL B 199 -28.26 -14.29 -28.28
C VAL B 199 -28.62 -14.93 -26.93
N ALA B 200 -29.66 -15.77 -26.87
CA ALA B 200 -30.11 -16.38 -25.60
C ALA B 200 -30.40 -17.83 -25.95
N ASP B 201 -29.34 -18.59 -26.16
CA ASP B 201 -29.43 -19.98 -26.58
C ASP B 201 -28.50 -20.82 -25.72
N GLN B 202 -29.06 -21.92 -25.24
CA GLN B 202 -28.35 -22.83 -24.37
C GLN B 202 -27.02 -23.36 -24.83
N ARG B 203 -26.80 -23.27 -26.12
CA ARG B 203 -25.52 -23.71 -26.65
C ARG B 203 -24.52 -22.57 -26.55
N GLY B 204 -25.01 -21.35 -26.29
CA GLY B 204 -24.11 -20.18 -26.24
C GLY B 204 -23.56 -19.59 -27.55
N TYR B 205 -23.33 -18.28 -27.50
CA TYR B 205 -22.78 -17.49 -28.59
C TYR B 205 -21.45 -18.16 -29.02
N GLU B 206 -20.74 -18.79 -28.08
CA GLU B 206 -19.46 -19.45 -28.41
C GLU B 206 -19.66 -20.56 -29.45
N ALA B 207 -20.89 -21.02 -29.64
CA ALA B 207 -21.12 -22.04 -30.68
C ALA B 207 -20.60 -21.53 -32.02
N VAL B 208 -20.59 -20.21 -32.20
CA VAL B 208 -20.05 -19.68 -33.43
C VAL B 208 -18.58 -20.06 -33.58
N VAL B 209 -17.85 -20.01 -32.46
CA VAL B 209 -16.42 -20.32 -32.52
C VAL B 209 -16.20 -21.83 -32.74
N TYR B 210 -17.02 -22.64 -32.06
CA TYR B 210 -16.95 -24.09 -32.25
C TYR B 210 -17.23 -24.39 -33.71
N TYR B 211 -18.29 -23.81 -34.28
CA TYR B 211 -18.57 -24.03 -35.71
C TYR B 211 -17.40 -23.70 -36.64
N LEU B 212 -16.75 -22.57 -36.46
CA LEU B 212 -15.67 -22.32 -37.39
C LEU B 212 -14.54 -23.29 -37.26
N ALA B 213 -14.24 -23.63 -36.01
CA ALA B 213 -13.11 -24.50 -35.69
C ALA B 213 -13.29 -25.82 -36.42
N GLY B 214 -14.54 -26.25 -36.37
CA GLY B 214 -14.99 -27.49 -37.00
C GLY B 214 -14.83 -27.44 -38.51
N GLN B 215 -14.81 -26.26 -39.12
CA GLN B 215 -14.67 -26.20 -40.55
C GLN B 215 -13.30 -26.64 -40.96
N TYR B 216 -12.39 -26.86 -40.02
CA TYR B 216 -11.05 -27.23 -40.46
C TYR B 216 -10.21 -28.07 -39.49
N LEU B 217 -10.76 -28.31 -38.31
CA LEU B 217 -10.03 -29.10 -37.35
C LEU B 217 -10.83 -30.37 -37.25
N LYS B 218 -10.16 -31.49 -36.95
CA LYS B 218 -10.87 -32.76 -36.81
C LYS B 218 -11.76 -32.93 -35.58
N THR B 219 -12.98 -33.40 -35.79
CA THR B 219 -13.89 -33.66 -34.67
C THR B 219 -14.31 -35.12 -34.68
N ASP B 220 -14.94 -35.57 -33.62
CA ASP B 220 -15.34 -36.95 -33.54
C ASP B 220 -16.72 -37.10 -34.13
N ASP B 221 -16.95 -38.24 -34.76
CA ASP B 221 -18.25 -38.53 -35.37
C ASP B 221 -19.44 -38.32 -34.45
N LYS B 222 -19.52 -39.00 -33.30
CA LYS B 222 -20.60 -38.56 -32.44
C LYS B 222 -20.05 -37.75 -31.29
N SER B 223 -18.81 -37.33 -31.31
CA SER B 223 -18.53 -36.56 -30.11
C SER B 223 -19.01 -35.19 -30.62
N GLY B 224 -18.49 -34.92 -31.80
CA GLY B 224 -18.68 -33.67 -32.50
C GLY B 224 -17.58 -32.87 -31.80
N LYS B 225 -16.92 -33.52 -30.85
CA LYS B 225 -15.86 -32.90 -30.10
C LYS B 225 -14.67 -32.75 -30.98
N ILE B 226 -14.02 -31.61 -30.91
CA ILE B 226 -12.84 -31.49 -31.74
C ILE B 226 -11.85 -32.43 -31.07
N VAL B 227 -11.04 -33.08 -31.90
CA VAL B 227 -10.06 -34.04 -31.44
C VAL B 227 -8.83 -33.90 -32.29
N ASP B 228 -8.81 -32.87 -33.11
CA ASP B 228 -7.63 -32.69 -33.93
C ASP B 228 -6.52 -32.40 -32.94
N PRO B 229 -5.38 -33.01 -33.17
CA PRO B 229 -4.24 -32.79 -32.32
C PRO B 229 -3.56 -31.46 -32.61
N ARG B 230 -4.05 -30.66 -33.55
CA ARG B 230 -3.37 -29.38 -33.79
C ARG B 230 -3.83 -28.34 -32.76
N LEU B 231 -4.90 -28.70 -32.07
CA LEU B 231 -5.48 -27.89 -31.02
C LEU B 231 -5.03 -28.45 -29.66
N GLN B 232 -4.25 -27.69 -28.89
CA GLN B 232 -3.90 -28.23 -27.56
C GLN B 232 -4.48 -27.35 -26.46
N LEU B 233 -5.42 -27.84 -25.67
CA LEU B 233 -5.94 -27.02 -24.59
C LEU B 233 -5.05 -27.06 -23.36
N ASN B 234 -5.38 -26.28 -22.35
CA ASN B 234 -4.56 -26.29 -21.14
C ASN B 234 -3.08 -26.08 -21.40
N LYS B 235 -2.79 -25.20 -22.34
CA LYS B 235 -1.41 -24.89 -22.63
C LYS B 235 -1.19 -23.39 -22.54
N VAL B 236 -0.62 -22.94 -21.44
CA VAL B 236 -0.36 -21.53 -21.24
C VAL B 236 0.97 -21.11 -21.79
N VAL B 237 0.98 -20.27 -22.81
CA VAL B 237 2.27 -19.84 -23.34
C VAL B 237 2.88 -18.82 -22.41
N ARG B 238 4.13 -19.05 -21.97
CA ARG B 238 4.74 -18.11 -21.02
C ARG B 238 5.94 -17.47 -21.65
N GLU B 239 6.38 -18.02 -22.78
CA GLU B 239 7.54 -17.37 -23.38
C GLU B 239 7.58 -17.57 -24.88
N ILE B 240 8.02 -16.53 -25.60
CA ILE B 240 8.15 -16.60 -27.05
C ILE B 240 9.50 -16.05 -27.42
N LYS B 241 10.35 -16.93 -27.96
CA LYS B 241 11.70 -16.52 -28.38
C LYS B 241 11.60 -16.46 -29.90
N TYR B 242 12.18 -15.43 -30.52
CA TYR B 242 12.03 -15.29 -31.97
C TYR B 242 13.34 -14.80 -32.54
N SER B 243 13.62 -15.28 -33.75
CA SER B 243 14.84 -14.91 -34.47
C SER B 243 14.59 -14.95 -35.99
N PRO B 244 15.57 -14.43 -36.73
CA PRO B 244 15.53 -14.33 -38.17
C PRO B 244 15.21 -15.68 -38.71
N GLY B 245 15.67 -16.69 -38.00
CA GLY B 245 15.39 -18.01 -38.49
C GLY B 245 14.07 -18.63 -38.11
N GLY B 246 13.55 -18.26 -36.94
CA GLY B 246 12.31 -18.91 -36.56
C GLY B 246 11.93 -18.47 -35.16
N VAL B 247 11.03 -19.28 -34.64
CA VAL B 247 10.46 -19.02 -33.33
C VAL B 247 10.35 -20.24 -32.40
N THR B 248 10.45 -19.98 -31.10
CA THR B 248 10.31 -21.05 -30.11
C THR B 248 9.35 -20.54 -29.09
N VAL B 249 8.45 -21.43 -28.72
CA VAL B 249 7.38 -21.14 -27.80
C VAL B 249 7.42 -22.15 -26.66
N LYS B 250 7.33 -21.65 -25.42
CA LYS B 250 7.32 -22.49 -24.21
C LYS B 250 6.08 -22.23 -23.38
N THR B 251 5.48 -23.31 -22.90
CA THR B 251 4.33 -23.24 -22.05
C THR B 251 4.68 -23.45 -20.59
N GLU B 252 3.72 -23.14 -19.73
CA GLU B 252 3.91 -23.32 -18.30
C GLU B 252 4.17 -24.75 -17.91
N ASP B 253 3.60 -25.71 -18.62
CA ASP B 253 3.88 -27.06 -18.19
C ASP B 253 5.16 -27.51 -18.86
N ASN B 254 6.00 -26.55 -19.20
CA ASN B 254 7.29 -26.92 -19.77
C ASN B 254 7.37 -27.46 -21.21
N SER B 255 6.25 -27.45 -21.94
CA SER B 255 6.30 -27.90 -23.33
C SER B 255 7.03 -26.88 -24.15
N VAL B 256 7.68 -27.36 -25.20
CA VAL B 256 8.47 -26.44 -26.02
C VAL B 256 8.14 -26.79 -27.46
N TYR B 257 7.96 -25.78 -28.30
CA TYR B 257 7.58 -26.00 -29.68
C TYR B 257 8.31 -25.01 -30.55
N SER B 258 8.49 -25.40 -31.82
CA SER B 258 9.19 -24.57 -32.80
C SER B 258 8.34 -24.34 -34.05
N ALA B 259 8.54 -23.21 -34.72
CA ALA B 259 7.74 -22.97 -35.93
C ALA B 259 8.40 -21.89 -36.75
N ASP B 260 7.82 -21.60 -37.91
CA ASP B 260 8.42 -20.55 -38.70
C ASP B 260 7.90 -19.21 -38.23
N TYR B 261 6.67 -19.24 -37.69
CA TYR B 261 6.01 -18.03 -37.19
C TYR B 261 5.07 -18.31 -36.02
N VAL B 262 4.73 -17.25 -35.28
CA VAL B 262 3.76 -17.37 -34.20
C VAL B 262 2.77 -16.21 -34.36
N MET B 263 1.52 -16.54 -34.12
CA MET B 263 0.47 -15.54 -34.22
C MET B 263 -0.07 -15.42 -32.79
N VAL B 264 0.06 -14.24 -32.19
CA VAL B 264 -0.43 -14.00 -30.83
C VAL B 264 -1.82 -13.37 -30.78
N SER B 265 -2.81 -14.10 -30.26
CA SER B 265 -4.19 -13.64 -30.14
C SER B 265 -4.69 -13.24 -28.74
N ALA B 266 -3.82 -13.31 -27.75
CA ALA B 266 -4.17 -12.97 -26.37
C ALA B 266 -4.62 -11.50 -26.27
N SER B 267 -5.54 -11.20 -25.36
CA SER B 267 -6.02 -9.84 -25.24
C SER B 267 -4.95 -8.79 -24.99
N LEU B 268 -5.41 -7.56 -25.21
CA LEU B 268 -4.56 -6.42 -24.96
C LEU B 268 -4.15 -6.45 -23.49
N GLY B 269 -5.09 -6.80 -22.60
CA GLY B 269 -4.85 -6.83 -21.15
C GLY B 269 -3.76 -7.88 -20.81
N VAL B 270 -3.82 -9.01 -21.50
CA VAL B 270 -2.77 -10.00 -21.26
C VAL B 270 -1.43 -9.41 -21.67
N LEU B 271 -1.44 -8.74 -22.82
CA LEU B 271 -0.20 -8.12 -23.26
C LEU B 271 0.30 -7.05 -22.28
N GLN B 272 -0.60 -6.32 -21.65
CA GLN B 272 -0.14 -5.28 -20.73
C GLN B 272 0.31 -5.87 -19.39
N SER B 273 -0.10 -7.10 -19.10
CA SER B 273 0.26 -7.73 -17.84
C SER B 273 1.53 -8.39 -18.33
N ASP B 274 2.32 -9.08 -17.55
CA ASP B 274 3.43 -9.58 -18.41
C ASP B 274 3.41 -11.10 -18.52
N LEU B 275 2.24 -11.63 -18.82
CA LEU B 275 2.11 -13.06 -18.83
C LEU B 275 3.05 -13.74 -19.82
N ILE B 276 3.18 -13.19 -21.02
CA ILE B 276 4.04 -13.82 -21.98
C ILE B 276 5.34 -13.07 -22.04
N GLN B 277 6.44 -13.80 -21.88
CA GLN B 277 7.72 -13.14 -21.98
C GLN B 277 8.23 -13.27 -23.40
N PHE B 278 8.71 -12.15 -23.94
CA PHE B 278 9.23 -12.06 -25.30
C PHE B 278 10.73 -11.99 -25.23
N LYS B 279 11.35 -12.75 -26.11
CA LYS B 279 12.80 -12.81 -26.11
C LYS B 279 13.26 -12.93 -27.55
N PRO B 280 13.93 -11.89 -27.98
CA PRO B 280 14.19 -10.70 -27.16
C PRO B 280 12.94 -9.85 -26.84
N LYS B 281 13.14 -8.93 -25.89
CA LYS B 281 12.07 -8.03 -25.43
C LYS B 281 11.53 -7.25 -26.61
N LEU B 282 10.23 -6.97 -26.61
CA LEU B 282 9.62 -6.20 -27.70
C LEU B 282 10.27 -4.81 -27.74
N PRO B 283 10.32 -4.21 -28.93
CA PRO B 283 10.89 -2.88 -29.04
C PRO B 283 10.05 -1.86 -28.29
N THR B 284 10.70 -0.81 -27.86
CA THR B 284 10.03 0.22 -27.11
C THR B 284 8.83 0.77 -27.82
N TRP B 285 8.97 0.99 -29.13
CA TRP B 285 7.83 1.58 -29.80
C TRP B 285 6.64 0.68 -29.62
N LYS B 286 6.89 -0.62 -29.66
CA LYS B 286 5.79 -1.57 -29.51
C LYS B 286 5.25 -1.55 -28.06
N VAL B 287 6.19 -1.53 -27.12
CA VAL B 287 5.78 -1.50 -25.73
C VAL B 287 4.95 -0.28 -25.43
N ARG B 288 5.35 0.86 -25.95
CA ARG B 288 4.54 2.02 -25.65
C ARG B 288 3.16 1.97 -26.26
N ALA B 289 3.09 1.42 -27.46
CA ALA B 289 1.82 1.34 -28.16
C ALA B 289 0.90 0.42 -27.32
N ILE B 290 1.47 -0.65 -26.79
CA ILE B 290 0.67 -1.54 -25.97
C ILE B 290 0.13 -0.84 -24.69
N TYR B 291 0.96 -0.10 -23.97
CA TYR B 291 0.50 0.53 -22.73
C TYR B 291 -0.47 1.69 -22.87
N GLN B 292 -0.41 2.32 -24.04
CA GLN B 292 -1.27 3.47 -24.30
C GLN B 292 -2.69 3.19 -24.58
N PHE B 293 -2.94 2.05 -25.20
CA PHE B 293 -4.32 1.71 -25.49
C PHE B 293 -4.98 1.23 -24.18
N ASP B 294 -6.29 1.33 -24.06
CA ASP B 294 -6.95 0.93 -22.83
C ASP B 294 -7.63 -0.43 -22.90
N MET B 295 -7.54 -1.24 -21.83
CA MET B 295 -8.26 -2.52 -21.81
C MET B 295 -9.42 -2.25 -20.83
N ALA B 296 -10.68 -2.19 -21.27
CA ALA B 296 -11.79 -1.87 -20.35
C ALA B 296 -12.37 -3.09 -19.64
N VAL B 297 -13.28 -2.86 -18.70
CA VAL B 297 -13.89 -3.97 -17.98
C VAL B 297 -15.38 -3.67 -17.90
N TYR B 298 -16.20 -4.66 -18.24
CA TYR B 298 -17.65 -4.56 -18.32
C TYR B 298 -18.18 -5.76 -17.54
N THR B 299 -18.87 -5.50 -16.44
CA THR B 299 -19.29 -6.59 -15.54
C THR B 299 -20.77 -6.80 -15.58
N LYS B 300 -21.13 -8.01 -16.00
CA LYS B 300 -22.52 -8.40 -16.11
C LYS B 300 -23.00 -9.06 -14.83
N ILE B 301 -23.64 -8.31 -13.95
CA ILE B 301 -24.06 -8.94 -12.71
C ILE B 301 -25.46 -9.54 -12.80
N PHE B 302 -25.53 -10.87 -12.84
CA PHE B 302 -26.80 -11.58 -12.84
C PHE B 302 -27.34 -11.81 -11.47
N LEU B 303 -28.65 -11.69 -11.32
CA LEU B 303 -29.31 -11.86 -10.01
C LEU B 303 -30.57 -12.69 -10.19
N LYS B 304 -30.79 -13.61 -9.25
CA LYS B 304 -31.95 -14.50 -9.25
C LYS B 304 -32.86 -14.26 -8.06
N PHE B 305 -34.16 -14.12 -8.30
CA PHE B 305 -35.09 -13.85 -7.20
C PHE B 305 -36.19 -14.89 -7.07
N PRO B 306 -36.73 -15.01 -5.88
CA PRO B 306 -37.79 -16.00 -5.65
C PRO B 306 -39.11 -15.53 -6.27
N ARG B 307 -39.20 -14.27 -6.68
CA ARG B 307 -40.41 -13.80 -7.33
C ARG B 307 -40.09 -12.50 -8.08
N LYS B 308 -40.94 -12.13 -9.05
CA LYS B 308 -40.77 -10.91 -9.82
C LYS B 308 -41.38 -9.75 -9.05
N PHE B 309 -40.80 -8.56 -9.20
CA PHE B 309 -41.38 -7.42 -8.52
C PHE B 309 -41.23 -6.20 -9.43
N TRP B 310 -40.71 -6.42 -10.63
CA TRP B 310 -40.47 -5.35 -11.61
C TRP B 310 -41.44 -5.49 -12.77
N PRO B 311 -41.61 -4.42 -13.56
CA PRO B 311 -42.45 -4.44 -14.75
C PRO B 311 -42.00 -5.37 -15.88
N GLU B 312 -42.95 -5.94 -16.60
CA GLU B 312 -42.69 -6.74 -17.81
C GLU B 312 -43.67 -6.29 -18.90
N GLY B 313 -43.31 -6.38 -20.17
CA GLY B 313 -44.26 -5.89 -21.14
C GLY B 313 -43.56 -4.97 -22.12
N LYS B 314 -44.34 -4.38 -23.02
CA LYS B 314 -43.82 -3.49 -24.05
C LYS B 314 -42.94 -2.44 -23.43
N GLY B 315 -41.74 -2.38 -24.00
CA GLY B 315 -40.72 -1.40 -23.60
C GLY B 315 -40.15 -1.63 -22.18
N ARG B 316 -40.51 -2.78 -21.60
CA ARG B 316 -40.03 -3.12 -20.27
C ARG B 316 -38.64 -3.73 -20.12
N GLU B 317 -38.09 -4.24 -21.21
CA GLU B 317 -36.80 -4.93 -21.17
C GLU B 317 -35.58 -4.20 -20.56
N PHE B 318 -35.44 -2.92 -20.91
CA PHE B 318 -34.35 -2.08 -20.44
C PHE B 318 -34.81 -0.97 -19.52
N PHE B 319 -34.13 -0.80 -18.40
CA PHE B 319 -34.52 0.26 -17.51
C PHE B 319 -33.27 0.85 -16.84
N LEU B 320 -33.37 2.12 -16.47
CA LEU B 320 -32.25 2.82 -15.87
C LEU B 320 -32.53 3.32 -14.48
N TYR B 321 -31.47 3.35 -13.69
CA TYR B 321 -31.50 3.86 -12.34
C TYR B 321 -30.69 5.16 -12.31
N ALA B 322 -31.37 6.28 -12.09
CA ALA B 322 -30.75 7.60 -12.08
C ALA B 322 -30.12 7.93 -10.73
N SER B 323 -29.02 7.28 -10.44
CA SER B 323 -28.36 7.58 -9.19
C SER B 323 -27.68 8.96 -9.18
N SER B 324 -27.53 9.63 -8.03
CA SER B 324 -26.82 10.90 -8.10
C SER B 324 -25.32 10.52 -8.20
N ARG B 325 -25.00 9.25 -8.07
CA ARG B 325 -23.60 8.79 -8.13
C ARG B 325 -23.42 8.13 -9.51
N ARG B 326 -22.71 8.80 -10.41
CA ARG B 326 -22.56 8.35 -11.79
C ARG B 326 -22.07 6.92 -11.89
N GLY B 327 -22.76 6.14 -12.73
CA GLY B 327 -22.39 4.77 -12.98
C GLY B 327 -22.78 3.78 -11.90
N TYR B 328 -23.53 4.22 -10.89
CA TYR B 328 -23.91 3.36 -9.79
C TYR B 328 -25.11 2.44 -10.10
N TYR B 329 -24.85 1.16 -10.38
CA TYR B 329 -25.89 0.16 -10.68
C TYR B 329 -26.95 0.79 -11.60
N GLY B 330 -26.50 1.39 -12.69
CA GLY B 330 -27.38 2.14 -13.57
C GLY B 330 -28.16 1.49 -14.72
N VAL B 331 -27.62 0.44 -15.32
CA VAL B 331 -28.29 -0.14 -16.48
C VAL B 331 -28.79 -1.52 -16.22
N TRP B 332 -30.12 -1.63 -16.28
CA TRP B 332 -30.83 -2.88 -16.01
C TRP B 332 -31.48 -3.52 -17.21
N GLN B 333 -31.60 -4.84 -17.15
CA GLN B 333 -32.28 -5.58 -18.20
C GLN B 333 -33.10 -6.74 -17.60
N GLU B 334 -34.37 -6.85 -17.98
CA GLU B 334 -35.24 -7.96 -17.54
C GLU B 334 -35.41 -8.97 -18.67
N PHE B 335 -35.51 -10.25 -18.33
CA PHE B 335 -35.57 -11.26 -19.37
C PHE B 335 -36.85 -11.97 -19.77
N GLU B 336 -37.98 -11.26 -19.72
CA GLU B 336 -39.28 -11.84 -20.11
C GLU B 336 -39.17 -12.68 -21.40
N LYS B 337 -38.42 -12.27 -22.40
CA LYS B 337 -38.33 -13.11 -23.59
C LYS B 337 -37.19 -14.13 -23.49
N GLN B 338 -36.03 -13.65 -23.06
CA GLN B 338 -34.91 -14.57 -23.05
C GLN B 338 -35.02 -15.71 -22.05
N TYR B 339 -35.36 -15.47 -20.79
CA TYR B 339 -35.40 -16.56 -19.80
C TYR B 339 -36.72 -16.47 -19.08
N PRO B 340 -37.78 -16.72 -19.84
CA PRO B 340 -39.12 -16.56 -19.30
C PRO B 340 -39.32 -17.25 -17.96
N ASP B 341 -39.94 -16.52 -17.05
CA ASP B 341 -40.26 -17.06 -15.73
C ASP B 341 -39.08 -17.46 -14.85
N ALA B 342 -37.84 -17.18 -15.29
CA ALA B 342 -36.70 -17.50 -14.46
C ALA B 342 -36.49 -16.48 -13.33
N ASN B 343 -37.16 -15.33 -13.35
CA ASN B 343 -36.96 -14.35 -12.28
C ASN B 343 -35.54 -13.80 -12.15
N VAL B 344 -34.87 -13.63 -13.28
CA VAL B 344 -33.52 -13.12 -13.28
C VAL B 344 -33.43 -11.68 -13.76
N LEU B 345 -32.53 -10.89 -13.18
CA LEU B 345 -32.30 -9.51 -13.62
C LEU B 345 -30.80 -9.46 -13.83
N LEU B 346 -30.39 -8.55 -14.72
CA LEU B 346 -29.00 -8.29 -15.07
C LEU B 346 -28.76 -6.77 -14.96
N VAL B 347 -27.80 -6.42 -14.10
CA VAL B 347 -27.39 -5.03 -13.95
C VAL B 347 -25.94 -4.99 -14.45
N THR B 348 -25.62 -3.97 -15.24
CA THR B 348 -24.28 -3.89 -15.79
C THR B 348 -23.48 -2.73 -15.24
N VAL B 349 -22.22 -2.98 -14.90
CA VAL B 349 -21.41 -1.87 -14.41
C VAL B 349 -20.07 -1.97 -15.13
N THR B 350 -19.27 -0.91 -15.02
CA THR B 350 -17.99 -0.94 -15.70
C THR B 350 -16.91 -0.16 -14.95
N ASP B 351 -15.73 -0.22 -15.54
CA ASP B 351 -14.66 0.68 -15.17
C ASP B 351 -14.43 0.77 -13.67
N GLU B 352 -14.53 1.96 -13.07
CA GLU B 352 -14.24 2.06 -11.63
C GLU B 352 -15.11 1.14 -10.77
N GLU B 353 -16.40 1.12 -11.07
CA GLU B 353 -17.25 0.26 -10.27
C GLU B 353 -16.85 -1.19 -10.48
N SER B 354 -16.50 -1.58 -11.72
CA SER B 354 -16.10 -2.97 -11.97
C SER B 354 -14.93 -3.32 -11.07
N ARG B 355 -13.91 -2.44 -11.08
CA ARG B 355 -12.75 -2.80 -10.23
C ARG B 355 -13.04 -2.89 -8.75
N ARG B 356 -13.95 -2.02 -8.29
CA ARG B 356 -14.29 -2.02 -6.87
C ARG B 356 -15.03 -3.33 -6.59
N ILE B 357 -15.98 -3.58 -7.47
CA ILE B 357 -16.80 -4.75 -7.24
C ILE B 357 -16.03 -6.07 -7.33
N GLU B 358 -15.08 -6.15 -8.26
CA GLU B 358 -14.33 -7.41 -8.33
C GLU B 358 -13.59 -7.69 -7.04
N GLN B 359 -13.21 -6.60 -6.35
CA GLN B 359 -12.43 -6.74 -5.12
C GLN B 359 -13.19 -6.97 -3.83
N GLN B 360 -14.49 -7.18 -3.86
CA GLN B 360 -15.23 -7.38 -2.61
C GLN B 360 -16.10 -8.62 -2.74
N SER B 361 -16.74 -9.03 -1.66
CA SER B 361 -17.55 -10.24 -1.80
C SER B 361 -18.80 -10.07 -2.63
N ASP B 362 -19.27 -11.17 -3.19
CA ASP B 362 -20.52 -11.11 -3.94
C ASP B 362 -21.66 -10.77 -2.98
N GLU B 363 -21.52 -11.13 -1.71
CA GLU B 363 -22.57 -10.85 -0.72
C GLU B 363 -22.66 -9.37 -0.51
N GLN B 364 -21.51 -8.70 -0.50
CA GLN B 364 -21.59 -7.26 -0.29
C GLN B 364 -22.22 -6.56 -1.49
N THR B 365 -21.87 -7.04 -2.67
CA THR B 365 -22.42 -6.39 -3.86
C THR B 365 -23.92 -6.68 -3.88
N LYS B 366 -24.32 -7.87 -3.45
CA LYS B 366 -25.74 -8.15 -3.48
C LYS B 366 -26.49 -7.22 -2.55
N ALA B 367 -25.87 -6.95 -1.40
CA ALA B 367 -26.56 -6.08 -0.49
C ALA B 367 -26.68 -4.63 -1.04
N GLU B 368 -25.66 -4.18 -1.77
CA GLU B 368 -25.71 -2.84 -2.35
C GLU B 368 -26.85 -2.85 -3.39
N ILE B 369 -26.92 -3.94 -4.13
CA ILE B 369 -27.95 -3.96 -5.16
C ILE B 369 -29.34 -4.03 -4.58
N MET B 370 -29.51 -4.73 -3.47
CA MET B 370 -30.82 -4.84 -2.81
C MET B 370 -31.27 -3.48 -2.36
N GLN B 371 -30.33 -2.70 -1.85
CA GLN B 371 -30.69 -1.37 -1.42
C GLN B 371 -31.17 -0.55 -2.61
N VAL B 372 -30.49 -0.64 -3.76
CA VAL B 372 -30.95 0.10 -4.94
C VAL B 372 -32.36 -0.33 -5.37
N LEU B 373 -32.56 -1.63 -5.50
CA LEU B 373 -33.87 -2.17 -5.90
C LEU B 373 -35.07 -1.73 -5.05
N ARG B 374 -34.85 -1.66 -3.75
CA ARG B 374 -35.89 -1.25 -2.81
C ARG B 374 -36.20 0.24 -2.90
N LYS B 375 -35.19 1.03 -3.32
CA LYS B 375 -35.39 2.46 -3.49
C LYS B 375 -36.16 2.61 -4.81
N MET B 376 -35.90 1.73 -5.77
CA MET B 376 -36.56 1.74 -7.06
C MET B 376 -38.02 1.33 -7.01
N PHE B 377 -38.33 0.30 -6.23
CA PHE B 377 -39.70 -0.23 -6.18
C PHE B 377 -40.16 -0.27 -4.76
N PRO B 378 -40.27 0.92 -4.19
CA PRO B 378 -40.64 1.05 -2.81
C PRO B 378 -42.02 0.49 -2.45
N GLY B 379 -42.96 0.52 -3.36
CA GLY B 379 -44.24 -0.03 -2.93
C GLY B 379 -44.38 -1.54 -3.07
N LYS B 380 -43.33 -2.17 -3.58
CA LYS B 380 -43.38 -3.59 -3.80
C LYS B 380 -42.74 -4.24 -2.56
N ASP B 381 -42.84 -5.55 -2.43
CA ASP B 381 -42.14 -6.25 -1.35
C ASP B 381 -41.02 -6.99 -2.10
N VAL B 382 -39.85 -6.38 -2.06
CA VAL B 382 -38.73 -6.87 -2.79
C VAL B 382 -37.96 -7.94 -2.05
N PRO B 383 -38.08 -9.17 -2.55
CA PRO B 383 -37.37 -10.22 -1.90
C PRO B 383 -35.88 -10.17 -2.21
N ASP B 384 -35.07 -10.55 -1.21
CA ASP B 384 -33.63 -10.61 -1.40
C ASP B 384 -33.26 -11.60 -2.51
N ALA B 385 -32.29 -11.27 -3.36
CA ALA B 385 -31.87 -12.19 -4.41
C ALA B 385 -31.36 -13.48 -3.77
N THR B 386 -31.73 -14.61 -4.33
CA THR B 386 -31.23 -15.86 -3.78
C THR B 386 -29.96 -16.29 -4.48
N ASP B 387 -29.59 -15.60 -5.54
CA ASP B 387 -28.37 -16.03 -6.17
C ASP B 387 -27.83 -14.82 -6.91
N ILE B 388 -26.51 -14.76 -7.09
CA ILE B 388 -25.89 -13.64 -7.80
C ILE B 388 -24.65 -14.13 -8.49
N LEU B 389 -24.35 -13.61 -9.67
CA LEU B 389 -23.15 -13.99 -10.40
C LEU B 389 -22.40 -12.72 -10.81
N VAL B 390 -21.17 -12.61 -10.31
CA VAL B 390 -20.31 -11.46 -10.59
C VAL B 390 -19.12 -11.91 -11.43
N PRO B 391 -19.16 -11.73 -12.74
CA PRO B 391 -18.04 -12.19 -13.56
C PRO B 391 -16.80 -11.39 -13.19
N ARG B 392 -15.64 -12.06 -13.14
CA ARG B 392 -14.42 -11.33 -12.75
C ARG B 392 -13.36 -11.35 -13.82
N TRP B 393 -13.66 -10.71 -14.95
CA TRP B 393 -12.72 -10.72 -16.07
C TRP B 393 -11.41 -10.01 -15.82
N TRP B 394 -11.44 -8.91 -15.09
CA TRP B 394 -10.22 -8.15 -14.90
C TRP B 394 -9.25 -8.95 -14.05
N SER B 395 -9.78 -9.69 -13.08
CA SER B 395 -8.94 -10.52 -12.20
C SER B 395 -8.47 -11.79 -12.91
N ASP B 396 -9.05 -12.14 -14.05
CA ASP B 396 -8.59 -13.38 -14.68
C ASP B 396 -7.31 -13.16 -15.48
N ARG B 397 -6.24 -13.85 -15.12
CA ARG B 397 -4.98 -13.61 -15.81
C ARG B 397 -5.00 -13.89 -17.30
N PHE B 398 -5.94 -14.69 -17.79
CA PHE B 398 -5.89 -14.96 -19.23
C PHE B 398 -6.65 -13.87 -19.97
N TYR B 399 -7.25 -12.91 -19.28
CA TYR B 399 -8.04 -11.83 -19.94
C TYR B 399 -7.70 -10.40 -19.47
N LYS B 400 -7.66 -10.18 -18.18
CA LYS B 400 -7.30 -8.90 -17.60
C LYS B 400 -8.21 -7.77 -18.08
N GLY B 401 -9.47 -8.02 -18.29
CA GLY B 401 -10.41 -6.98 -18.76
C GLY B 401 -11.38 -7.69 -19.74
N THR B 402 -12.29 -6.92 -20.32
CA THR B 402 -13.30 -7.42 -21.24
C THR B 402 -13.08 -7.09 -22.71
N PHE B 403 -12.64 -5.86 -23.02
CA PHE B 403 -12.42 -5.42 -24.41
C PHE B 403 -11.71 -4.07 -24.41
N SER B 404 -11.00 -3.83 -25.49
CA SER B 404 -10.24 -2.60 -25.66
C SER B 404 -11.18 -1.41 -25.88
N ASN B 405 -10.66 -0.24 -25.60
CA ASN B 405 -11.36 1.03 -25.80
C ASN B 405 -10.28 1.98 -26.33
N TRP B 406 -10.62 2.79 -27.33
CA TRP B 406 -9.66 3.70 -27.94
C TRP B 406 -9.69 5.02 -27.15
N PRO B 407 -8.62 5.31 -26.42
CA PRO B 407 -8.57 6.52 -25.58
C PRO B 407 -8.13 7.77 -26.32
N VAL B 408 -8.52 8.94 -25.80
CA VAL B 408 -8.02 10.16 -26.41
C VAL B 408 -6.51 10.11 -26.11
N GLY B 409 -5.71 10.49 -27.09
CA GLY B 409 -4.28 10.41 -26.91
C GLY B 409 -3.68 9.36 -27.84
N VAL B 410 -4.38 8.29 -28.20
CA VAL B 410 -3.74 7.33 -29.10
C VAL B 410 -4.08 7.72 -30.54
N ASN B 411 -3.03 7.90 -31.35
CA ASN B 411 -3.23 8.26 -32.73
C ASN B 411 -3.14 7.14 -33.71
N ARG B 412 -3.44 7.49 -34.95
CA ARG B 412 -3.54 6.47 -36.00
C ARG B 412 -2.24 5.69 -36.10
N TYR B 413 -1.15 6.43 -36.13
CA TYR B 413 0.11 5.72 -36.27
C TYR B 413 0.40 4.86 -35.03
N GLU B 414 0.13 5.38 -33.84
CA GLU B 414 0.34 4.60 -32.64
C GLU B 414 -0.53 3.35 -32.68
N TYR B 415 -1.77 3.46 -33.20
CA TYR B 415 -2.58 2.27 -33.22
C TYR B 415 -1.99 1.23 -34.17
N ASP B 416 -1.37 1.69 -35.25
CA ASP B 416 -0.82 0.71 -36.17
C ASP B 416 0.38 0.01 -35.48
N GLN B 417 1.14 0.72 -34.66
CA GLN B 417 2.26 0.08 -34.01
C GLN B 417 1.77 -1.03 -33.09
N LEU B 418 0.57 -0.82 -32.55
CA LEU B 418 0.02 -1.83 -31.67
C LEU B 418 -0.22 -3.11 -32.46
N ARG B 419 -0.67 -2.97 -33.70
CA ARG B 419 -0.99 -4.14 -34.54
C ARG B 419 0.26 -4.77 -35.17
N ALA B 420 1.23 -3.92 -35.43
CA ALA B 420 2.39 -4.39 -36.17
C ALA B 420 3.10 -5.62 -35.67
N PRO B 421 3.49 -6.46 -36.64
CA PRO B 421 4.23 -7.69 -36.34
C PRO B 421 5.66 -7.32 -35.94
N VAL B 422 6.38 -8.19 -35.24
CA VAL B 422 7.76 -7.93 -34.83
C VAL B 422 8.46 -9.22 -35.24
N GLY B 423 9.31 -9.06 -36.25
CA GLY B 423 10.00 -10.21 -36.84
C GLY B 423 8.94 -11.21 -37.26
N ARG B 424 9.12 -12.45 -36.78
CA ARG B 424 8.22 -13.54 -37.09
C ARG B 424 7.06 -13.61 -36.12
N VAL B 425 6.92 -12.57 -35.30
CA VAL B 425 5.80 -12.56 -34.35
C VAL B 425 4.65 -11.69 -34.86
N TYR B 426 3.48 -12.29 -35.10
CA TYR B 426 2.29 -11.57 -35.54
C TYR B 426 1.28 -11.38 -34.41
N PHE B 427 0.47 -10.34 -34.52
CA PHE B 427 -0.55 -10.13 -33.50
C PHE B 427 -1.90 -10.11 -34.14
N THR B 428 -2.91 -10.46 -33.40
CA THR B 428 -4.27 -10.42 -33.89
C THR B 428 -5.18 -10.28 -32.66
N GLY B 429 -6.49 -10.19 -32.86
CA GLY B 429 -7.46 -10.04 -31.76
C GLY B 429 -8.22 -8.73 -31.98
N GLU B 430 -9.34 -8.62 -31.28
CA GLU B 430 -10.16 -7.42 -31.39
C GLU B 430 -9.44 -6.09 -31.28
N HIS B 431 -8.42 -6.04 -30.43
CA HIS B 431 -7.69 -4.77 -30.27
C HIS B 431 -6.91 -4.52 -31.55
N THR B 432 -6.85 -5.48 -32.48
CA THR B 432 -6.09 -5.16 -33.67
C THR B 432 -7.01 -4.80 -34.84
N SER B 433 -8.33 -4.73 -34.62
CA SER B 433 -9.28 -4.39 -35.69
C SER B 433 -9.29 -2.86 -35.88
N GLU B 434 -8.88 -2.35 -37.06
CA GLU B 434 -8.87 -0.90 -37.26
C GLU B 434 -10.22 -0.28 -37.16
N HIS B 435 -11.24 -0.91 -37.72
CA HIS B 435 -12.53 -0.29 -37.63
C HIS B 435 -13.51 -0.89 -36.70
N TYR B 436 -13.22 -2.11 -36.26
CA TYR B 436 -14.20 -2.73 -35.36
C TYR B 436 -13.65 -3.17 -34.02
N ASN B 437 -12.65 -2.46 -33.51
CA ASN B 437 -12.03 -2.85 -32.25
C ASN B 437 -13.09 -3.03 -31.20
N GLY B 438 -12.88 -4.04 -30.37
CA GLY B 438 -13.77 -4.37 -29.27
C GLY B 438 -14.82 -5.45 -29.58
N TYR B 439 -15.30 -5.59 -30.81
CA TYR B 439 -16.37 -6.54 -31.15
C TYR B 439 -16.01 -7.97 -31.57
N VAL B 440 -16.98 -8.88 -31.41
CA VAL B 440 -16.82 -10.26 -31.88
C VAL B 440 -16.51 -10.30 -33.39
N HIS B 441 -17.15 -9.41 -34.16
CA HIS B 441 -16.87 -9.35 -35.59
C HIS B 441 -15.52 -8.76 -35.86
N GLY B 442 -15.12 -7.88 -34.96
CA GLY B 442 -13.80 -7.27 -35.11
C GLY B 442 -12.74 -8.36 -34.84
N ALA B 443 -13.00 -9.21 -33.84
CA ALA B 443 -12.05 -10.30 -33.56
C ALA B 443 -11.98 -11.22 -34.81
N TYR B 444 -13.17 -11.60 -35.27
CA TYR B 444 -13.26 -12.49 -36.41
C TYR B 444 -12.51 -11.93 -37.60
N LEU B 445 -12.78 -10.68 -37.96
CA LEU B 445 -12.06 -10.11 -39.10
C LEU B 445 -10.60 -9.92 -38.81
N SER B 446 -10.24 -9.57 -37.58
CA SER B 446 -8.81 -9.32 -37.34
C SER B 446 -8.04 -10.63 -37.58
N GLY B 447 -8.66 -11.77 -37.27
CA GLY B 447 -7.99 -13.07 -37.49
C GLY B 447 -7.61 -13.25 -38.98
N ILE B 448 -8.60 -13.05 -39.85
CA ILE B 448 -8.38 -13.16 -41.30
C ILE B 448 -7.36 -12.13 -41.69
N ASP B 449 -7.49 -10.91 -41.17
CA ASP B 449 -6.45 -9.98 -41.59
C ASP B 449 -5.00 -10.24 -41.24
N SER B 450 -4.77 -10.68 -40.02
CA SER B 450 -3.41 -10.95 -39.55
C SER B 450 -2.88 -12.15 -40.33
N ALA B 451 -3.77 -13.11 -40.50
CA ALA B 451 -3.37 -14.31 -41.24
C ALA B 451 -2.88 -13.94 -42.64
N GLU B 452 -3.66 -13.10 -43.32
CA GLU B 452 -3.25 -12.71 -44.66
C GLU B 452 -1.94 -11.97 -44.69
N ILE B 453 -1.72 -11.18 -43.67
CA ILE B 453 -0.44 -10.49 -43.68
C ILE B 453 0.62 -11.58 -43.54
N LEU B 454 0.34 -12.57 -42.71
CA LEU B 454 1.35 -13.61 -42.58
C LEU B 454 1.46 -14.43 -43.87
N ILE B 455 0.33 -14.69 -44.52
CA ILE B 455 0.42 -15.43 -45.77
C ILE B 455 1.24 -14.69 -46.82
N ASN B 456 1.12 -13.38 -46.88
CA ASN B 456 1.90 -12.68 -47.87
C ASN B 456 3.35 -12.89 -47.59
N CYS B 457 3.71 -12.84 -46.32
CA CYS B 457 5.12 -12.97 -46.02
C CYS B 457 5.63 -14.35 -46.39
N ALA B 458 4.94 -15.34 -45.85
CA ALA B 458 5.33 -16.72 -46.06
C ALA B 458 5.21 -17.04 -47.54
N GLN B 459 3.99 -17.20 -48.03
CA GLN B 459 3.77 -17.54 -49.42
C GLN B 459 4.21 -16.57 -50.51
N LYS B 460 4.13 -15.27 -50.34
CA LYS B 460 4.50 -14.44 -51.48
C LYS B 460 5.80 -13.72 -51.22
N LYS B 461 6.41 -14.07 -50.11
CA LYS B 461 7.62 -13.35 -49.77
C LYS B 461 7.51 -11.82 -49.72
N MET B 462 6.31 -11.36 -49.38
CA MET B 462 6.09 -9.92 -49.19
C MET B 462 6.06 -9.89 -47.66
N CYS B 463 7.16 -9.39 -47.09
CA CYS B 463 7.37 -9.37 -45.64
C CYS B 463 7.50 -8.03 -44.95
N LYS B 464 7.46 -6.97 -45.73
CA LYS B 464 7.54 -5.62 -45.19
C LYS B 464 6.11 -5.33 -44.74
N TYR B 465 5.97 -4.61 -43.63
CA TYR B 465 4.63 -4.33 -43.12
C TYR B 465 3.85 -3.09 -43.59
N HIS B 466 4.32 -1.89 -43.21
CA HIS B 466 3.71 -0.59 -43.56
C HIS B 466 4.84 0.41 -43.63
N PRO C 5 55.23 -13.67 37.07
CA PRO C 5 54.71 -13.41 35.72
C PRO C 5 53.47 -12.55 35.75
N ARG C 6 53.31 -11.81 34.67
CA ARG C 6 52.18 -10.94 34.58
C ARG C 6 51.07 -11.65 33.79
N VAL C 7 49.89 -11.68 34.41
CA VAL C 7 48.71 -12.30 33.78
C VAL C 7 47.58 -11.31 33.73
N ILE C 8 47.01 -11.19 32.54
CA ILE C 8 45.82 -10.38 32.28
C ILE C 8 44.60 -11.32 32.27
N VAL C 9 43.58 -10.95 33.05
CA VAL C 9 42.36 -11.74 33.13
C VAL C 9 41.26 -10.91 32.51
N VAL C 10 40.70 -11.47 31.44
CA VAL C 10 39.61 -10.81 30.73
C VAL C 10 38.29 -11.19 31.41
N GLY C 11 37.63 -10.19 31.98
CA GLY C 11 36.35 -10.40 32.64
C GLY C 11 36.37 -10.61 34.16
N ALA C 12 35.48 -9.91 34.86
CA ALA C 12 35.44 -10.05 36.31
C ALA C 12 34.15 -10.71 36.84
N GLY C 13 33.68 -11.77 36.17
CA GLY C 13 32.51 -12.53 36.57
C GLY C 13 33.02 -13.50 37.64
N MET C 14 32.17 -14.44 38.02
CA MET C 14 32.63 -15.40 39.02
C MET C 14 33.97 -16.09 38.66
N SER C 15 34.06 -16.65 37.46
CA SER C 15 35.27 -17.40 37.09
C SER C 15 36.52 -16.53 37.01
N GLY C 16 36.39 -15.32 36.49
CA GLY C 16 37.52 -14.40 36.43
C GLY C 16 38.03 -14.06 37.85
N ILE C 17 37.10 -13.72 38.73
CA ILE C 17 37.51 -13.34 40.07
C ILE C 17 38.09 -14.53 40.78
N SER C 18 37.48 -15.67 40.57
CA SER C 18 37.96 -16.88 41.22
C SER C 18 39.36 -17.29 40.68
N ALA C 19 39.56 -17.17 39.39
CA ALA C 19 40.87 -17.53 38.87
C ALA C 19 41.91 -16.58 39.45
N ALA C 20 41.63 -15.28 39.41
CA ALA C 20 42.58 -14.30 39.90
C ALA C 20 42.91 -14.52 41.35
N LYS C 21 41.92 -15.00 42.09
CA LYS C 21 42.14 -15.28 43.49
C LYS C 21 43.07 -16.47 43.61
N ARG C 22 42.92 -17.47 42.78
CA ARG C 22 43.81 -18.61 42.94
C ARG C 22 45.24 -18.28 42.52
N LEU C 23 45.36 -17.38 41.55
CA LEU C 23 46.69 -17.01 41.08
C LEU C 23 47.36 -16.26 42.19
N SER C 24 46.62 -15.33 42.75
CA SER C 24 47.19 -14.49 43.78
C SER C 24 47.69 -15.42 44.88
N GLU C 25 46.90 -16.45 45.13
CA GLU C 25 47.29 -17.33 46.20
C GLU C 25 48.52 -18.11 45.86
N ALA C 26 48.85 -18.26 44.59
CA ALA C 26 50.03 -19.07 44.22
C ALA C 26 51.23 -18.17 44.22
N GLY C 27 50.97 -16.90 44.53
CA GLY C 27 52.02 -15.94 44.52
C GLY C 27 51.98 -15.14 43.25
N ILE C 28 51.05 -15.43 42.34
CA ILE C 28 51.06 -14.61 41.15
C ILE C 28 50.21 -13.39 41.39
N THR C 29 50.86 -12.31 41.74
CA THR C 29 50.12 -11.09 42.05
C THR C 29 50.17 -10.02 41.02
N ASP C 30 51.06 -10.19 40.04
CA ASP C 30 51.10 -9.19 38.99
C ASP C 30 49.95 -9.56 38.01
N LEU C 31 48.73 -9.21 38.43
CA LEU C 31 47.47 -9.46 37.71
C LEU C 31 46.86 -8.16 37.19
N LEU C 32 46.12 -8.25 36.11
CA LEU C 32 45.42 -7.09 35.58
C LEU C 32 44.10 -7.72 35.10
N ILE C 33 43.02 -7.35 35.76
CA ILE C 33 41.67 -7.82 35.40
C ILE C 33 40.92 -6.74 34.63
N LEU C 34 40.60 -7.03 33.36
CA LEU C 34 39.90 -6.08 32.49
C LEU C 34 38.47 -6.54 32.32
N GLU C 35 37.52 -5.74 32.79
CA GLU C 35 36.07 -6.04 32.75
C GLU C 35 35.39 -5.05 31.84
N ALA C 36 34.63 -5.60 30.91
CA ALA C 36 33.95 -4.74 29.94
C ALA C 36 32.97 -3.76 30.59
N THR C 37 32.19 -4.24 31.56
CA THR C 37 31.13 -3.42 32.18
C THR C 37 31.64 -2.54 33.31
N ASP C 38 30.71 -1.77 33.87
CA ASP C 38 31.11 -0.92 34.98
C ASP C 38 31.07 -1.61 36.32
N HIS C 39 31.01 -2.94 36.39
CA HIS C 39 30.96 -3.58 37.71
C HIS C 39 31.41 -5.00 37.53
N ILE C 40 31.64 -5.66 38.65
CA ILE C 40 32.01 -7.06 38.73
C ILE C 40 30.74 -7.92 38.98
N GLY C 41 30.88 -9.24 38.85
CA GLY C 41 29.79 -10.22 39.02
C GLY C 41 29.28 -10.88 37.71
N GLY C 42 29.38 -10.21 36.55
CA GLY C 42 28.94 -10.85 35.31
C GLY C 42 27.48 -11.32 35.32
N ARG C 43 27.27 -12.61 35.08
CA ARG C 43 25.96 -13.22 35.04
C ARG C 43 25.21 -13.33 36.39
N MET C 44 25.88 -12.87 37.45
CA MET C 44 25.27 -12.81 38.79
C MET C 44 25.09 -11.31 38.91
N HIS C 45 23.84 -10.88 38.70
CA HIS C 45 23.60 -9.45 38.73
C HIS C 45 22.17 -9.04 39.06
N LYS C 46 22.08 -8.14 40.04
CA LYS C 46 20.76 -7.73 40.50
C LYS C 46 20.37 -6.39 39.92
N THR C 47 19.08 -6.09 40.03
CA THR C 47 18.67 -4.79 39.62
C THR C 47 17.41 -4.39 40.40
N ASN C 48 17.20 -3.10 40.55
CA ASN C 48 16.00 -2.71 41.28
C ASN C 48 14.75 -2.87 40.40
N PHE C 49 13.69 -3.44 40.93
CA PHE C 49 12.49 -3.55 40.10
C PHE C 49 11.38 -3.46 41.11
N ALA C 50 10.46 -2.54 40.84
CA ALA C 50 9.29 -2.43 41.72
C ALA C 50 9.79 -2.20 43.13
N GLY C 51 10.80 -1.34 43.23
CA GLY C 51 11.34 -1.08 44.56
C GLY C 51 11.98 -2.26 45.27
N ILE C 52 12.38 -3.29 44.55
CA ILE C 52 13.07 -4.34 45.26
C ILE C 52 14.21 -4.70 44.31
N ASN C 53 15.18 -5.41 44.86
CA ASN C 53 16.28 -5.87 44.03
C ASN C 53 15.98 -7.30 43.66
N VAL C 54 15.90 -7.56 42.36
CA VAL C 54 15.65 -8.91 41.84
C VAL C 54 16.89 -9.34 41.04
N GLU C 55 17.00 -10.65 40.83
CA GLU C 55 18.14 -11.16 40.08
C GLU C 55 17.85 -11.19 38.58
N LEU C 56 18.67 -10.53 37.78
CA LEU C 56 18.49 -10.61 36.30
C LEU C 56 19.11 -11.90 35.75
N GLY C 57 20.05 -12.45 36.53
CA GLY C 57 20.80 -13.63 36.16
C GLY C 57 20.66 -14.76 37.17
N ALA C 58 21.78 -15.31 37.62
CA ALA C 58 21.67 -16.44 38.53
C ALA C 58 20.80 -16.08 39.74
N ASN C 59 20.07 -17.05 40.28
CA ASN C 59 19.18 -16.77 41.41
C ASN C 59 19.19 -17.90 42.42
N TRP C 60 19.56 -19.12 42.03
CA TRP C 60 19.58 -20.22 42.97
C TRP C 60 21.00 -20.77 43.21
N VAL C 61 21.17 -21.37 44.38
CA VAL C 61 22.34 -22.15 44.67
C VAL C 61 21.73 -23.52 44.40
N GLU C 62 22.19 -24.20 43.35
CA GLU C 62 21.62 -25.52 43.01
C GLU C 62 22.51 -26.69 43.40
N GLY C 63 21.95 -27.73 44.00
CA GLY C 63 22.72 -28.89 44.42
C GLY C 63 23.15 -28.65 45.88
N VAL C 64 22.26 -28.96 46.79
CA VAL C 64 22.51 -28.74 48.21
C VAL C 64 21.92 -29.92 48.95
N ASN C 65 22.49 -30.18 50.12
CA ASN C 65 22.03 -31.29 50.95
C ASN C 65 22.50 -32.65 50.52
N GLY C 66 23.39 -32.70 49.55
CA GLY C 66 23.87 -34.02 49.12
C GLY C 66 25.12 -34.53 49.88
N GLY C 67 25.79 -35.51 49.26
CA GLY C 67 26.99 -36.15 49.79
C GLY C 67 28.24 -35.28 49.85
N LYS C 68 28.42 -34.37 48.90
CA LYS C 68 29.57 -33.46 48.94
C LYS C 68 28.93 -32.09 49.09
N MET C 69 29.74 -31.16 49.55
CA MET C 69 29.29 -29.81 49.75
C MET C 69 29.51 -28.94 48.54
N ASN C 70 28.47 -28.26 48.08
CA ASN C 70 28.60 -27.33 46.96
C ASN C 70 29.36 -26.17 47.59
N PRO C 71 30.51 -25.85 47.01
CA PRO C 71 31.39 -24.84 47.57
C PRO C 71 30.73 -23.50 47.70
N ILE C 72 29.70 -23.25 46.91
CA ILE C 72 29.07 -21.93 47.02
C ILE C 72 28.16 -21.85 48.24
N TRP C 73 27.61 -23.00 48.59
CA TRP C 73 26.65 -23.02 49.70
C TRP C 73 27.06 -22.40 51.03
N PRO C 74 28.21 -22.82 51.52
CA PRO C 74 28.65 -22.26 52.80
C PRO C 74 28.87 -20.75 52.68
N ILE C 75 29.31 -20.29 51.52
CA ILE C 75 29.52 -18.84 51.45
C ILE C 75 28.19 -18.15 51.60
N VAL C 76 27.20 -18.75 50.94
CA VAL C 76 25.88 -18.14 50.95
C VAL C 76 25.15 -18.26 52.28
N ASN C 77 25.08 -19.50 52.76
CA ASN C 77 24.31 -19.82 53.94
C ASN C 77 25.00 -19.57 55.25
N SER C 78 26.32 -19.37 55.20
CA SER C 78 27.03 -19.19 56.48
C SER C 78 27.93 -18.00 56.53
N THR C 79 28.72 -17.79 55.51
CA THR C 79 29.59 -16.66 55.63
C THR C 79 28.81 -15.40 55.43
N LEU C 80 28.01 -15.33 54.38
CA LEU C 80 27.28 -14.10 54.12
C LEU C 80 25.88 -14.11 54.73
N LYS C 81 25.35 -15.32 54.94
CA LYS C 81 24.00 -15.44 55.46
C LYS C 81 23.08 -14.67 54.56
N LEU C 82 23.13 -14.89 53.25
CA LEU C 82 22.20 -14.20 52.37
C LEU C 82 20.87 -14.88 52.62
N ARG C 83 19.82 -14.07 52.61
CA ARG C 83 18.47 -14.60 52.85
C ARG C 83 18.08 -15.54 51.71
N ASN C 84 17.59 -16.73 52.01
CA ASN C 84 17.25 -17.66 50.96
C ASN C 84 16.17 -18.64 51.35
N PHE C 85 15.64 -19.32 50.33
CA PHE C 85 14.50 -20.22 50.43
C PHE C 85 14.63 -21.50 49.62
N ARG C 86 14.40 -22.64 50.25
CA ARG C 86 14.43 -23.88 49.50
C ARG C 86 13.24 -23.94 48.52
N SER C 87 13.42 -24.27 47.26
CA SER C 87 12.27 -24.34 46.35
C SER C 87 11.63 -25.70 46.50
N ASP C 88 10.31 -25.78 46.66
CA ASP C 88 9.68 -27.10 46.75
C ASP C 88 8.74 -27.22 45.56
N PHE C 89 8.93 -28.23 44.73
CA PHE C 89 8.14 -28.45 43.53
C PHE C 89 7.12 -29.55 43.69
N ASP C 90 6.94 -29.99 44.93
CA ASP C 90 6.01 -31.06 45.22
C ASP C 90 4.56 -30.82 44.89
N TYR C 91 4.12 -29.57 44.82
CA TYR C 91 2.71 -29.25 44.53
C TYR C 91 2.32 -28.92 43.11
N LEU C 92 3.26 -29.05 42.17
CA LEU C 92 2.91 -28.71 40.79
C LEU C 92 1.63 -29.33 40.24
N ALA C 93 1.33 -30.59 40.58
CA ALA C 93 0.14 -31.28 40.06
C ALA C 93 -1.08 -30.49 40.38
N GLN C 94 -0.96 -29.62 41.39
CA GLN C 94 -2.11 -28.78 41.72
C GLN C 94 -2.10 -27.43 41.00
N ASN C 95 -1.08 -27.14 40.19
CA ASN C 95 -0.96 -25.80 39.65
C ASN C 95 -0.66 -25.72 38.15
N VAL C 96 -1.34 -26.59 37.41
CA VAL C 96 -1.16 -26.56 35.96
C VAL C 96 -2.46 -25.96 35.37
N TYR C 97 -2.32 -24.84 34.68
CA TYR C 97 -3.48 -24.19 34.10
C TYR C 97 -3.72 -24.58 32.66
N LYS C 98 -4.98 -24.78 32.34
CA LYS C 98 -5.34 -25.05 30.96
C LYS C 98 -5.22 -23.77 30.16
N GLU C 99 -5.07 -23.96 28.85
CA GLU C 99 -4.91 -22.82 27.93
C GLU C 99 -6.02 -21.78 28.06
N ASP C 100 -7.24 -22.27 28.24
CA ASP C 100 -8.42 -21.44 28.43
C ASP C 100 -8.91 -21.16 29.86
N GLY C 101 -8.06 -21.48 30.82
CA GLY C 101 -8.42 -21.17 32.19
C GLY C 101 -8.78 -22.28 33.16
N GLY C 102 -8.31 -22.07 34.38
CA GLY C 102 -8.49 -23.05 35.44
C GLY C 102 -7.41 -24.14 35.40
N VAL C 103 -7.22 -24.78 36.54
CA VAL C 103 -6.20 -25.80 36.60
C VAL C 103 -6.82 -27.12 36.22
N TYR C 104 -5.96 -28.04 35.83
CA TYR C 104 -6.39 -29.39 35.50
C TYR C 104 -6.54 -30.15 36.82
N ASP C 105 -7.18 -31.32 36.71
CA ASP C 105 -7.33 -32.26 37.84
C ASP C 105 -5.94 -32.69 38.28
N GLU C 106 -5.77 -32.49 39.57
CA GLU C 106 -4.53 -32.79 40.22
C GLU C 106 -4.10 -34.23 40.01
N ASP C 107 -5.06 -35.14 40.12
CA ASP C 107 -4.67 -36.53 39.96
C ASP C 107 -4.23 -36.77 38.54
N TYR C 108 -4.94 -36.14 37.62
CA TYR C 108 -4.56 -36.37 36.24
C TYR C 108 -3.15 -35.86 36.07
N VAL C 109 -2.92 -34.65 36.55
CA VAL C 109 -1.58 -34.11 36.37
C VAL C 109 -0.49 -34.93 37.06
N GLN C 110 -0.74 -35.33 38.30
CA GLN C 110 0.28 -36.12 39.01
C GLN C 110 0.66 -37.39 38.24
N LYS C 111 -0.31 -37.99 37.54
CA LYS C 111 0.03 -39.21 36.80
C LYS C 111 0.96 -38.88 35.65
N ARG C 112 0.71 -37.75 34.98
CA ARG C 112 1.56 -37.34 33.85
C ARG C 112 2.95 -37.04 34.36
N ILE C 113 3.05 -36.41 35.53
CA ILE C 113 4.36 -36.15 36.07
C ILE C 113 5.11 -37.41 36.43
N GLU C 114 4.39 -38.32 37.06
CA GLU C 114 5.09 -39.54 37.44
C GLU C 114 5.58 -40.32 36.25
N LEU C 115 4.76 -40.27 35.21
CA LEU C 115 5.09 -40.96 33.99
C LEU C 115 6.40 -40.35 33.46
N ALA C 116 6.47 -39.02 33.44
CA ALA C 116 7.64 -38.34 32.89
C ALA C 116 8.87 -38.64 33.73
N ASP C 117 8.67 -38.69 35.03
CA ASP C 117 9.81 -38.95 35.89
C ASP C 117 10.33 -40.36 35.65
N SER C 118 9.42 -41.32 35.50
CA SER C 118 9.86 -42.69 35.32
C SER C 118 10.63 -42.82 34.02
N VAL C 119 10.20 -42.13 32.97
CA VAL C 119 10.93 -42.17 31.70
C VAL C 119 12.32 -41.61 31.95
N GLU C 120 12.42 -40.52 32.70
CA GLU C 120 13.75 -39.97 32.93
C GLU C 120 14.62 -40.96 33.71
N GLU C 121 14.01 -41.67 34.64
CA GLU C 121 14.78 -42.60 35.47
C GLU C 121 15.32 -43.70 34.57
N MET C 122 14.48 -44.12 33.65
CA MET C 122 14.97 -45.12 32.73
C MET C 122 16.09 -44.58 31.86
N GLY C 123 16.09 -43.28 31.57
CA GLY C 123 17.14 -42.72 30.72
C GLY C 123 18.45 -42.72 31.50
N GLU C 124 18.36 -42.50 32.81
CA GLU C 124 19.58 -42.51 33.63
C GLU C 124 20.28 -43.86 33.59
N LYS C 125 19.49 -44.92 33.63
CA LYS C 125 20.11 -46.23 33.57
C LYS C 125 20.81 -46.45 32.24
N LEU C 126 20.15 -46.04 31.17
CA LEU C 126 20.68 -46.26 29.81
C LEU C 126 21.96 -45.45 29.70
N SER C 127 21.86 -44.22 30.19
CA SER C 127 23.00 -43.31 30.14
C SER C 127 24.24 -43.95 30.75
N ALA C 128 24.06 -44.57 31.90
CA ALA C 128 25.16 -45.20 32.63
C ALA C 128 25.92 -46.25 31.77
N THR C 129 25.22 -46.91 30.86
CA THR C 129 25.88 -47.93 30.03
C THR C 129 26.51 -47.44 28.73
N LEU C 130 26.26 -46.20 28.31
CA LEU C 130 26.78 -45.72 27.04
C LEU C 130 28.30 -45.67 27.06
N HIS C 131 28.92 -45.90 25.91
CA HIS C 131 30.35 -45.90 25.83
C HIS C 131 30.96 -44.55 26.11
N ALA C 132 32.04 -44.55 26.89
CA ALA C 132 32.69 -43.29 27.29
C ALA C 132 33.09 -42.34 26.15
N SER C 133 33.33 -42.89 24.98
CA SER C 133 33.69 -42.03 23.87
C SER C 133 32.56 -41.08 23.46
N GLY C 134 31.29 -41.38 23.78
CA GLY C 134 30.15 -40.56 23.35
C GLY C 134 29.58 -41.11 22.05
N ARG C 135 30.23 -42.14 21.55
CA ARG C 135 29.78 -42.73 20.31
C ARG C 135 28.35 -43.22 20.36
N ASP C 136 27.83 -43.56 21.52
CA ASP C 136 26.50 -44.09 21.51
C ASP C 136 25.51 -43.02 21.96
N ASP C 137 25.93 -41.77 22.09
CA ASP C 137 24.99 -40.78 22.64
C ASP C 137 23.74 -40.55 21.78
N MET C 138 22.67 -39.98 22.37
CA MET C 138 21.44 -39.69 21.61
C MET C 138 20.82 -38.51 22.37
N SER C 139 19.88 -37.84 21.74
CA SER C 139 19.27 -36.72 22.44
C SER C 139 18.36 -37.27 23.55
N ILE C 140 17.98 -36.39 24.49
CA ILE C 140 17.05 -36.82 25.52
C ILE C 140 15.72 -37.21 24.84
N LEU C 141 15.29 -36.50 23.79
CA LEU C 141 14.04 -36.88 23.11
C LEU C 141 14.13 -38.31 22.54
N ALA C 142 15.26 -38.69 21.93
CA ALA C 142 15.31 -40.08 21.43
C ALA C 142 15.11 -41.07 22.59
N MET C 143 15.68 -40.79 23.75
CA MET C 143 15.52 -41.68 24.88
C MET C 143 14.05 -41.71 25.26
N GLN C 144 13.40 -40.55 25.22
CA GLN C 144 11.99 -40.56 25.61
C GLN C 144 11.15 -41.42 24.66
N ARG C 145 11.38 -41.31 23.35
CA ARG C 145 10.55 -42.10 22.42
C ARG C 145 10.75 -43.60 22.74
N LEU C 146 12.01 -43.93 22.94
CA LEU C 146 12.39 -45.32 23.18
C LEU C 146 11.69 -45.80 24.42
N ASN C 147 11.65 -44.99 25.48
CA ASN C 147 11.01 -45.46 26.72
C ASN C 147 9.52 -45.35 26.71
N GLU C 148 8.99 -44.53 25.84
CA GLU C 148 7.55 -44.47 25.78
C GLU C 148 7.01 -45.26 24.60
N HIS C 149 7.85 -45.75 23.70
CA HIS C 149 7.25 -46.42 22.56
C HIS C 149 6.30 -45.58 21.74
N GLN C 150 6.78 -44.43 21.32
CA GLN C 150 5.97 -43.55 20.51
C GLN C 150 6.90 -42.89 19.51
N PRO C 151 6.31 -42.34 18.45
CA PRO C 151 7.07 -41.64 17.42
C PRO C 151 7.30 -40.18 17.80
N ASN C 152 6.98 -39.79 19.03
CA ASN C 152 7.20 -38.41 19.39
C ASN C 152 7.38 -38.43 20.89
N GLY C 153 7.87 -37.32 21.43
CA GLY C 153 7.98 -37.18 22.89
C GLY C 153 6.65 -36.54 23.33
N PRO C 154 6.61 -36.01 24.55
CA PRO C 154 5.42 -35.30 25.09
C PRO C 154 4.86 -34.38 24.02
N ALA C 155 3.58 -34.55 23.72
CA ALA C 155 2.99 -33.79 22.65
C ALA C 155 1.62 -33.16 22.95
N THR C 156 0.98 -33.48 24.06
CA THR C 156 -0.27 -32.81 24.45
C THR C 156 0.16 -31.60 25.29
N PRO C 157 -0.71 -30.61 25.46
CA PRO C 157 -0.36 -29.41 26.24
C PRO C 157 0.17 -29.67 27.65
N VAL C 158 -0.53 -30.53 28.39
CA VAL C 158 -0.06 -30.83 29.76
C VAL C 158 1.33 -31.51 29.72
N ASP C 159 1.45 -32.54 28.89
CA ASP C 159 2.70 -33.29 28.84
C ASP C 159 3.82 -32.40 28.36
N MET C 160 3.49 -31.52 27.44
CA MET C 160 4.55 -30.64 26.97
C MET C 160 5.03 -29.65 28.02
N VAL C 161 4.12 -29.07 28.80
CA VAL C 161 4.60 -28.08 29.76
C VAL C 161 5.26 -28.82 30.93
N VAL C 162 4.86 -30.06 31.20
CA VAL C 162 5.57 -30.82 32.25
C VAL C 162 7.01 -31.10 31.73
N ASP C 163 7.11 -31.46 30.45
CA ASP C 163 8.41 -31.70 29.83
C ASP C 163 9.29 -30.43 29.84
N TYR C 164 8.70 -29.28 29.55
CA TYR C 164 9.48 -28.05 29.50
C TYR C 164 10.00 -27.72 30.89
N TYR C 165 9.13 -27.93 31.86
CA TYR C 165 9.46 -27.65 33.25
C TYR C 165 10.61 -28.59 33.69
N LYS C 166 10.53 -29.86 33.29
CA LYS C 166 11.57 -30.79 33.68
C LYS C 166 12.89 -30.55 32.98
N PHE C 167 12.87 -30.13 31.73
CA PHE C 167 14.12 -29.96 31.00
C PHE C 167 14.53 -28.56 30.63
N ASP C 168 13.71 -27.92 29.80
CA ASP C 168 14.00 -26.57 29.31
C ASP C 168 14.18 -25.58 30.45
N TYR C 169 13.40 -25.74 31.53
CA TYR C 169 13.48 -24.81 32.65
C TYR C 169 14.82 -24.89 33.35
N GLU C 170 15.50 -26.01 33.15
CA GLU C 170 16.83 -26.21 33.71
C GLU C 170 17.93 -25.96 32.68
N PHE C 171 17.81 -26.53 31.50
CA PHE C 171 18.85 -26.37 30.49
C PHE C 171 18.67 -25.26 29.48
N ALA C 172 17.47 -24.71 29.36
CA ALA C 172 17.19 -23.67 28.40
C ALA C 172 17.21 -24.07 26.90
N GLU C 173 17.19 -25.36 26.62
CA GLU C 173 17.05 -25.83 25.23
C GLU C 173 16.18 -27.06 25.38
N PRO C 174 15.51 -27.44 24.30
CA PRO C 174 14.63 -28.62 24.35
C PRO C 174 15.45 -29.91 24.42
N PRO C 175 14.77 -30.93 24.91
CA PRO C 175 15.38 -32.23 25.06
C PRO C 175 15.92 -32.73 23.73
N ARG C 176 15.21 -32.39 22.66
CA ARG C 176 15.70 -32.95 21.40
C ARG C 176 17.04 -32.44 20.91
N VAL C 177 17.59 -31.42 21.53
CA VAL C 177 18.91 -30.97 21.08
C VAL C 177 19.97 -31.34 22.10
N THR C 178 19.51 -31.83 23.24
CA THR C 178 20.36 -32.02 24.41
C THR C 178 20.94 -33.42 24.57
N SER C 179 22.24 -33.50 24.86
CA SER C 179 22.89 -34.80 25.01
C SER C 179 22.34 -35.57 26.20
N LEU C 180 21.87 -36.78 25.98
CA LEU C 180 21.43 -37.57 27.11
C LEU C 180 22.58 -37.93 28.10
N GLN C 181 23.64 -38.41 27.48
CA GLN C 181 24.77 -38.95 28.21
C GLN C 181 25.34 -37.93 29.14
N ASN C 182 25.37 -36.70 28.68
CA ASN C 182 25.95 -35.67 29.50
C ASN C 182 25.00 -34.85 30.37
N THR C 183 23.71 -35.17 30.44
CA THR C 183 22.86 -34.33 31.29
C THR C 183 21.93 -35.20 32.08
N VAL C 184 21.85 -36.49 31.76
CA VAL C 184 20.91 -37.30 32.52
C VAL C 184 21.63 -38.52 33.03
N PRO C 185 21.96 -38.54 34.31
CA PRO C 185 21.71 -37.48 35.29
C PRO C 185 22.76 -36.39 35.25
N LEU C 186 22.58 -35.32 36.03
CA LEU C 186 23.56 -34.25 36.13
C LEU C 186 24.41 -34.39 37.41
N ALA C 187 25.70 -34.16 37.28
CA ALA C 187 26.64 -34.26 38.40
C ALA C 187 26.31 -33.30 39.54
N THR C 188 25.84 -32.12 39.19
CA THR C 188 25.52 -31.10 40.17
C THR C 188 24.61 -31.72 41.22
N PHE C 189 23.55 -32.37 40.75
CA PHE C 189 22.62 -32.99 41.71
C PHE C 189 23.13 -34.30 42.28
N SER C 190 23.80 -35.07 41.44
CA SER C 190 24.31 -36.34 41.95
C SER C 190 25.40 -36.07 42.97
N ASP C 191 26.23 -35.05 42.75
CA ASP C 191 27.29 -34.79 43.71
C ASP C 191 26.85 -34.00 44.95
N PHE C 192 26.26 -32.83 44.72
CA PHE C 192 25.89 -31.93 45.80
C PHE C 192 24.53 -32.03 46.51
N GLY C 193 23.58 -32.78 45.94
CA GLY C 193 22.26 -32.88 46.57
C GLY C 193 21.13 -32.51 45.62
N ASP C 194 19.92 -32.98 45.91
CA ASP C 194 18.82 -32.64 45.00
C ASP C 194 18.11 -31.34 45.28
N ASP C 195 18.48 -30.64 46.32
CA ASP C 195 17.76 -29.41 46.63
C ASP C 195 18.34 -28.22 45.94
N VAL C 196 17.51 -27.18 45.83
CA VAL C 196 17.93 -25.89 45.28
C VAL C 196 17.42 -24.80 46.22
N TYR C 197 18.18 -23.72 46.34
CA TYR C 197 17.75 -22.69 47.27
C TYR C 197 17.75 -21.37 46.56
N PHE C 198 16.59 -20.71 46.59
CA PHE C 198 16.40 -19.41 45.95
C PHE C 198 16.96 -18.29 46.82
N VAL C 199 17.88 -17.50 46.27
CA VAL C 199 18.52 -16.42 47.00
C VAL C 199 17.65 -15.18 46.84
N ALA C 200 17.25 -14.60 47.97
CA ALA C 200 16.43 -13.39 47.91
C ALA C 200 16.95 -12.44 48.98
N ASP C 201 17.99 -11.70 48.63
CA ASP C 201 18.58 -10.81 49.58
C ASP C 201 18.92 -9.54 48.85
N GLN C 202 18.72 -8.43 49.55
CA GLN C 202 18.96 -7.16 48.91
C GLN C 202 20.37 -6.93 48.46
N ARG C 203 21.28 -7.66 49.08
CA ARG C 203 22.68 -7.58 48.71
C ARG C 203 22.94 -8.27 47.36
N GLY C 204 22.04 -9.15 46.93
CA GLY C 204 22.21 -9.85 45.66
C GLY C 204 23.11 -11.07 45.76
N TYR C 205 22.82 -12.09 44.96
CA TYR C 205 23.64 -13.32 44.92
C TYR C 205 25.10 -12.89 44.55
N GLU C 206 25.22 -11.79 43.79
CA GLU C 206 26.54 -11.27 43.40
C GLU C 206 27.40 -10.95 44.64
N ALA C 207 26.79 -10.84 45.81
CA ALA C 207 27.62 -10.57 46.99
C ALA C 207 28.67 -11.68 47.13
N VAL C 208 28.35 -12.90 46.69
CA VAL C 208 29.31 -13.98 46.77
C VAL C 208 30.59 -13.60 46.03
N VAL C 209 30.44 -13.02 44.85
CA VAL C 209 31.59 -12.59 44.04
C VAL C 209 32.35 -11.43 44.70
N TYR C 210 31.62 -10.43 45.18
CA TYR C 210 32.29 -9.32 45.83
C TYR C 210 33.05 -9.80 47.03
N TYR C 211 32.56 -10.83 47.67
CA TYR C 211 33.25 -11.37 48.82
C TYR C 211 34.57 -12.00 48.45
N LEU C 212 34.59 -12.78 47.37
CA LEU C 212 35.84 -13.43 46.99
C LEU C 212 36.88 -12.40 46.56
N ALA C 213 36.44 -11.36 45.83
CA ALA C 213 37.33 -10.30 45.32
C ALA C 213 37.99 -9.61 46.50
N GLY C 214 37.19 -9.43 47.54
CA GLY C 214 37.61 -8.75 48.74
C GLY C 214 38.69 -9.53 49.46
N GLN C 215 38.75 -10.83 49.25
CA GLN C 215 39.81 -11.57 49.88
C GLN C 215 41.20 -11.26 49.26
N TYR C 216 41.33 -10.56 48.12
CA TYR C 216 42.69 -10.36 47.63
C TYR C 216 42.84 -9.01 46.96
N LEU C 217 41.74 -8.34 46.68
CA LEU C 217 41.92 -7.05 46.04
C LEU C 217 41.71 -6.00 47.11
N LYS C 218 42.31 -4.84 46.91
CA LYS C 218 42.18 -3.76 47.88
C LYS C 218 40.88 -2.99 47.75
N THR C 219 40.31 -2.73 48.92
CA THR C 219 39.06 -2.00 49.01
C THR C 219 39.13 -0.92 50.06
N ASP C 220 38.42 0.17 49.79
CA ASP C 220 38.34 1.30 50.71
C ASP C 220 37.95 0.85 52.11
N ASP C 221 38.72 1.39 53.03
CA ASP C 221 38.53 1.07 54.43
C ASP C 221 37.13 1.52 54.92
N LYS C 222 36.64 2.63 54.36
CA LYS C 222 35.30 3.09 54.72
C LYS C 222 34.28 2.56 53.72
N SER C 223 34.30 3.03 52.47
CA SER C 223 33.31 2.52 51.50
C SER C 223 33.25 1.01 51.37
N GLY C 224 34.33 0.33 51.70
CA GLY C 224 34.34 -1.12 51.55
C GLY C 224 34.47 -1.39 50.04
N LYS C 225 34.43 -0.35 49.23
CA LYS C 225 34.55 -0.52 47.79
C LYS C 225 35.91 -1.06 47.32
N ILE C 226 35.95 -1.84 46.27
CA ILE C 226 37.26 -2.32 45.81
C ILE C 226 38.01 -1.14 45.20
N VAL C 227 39.27 -1.02 45.59
CA VAL C 227 40.05 0.10 45.05
C VAL C 227 41.39 -0.27 44.43
N ASP C 228 41.64 -1.56 44.41
CA ASP C 228 42.85 -2.08 43.78
C ASP C 228 42.99 -1.73 42.29
N PRO C 229 44.05 -1.05 41.91
CA PRO C 229 44.19 -0.69 40.51
C PRO C 229 44.49 -1.90 39.64
N ARG C 230 44.57 -3.09 40.23
CA ARG C 230 44.76 -4.27 39.40
C ARG C 230 43.44 -4.58 38.66
N LEU C 231 42.33 -4.02 39.15
CA LEU C 231 41.02 -4.22 38.53
C LEU C 231 40.66 -3.02 37.68
N GLN C 232 40.33 -3.20 36.40
CA GLN C 232 39.93 -2.02 35.61
C GLN C 232 38.61 -2.29 34.92
N LEU C 233 37.58 -1.57 35.33
CA LEU C 233 36.22 -1.66 34.78
C LEU C 233 36.12 -0.86 33.50
N ASN C 234 35.04 -1.02 32.75
CA ASN C 234 34.93 -0.27 31.50
C ASN C 234 36.02 -0.50 30.48
N LYS C 235 36.67 -1.66 30.60
CA LYS C 235 37.73 -2.05 29.66
C LYS C 235 37.24 -3.17 28.73
N VAL C 236 36.78 -2.85 27.53
CA VAL C 236 36.30 -3.87 26.62
C VAL C 236 37.45 -4.45 25.78
N VAL C 237 37.84 -5.70 26.05
CA VAL C 237 38.92 -6.28 25.27
C VAL C 237 38.49 -6.54 23.82
N ARG C 238 39.20 -6.02 22.83
CA ARG C 238 38.78 -6.27 21.45
C ARG C 238 39.81 -7.11 20.67
N GLU C 239 41.04 -7.15 21.16
CA GLU C 239 41.99 -7.95 20.43
C GLU C 239 43.01 -8.55 21.37
N ILE C 240 43.38 -9.79 21.06
CA ILE C 240 44.37 -10.50 21.88
C ILE C 240 45.43 -11.05 20.89
N LYS C 241 46.63 -10.48 20.99
CA LYS C 241 47.74 -10.91 20.12
C LYS C 241 48.61 -11.79 20.99
N TYR C 242 49.09 -12.91 20.43
CA TYR C 242 49.92 -13.77 21.28
C TYR C 242 51.06 -14.37 20.48
N SER C 243 52.15 -14.73 21.16
CA SER C 243 53.27 -15.34 20.46
C SER C 243 53.82 -16.34 21.45
N PRO C 244 54.87 -17.04 21.02
CA PRO C 244 55.44 -18.01 21.95
C PRO C 244 56.00 -17.29 23.20
N GLY C 245 56.25 -16.00 23.10
CA GLY C 245 56.81 -15.33 24.26
C GLY C 245 55.93 -14.56 25.20
N GLY C 246 54.69 -14.27 24.82
CA GLY C 246 53.82 -13.48 25.72
C GLY C 246 52.58 -13.02 24.94
N VAL C 247 51.87 -12.02 25.47
CA VAL C 247 50.67 -11.54 24.82
C VAL C 247 50.53 -10.03 24.95
N THR C 248 49.69 -9.47 24.08
CA THR C 248 49.34 -8.05 24.04
C THR C 248 47.82 -8.01 23.90
N VAL C 249 47.20 -7.16 24.70
CA VAL C 249 45.75 -7.04 24.73
C VAL C 249 45.32 -5.57 24.54
N LYS C 250 44.44 -5.38 23.56
CA LYS C 250 43.92 -4.05 23.23
C LYS C 250 42.44 -3.88 23.55
N THR C 251 42.13 -2.77 24.22
CA THR C 251 40.77 -2.47 24.63
C THR C 251 40.18 -1.43 23.73
N GLU C 252 38.87 -1.48 23.64
CA GLU C 252 38.10 -0.58 22.80
C GLU C 252 38.41 0.91 23.06
N ASP C 253 38.79 1.30 24.27
CA ASP C 253 39.11 2.72 24.56
C ASP C 253 40.53 3.07 24.14
N ASN C 254 41.08 2.17 23.35
CA ASN C 254 42.43 2.31 22.86
C ASN C 254 43.56 1.97 23.79
N SER C 255 43.31 1.52 25.01
CA SER C 255 44.48 1.14 25.80
C SER C 255 45.14 -0.12 25.21
N VAL C 256 46.42 -0.35 25.54
CA VAL C 256 47.13 -1.54 25.07
C VAL C 256 47.89 -2.07 26.25
N TYR C 257 47.86 -3.37 26.48
CA TYR C 257 48.53 -3.96 27.64
C TYR C 257 49.36 -5.15 27.22
N SER C 258 50.46 -5.42 27.94
CA SER C 258 51.36 -6.52 27.61
C SER C 258 51.46 -7.39 28.82
N ALA C 259 51.60 -8.72 28.66
CA ALA C 259 51.69 -9.60 29.82
C ALA C 259 52.37 -10.87 29.31
N ASP C 260 52.60 -11.83 30.22
CA ASP C 260 53.17 -13.14 29.89
C ASP C 260 52.10 -14.14 29.45
N TYR C 261 50.90 -13.99 30.03
CA TYR C 261 49.77 -14.89 29.73
C TYR C 261 48.47 -14.11 29.81
N VAL C 262 47.41 -14.71 29.25
CA VAL C 262 46.09 -14.08 29.31
C VAL C 262 45.14 -15.20 29.65
N MET C 263 44.15 -14.87 30.48
CA MET C 263 43.18 -15.88 30.90
C MET C 263 41.85 -15.28 30.48
N VAL C 264 41.19 -15.94 29.53
CA VAL C 264 39.92 -15.45 28.99
C VAL C 264 38.71 -16.06 29.72
N SER C 265 37.95 -15.24 30.44
CA SER C 265 36.80 -15.76 31.14
C SER C 265 35.46 -15.34 30.49
N ALA C 266 35.49 -14.60 29.37
CA ALA C 266 34.25 -14.21 28.69
C ALA C 266 33.42 -15.45 28.31
N SER C 267 32.10 -15.33 28.21
CA SER C 267 31.23 -16.47 27.94
C SER C 267 31.47 -17.11 26.58
N LEU C 268 31.01 -18.36 26.49
CA LEU C 268 31.04 -19.11 25.25
C LEU C 268 30.39 -18.27 24.17
N GLY C 269 29.28 -17.64 24.49
CA GLY C 269 28.57 -16.83 23.48
C GLY C 269 29.49 -15.72 23.03
N VAL C 270 30.23 -15.12 23.95
CA VAL C 270 31.13 -14.05 23.53
C VAL C 270 32.17 -14.65 22.58
N LEU C 271 32.70 -15.81 22.94
CA LEU C 271 33.70 -16.39 22.04
C LEU C 271 33.07 -16.75 20.72
N GLN C 272 31.79 -17.04 20.72
CA GLN C 272 31.12 -17.33 19.44
C GLN C 272 30.78 -16.13 18.57
N SER C 273 31.03 -14.97 19.12
CA SER C 273 30.66 -13.80 18.35
C SER C 273 31.99 -13.26 17.86
N ASP C 274 31.99 -12.18 17.12
CA ASP C 274 33.40 -11.84 16.87
C ASP C 274 34.04 -10.69 17.63
N LEU C 275 33.53 -10.48 18.84
CA LEU C 275 33.93 -9.37 19.66
C LEU C 275 35.42 -9.31 19.88
N ILE C 276 36.01 -10.44 20.28
CA ILE C 276 37.43 -10.45 20.53
C ILE C 276 38.19 -11.02 19.36
N GLN C 277 39.11 -10.25 18.81
CA GLN C 277 39.90 -10.80 17.70
C GLN C 277 41.18 -11.42 18.20
N PHE C 278 41.40 -12.69 17.83
CA PHE C 278 42.62 -13.40 18.22
C PHE C 278 43.62 -13.25 17.11
N LYS C 279 44.85 -12.91 17.43
CA LYS C 279 45.81 -12.77 16.34
C LYS C 279 47.10 -13.46 16.79
N PRO C 280 47.49 -14.56 16.12
CA PRO C 280 46.82 -15.13 14.98
C PRO C 280 45.48 -15.77 15.35
N LYS C 281 44.72 -16.12 14.31
CA LYS C 281 43.42 -16.74 14.54
C LYS C 281 43.60 -17.99 15.36
N LEU C 282 42.58 -18.33 16.13
CA LEU C 282 42.67 -19.57 16.93
C LEU C 282 42.69 -20.70 15.92
N PRO C 283 43.34 -21.80 16.29
CA PRO C 283 43.41 -22.95 15.39
C PRO C 283 42.04 -23.56 15.15
N THR C 284 41.94 -24.17 13.99
CA THR C 284 40.70 -24.80 13.62
C THR C 284 40.06 -25.74 14.62
N TRP C 285 40.88 -26.56 15.23
CA TRP C 285 40.36 -27.50 16.20
C TRP C 285 39.67 -26.71 17.29
N LYS C 286 40.28 -25.59 17.62
CA LYS C 286 39.76 -24.79 18.72
C LYS C 286 38.47 -24.11 18.26
N VAL C 287 38.50 -23.55 17.06
CA VAL C 287 37.33 -22.86 16.54
C VAL C 287 36.13 -23.82 16.44
N ARG C 288 36.40 -25.06 16.07
CA ARG C 288 35.31 -26.01 15.95
C ARG C 288 34.69 -26.40 17.27
N ALA C 289 35.55 -26.55 18.27
CA ALA C 289 35.04 -26.92 19.58
C ALA C 289 34.15 -25.77 20.04
N ILE C 290 34.59 -24.55 19.78
CA ILE C 290 33.81 -23.38 20.19
C ILE C 290 32.41 -23.33 19.57
N TYR C 291 32.34 -23.53 18.26
CA TYR C 291 31.06 -23.46 17.58
C TYR C 291 30.17 -24.65 17.73
N GLN C 292 30.73 -25.81 18.07
CA GLN C 292 29.82 -26.94 18.25
C GLN C 292 29.07 -26.99 19.55
N PHE C 293 29.63 -26.37 20.58
CA PHE C 293 28.90 -26.40 21.86
C PHE C 293 27.79 -25.31 21.84
N ASP C 294 26.77 -25.42 22.70
CA ASP C 294 25.67 -24.46 22.66
C ASP C 294 25.70 -23.40 23.73
N MET C 295 25.38 -22.13 23.40
CA MET C 295 25.23 -21.06 24.40
C MET C 295 23.70 -20.82 24.45
N ALA C 296 23.07 -21.21 25.54
CA ALA C 296 21.59 -21.07 25.62
C ALA C 296 21.18 -19.69 26.17
N VAL C 297 19.88 -19.40 26.14
CA VAL C 297 19.32 -18.15 26.65
C VAL C 297 18.11 -18.47 27.49
N TYR C 298 18.04 -17.83 28.65
CA TYR C 298 16.96 -18.06 29.65
C TYR C 298 16.57 -16.65 30.11
N THR C 299 15.33 -16.28 29.80
CA THR C 299 14.86 -14.92 30.06
C THR C 299 13.85 -14.88 31.22
N LYS C 300 14.23 -14.14 32.27
CA LYS C 300 13.40 -14.00 33.47
C LYS C 300 12.60 -12.71 33.34
N ILE C 301 11.36 -12.87 32.85
CA ILE C 301 10.53 -11.69 32.67
C ILE C 301 9.73 -11.36 33.93
N PHE C 302 10.12 -10.28 34.58
CA PHE C 302 9.44 -9.82 35.80
C PHE C 302 8.30 -8.83 35.50
N LEU C 303 7.24 -8.97 36.30
CA LEU C 303 6.03 -8.14 36.18
C LEU C 303 5.54 -7.62 37.55
N LYS C 304 5.20 -6.33 37.54
CA LYS C 304 4.65 -5.62 38.69
C LYS C 304 3.16 -5.29 38.42
N PHE C 305 2.28 -5.65 39.37
CA PHE C 305 0.85 -5.37 39.21
C PHE C 305 0.36 -4.50 40.36
N PRO C 306 -0.71 -3.74 40.15
CA PRO C 306 -1.27 -2.89 41.21
C PRO C 306 -2.02 -3.66 42.31
N ARG C 307 -2.35 -4.92 42.08
CA ARG C 307 -3.00 -5.73 43.12
C ARG C 307 -2.76 -7.16 42.65
N LYS C 308 -2.91 -8.12 43.54
CA LYS C 308 -2.65 -9.52 43.22
C LYS C 308 -3.91 -10.15 42.68
N PHE C 309 -3.81 -11.15 41.82
CA PHE C 309 -5.03 -11.79 41.31
C PHE C 309 -4.82 -13.27 41.22
N TRP C 310 -3.63 -13.73 41.64
CA TRP C 310 -3.32 -15.16 41.58
C TRP C 310 -3.36 -15.76 42.97
N PRO C 311 -3.41 -17.08 43.07
CA PRO C 311 -3.48 -17.71 44.38
C PRO C 311 -2.18 -17.61 45.14
N GLU C 312 -2.29 -17.53 46.46
CA GLU C 312 -1.12 -17.57 47.31
C GLU C 312 -1.43 -18.68 48.28
N GLY C 313 -0.43 -19.34 48.82
CA GLY C 313 -0.74 -20.42 49.75
C GLY C 313 0.19 -21.61 49.54
N LYS C 314 0.00 -22.65 50.34
CA LYS C 314 0.86 -23.85 50.24
C LYS C 314 0.90 -24.46 48.83
N GLY C 315 2.11 -24.59 48.31
CA GLY C 315 2.27 -25.14 46.99
C GLY C 315 1.97 -24.15 45.87
N ARG C 316 1.63 -22.92 46.20
CA ARG C 316 1.30 -21.94 45.15
C ARG C 316 2.48 -21.22 44.47
N GLU C 317 3.70 -21.35 45.02
CA GLU C 317 4.85 -20.64 44.44
C GLU C 317 5.12 -20.79 42.93
N PHE C 318 5.04 -22.04 42.48
CA PHE C 318 5.31 -22.36 41.09
C PHE C 318 4.07 -22.84 40.39
N PHE C 319 3.79 -22.31 39.21
CA PHE C 319 2.63 -22.80 38.47
C PHE C 319 2.99 -22.82 37.01
N LEU C 320 2.24 -23.63 36.25
CA LEU C 320 2.55 -23.75 34.82
C LEU C 320 1.31 -23.44 34.01
N TYR C 321 1.58 -22.95 32.79
CA TYR C 321 0.53 -22.66 31.80
C TYR C 321 0.66 -23.63 30.65
N ALA C 322 -0.32 -24.51 30.49
CA ALA C 322 -0.24 -25.51 29.43
C ALA C 322 -0.74 -24.99 28.08
N SER C 323 0.09 -24.21 27.42
CA SER C 323 -0.30 -23.68 26.13
C SER C 323 -0.24 -24.81 25.11
N SER C 324 -0.98 -24.67 24.01
CA SER C 324 -0.91 -25.68 22.96
C SER C 324 0.37 -25.35 22.16
N ARG C 325 1.00 -24.20 22.40
CA ARG C 325 2.25 -23.79 21.75
C ARG C 325 3.36 -24.05 22.77
N ARG C 326 4.15 -25.07 22.49
CA ARG C 326 5.18 -25.48 23.44
C ARG C 326 6.07 -24.31 23.85
N GLY C 327 6.32 -24.17 25.15
CA GLY C 327 7.18 -23.12 25.66
C GLY C 327 6.66 -21.70 25.70
N TYR C 328 5.38 -21.53 25.38
CA TYR C 328 4.81 -20.19 25.37
C TYR C 328 4.43 -19.73 26.77
N TYR C 329 5.20 -18.79 27.32
CA TYR C 329 4.97 -18.25 28.68
C TYR C 329 4.48 -19.35 29.66
N GLY C 330 5.22 -20.45 29.74
CA GLY C 330 4.79 -21.63 30.50
C GLY C 330 5.17 -21.85 31.95
N VAL C 331 6.28 -21.30 32.42
CA VAL C 331 6.64 -21.55 33.80
C VAL C 331 6.58 -20.26 34.57
N TRP C 332 5.73 -20.27 35.58
CA TRP C 332 5.52 -19.09 36.41
C TRP C 332 5.97 -19.23 37.86
N GLN C 333 6.31 -18.10 38.45
CA GLN C 333 6.70 -18.09 39.88
C GLN C 333 6.14 -16.82 40.56
N GLU C 334 5.53 -17.01 41.73
CA GLU C 334 4.96 -15.91 42.52
C GLU C 334 5.76 -15.83 43.81
N PHE C 335 5.99 -14.61 44.27
CA PHE C 335 6.85 -14.33 45.42
C PHE C 335 6.31 -14.02 46.80
N GLU C 336 5.17 -14.61 47.15
CA GLU C 336 4.62 -14.34 48.48
C GLU C 336 5.68 -14.53 49.60
N LYS C 337 6.50 -15.57 49.48
CA LYS C 337 7.54 -15.78 50.47
C LYS C 337 8.70 -14.82 50.30
N GLN C 338 9.22 -14.70 49.08
CA GLN C 338 10.40 -13.84 48.92
C GLN C 338 10.19 -12.36 49.06
N TYR C 339 9.15 -11.83 48.41
CA TYR C 339 8.93 -10.40 48.36
C TYR C 339 7.45 -10.17 48.66
N PRO C 340 7.06 -10.59 49.87
CA PRO C 340 5.69 -10.58 50.34
C PRO C 340 4.83 -9.38 50.00
N ASP C 341 5.35 -8.16 49.98
CA ASP C 341 4.39 -7.13 49.62
C ASP C 341 4.39 -6.57 48.22
N ALA C 342 5.21 -7.23 47.42
CA ALA C 342 5.46 -6.82 46.04
C ALA C 342 4.47 -6.87 44.88
N ASN C 343 3.62 -7.89 44.80
CA ASN C 343 2.68 -7.97 43.66
C ASN C 343 3.46 -8.17 42.36
N VAL C 344 4.48 -9.02 42.43
CA VAL C 344 5.34 -9.29 41.29
C VAL C 344 5.21 -10.75 40.90
N LEU C 345 5.24 -11.02 39.58
CA LEU C 345 5.23 -12.40 39.15
C LEU C 345 6.43 -12.52 38.24
N LEU C 346 6.90 -13.74 38.04
CA LEU C 346 8.06 -13.95 37.15
C LEU C 346 7.72 -15.06 36.18
N VAL C 347 7.80 -14.80 34.87
CA VAL C 347 7.51 -15.85 33.90
C VAL C 347 8.84 -16.06 33.17
N THR C 348 9.19 -17.33 32.96
CA THR C 348 10.46 -17.67 32.33
C THR C 348 10.33 -18.20 30.94
N VAL C 349 11.11 -17.70 29.99
CA VAL C 349 11.04 -18.29 28.67
C VAL C 349 12.49 -18.59 28.26
N THR C 350 12.67 -19.34 27.19
CA THR C 350 14.05 -19.68 26.79
C THR C 350 14.19 -19.78 25.27
N ASP C 351 15.42 -20.00 24.81
CA ASP C 351 15.65 -20.37 23.43
C ASP C 351 14.90 -19.58 22.35
N GLU C 352 14.07 -20.23 21.53
CA GLU C 352 13.39 -19.51 20.44
C GLU C 352 12.53 -18.35 20.90
N GLU C 353 11.78 -18.56 21.98
CA GLU C 353 10.95 -17.48 22.51
C GLU C 353 11.84 -16.35 23.04
N SER C 354 12.94 -16.69 23.71
CA SER C 354 13.77 -15.62 24.22
C SER C 354 14.27 -14.81 23.04
N ARG C 355 14.77 -15.47 22.00
CA ARG C 355 15.29 -14.66 20.92
C ARG C 355 14.20 -13.78 20.26
N ARG C 356 12.99 -14.33 20.19
CA ARG C 356 11.89 -13.56 19.59
C ARG C 356 11.59 -12.34 20.47
N ILE C 357 11.45 -12.64 21.75
CA ILE C 357 11.10 -11.60 22.70
C ILE C 357 12.13 -10.49 22.88
N GLU C 358 13.41 -10.86 22.87
CA GLU C 358 14.43 -9.85 23.03
C GLU C 358 14.34 -8.88 21.89
N GLN C 359 13.86 -9.36 20.74
CA GLN C 359 13.80 -8.50 19.57
C GLN C 359 12.56 -7.60 19.45
N GLN C 360 11.59 -7.70 20.37
CA GLN C 360 10.42 -6.82 20.25
C GLN C 360 10.39 -5.91 21.46
N SER C 361 9.51 -4.93 21.49
CA SER C 361 9.49 -4.00 22.64
C SER C 361 8.87 -4.65 23.87
N ASP C 362 9.17 -4.04 25.02
CA ASP C 362 8.62 -4.51 26.27
C ASP C 362 7.09 -4.39 26.28
N GLU C 363 6.55 -3.35 25.65
CA GLU C 363 5.09 -3.24 25.66
C GLU C 363 4.46 -4.37 24.92
N GLN C 364 5.08 -4.74 23.82
CA GLN C 364 4.48 -5.82 23.06
C GLN C 364 4.51 -7.12 23.85
N THR C 365 5.64 -7.32 24.49
CA THR C 365 5.72 -8.53 25.25
C THR C 365 4.69 -8.43 26.36
N LYS C 366 4.59 -7.25 26.97
CA LYS C 366 3.63 -7.11 28.06
C LYS C 366 2.21 -7.44 27.58
N ALA C 367 1.84 -6.97 26.40
CA ALA C 367 0.51 -7.29 25.90
C ALA C 367 0.34 -8.77 25.67
N GLU C 368 1.37 -9.44 25.16
CA GLU C 368 1.18 -10.89 24.97
C GLU C 368 0.94 -11.57 26.31
N ILE C 369 1.71 -11.15 27.30
CA ILE C 369 1.59 -11.74 28.61
C ILE C 369 0.21 -11.44 29.24
N MET C 370 -0.34 -10.24 29.10
CA MET C 370 -1.64 -9.98 29.70
C MET C 370 -2.67 -10.89 29.07
N GLN C 371 -2.52 -11.19 27.79
CA GLN C 371 -3.54 -12.08 27.21
C GLN C 371 -3.49 -13.47 27.83
N VAL C 372 -2.27 -13.92 28.07
CA VAL C 372 -2.13 -15.24 28.67
C VAL C 372 -2.71 -15.23 30.10
N LEU C 373 -2.39 -14.20 30.88
CA LEU C 373 -2.86 -14.17 32.26
C LEU C 373 -4.38 -14.06 32.28
N ARG C 374 -4.93 -13.30 31.34
CA ARG C 374 -6.39 -13.22 31.33
C ARG C 374 -7.05 -14.56 31.01
N LYS C 375 -6.40 -15.40 30.18
CA LYS C 375 -6.89 -16.75 29.86
C LYS C 375 -6.69 -17.69 31.03
N MET C 376 -5.63 -17.49 31.79
CA MET C 376 -5.36 -18.36 32.92
C MET C 376 -6.32 -18.17 34.08
N PHE C 377 -6.74 -16.92 34.29
CA PHE C 377 -7.59 -16.58 35.44
C PHE C 377 -8.86 -15.92 34.92
N PRO C 378 -9.66 -16.71 34.22
CA PRO C 378 -10.89 -16.20 33.64
C PRO C 378 -11.84 -15.67 34.72
N GLY C 379 -11.76 -16.19 35.93
CA GLY C 379 -12.64 -15.69 36.99
C GLY C 379 -12.22 -14.36 37.63
N LYS C 380 -11.06 -13.83 37.24
CA LYS C 380 -10.60 -12.64 37.91
C LYS C 380 -10.56 -11.45 36.98
N ASP C 381 -10.60 -10.26 37.56
CA ASP C 381 -10.51 -9.02 36.78
C ASP C 381 -8.99 -8.79 36.84
N VAL C 382 -8.27 -9.12 35.77
CA VAL C 382 -6.80 -9.05 35.76
C VAL C 382 -6.28 -7.69 35.42
N PRO C 383 -5.55 -7.05 36.33
CA PRO C 383 -5.03 -5.71 36.03
C PRO C 383 -3.85 -5.75 35.09
N ASP C 384 -3.70 -4.71 34.28
CA ASP C 384 -2.55 -4.63 33.41
C ASP C 384 -1.32 -4.47 34.30
N ALA C 385 -0.20 -5.15 34.00
CA ALA C 385 1.00 -4.96 34.80
C ALA C 385 1.43 -3.52 34.61
N THR C 386 1.88 -2.88 35.66
CA THR C 386 2.30 -1.49 35.50
C THR C 386 3.77 -1.41 35.18
N ASP C 387 4.50 -2.51 35.26
CA ASP C 387 5.93 -2.45 34.94
C ASP C 387 6.36 -3.84 34.53
N ILE C 388 7.39 -3.93 33.69
CA ILE C 388 7.87 -5.22 33.24
C ILE C 388 9.34 -5.10 33.05
N LEU C 389 10.06 -6.18 33.29
CA LEU C 389 11.49 -6.10 33.09
C LEU C 389 11.87 -7.34 32.26
N VAL C 390 12.37 -7.08 31.05
CA VAL C 390 12.79 -8.12 30.11
C VAL C 390 14.32 -8.12 29.99
N PRO C 391 15.04 -9.02 30.63
CA PRO C 391 16.51 -9.02 30.48
C PRO C 391 16.91 -9.44 29.03
N ARG C 392 17.89 -8.76 28.43
CA ARG C 392 18.29 -9.10 27.07
C ARG C 392 19.71 -9.61 27.03
N TRP C 393 19.94 -10.73 27.70
CA TRP C 393 21.28 -11.33 27.74
C TRP C 393 21.84 -11.71 26.36
N TRP C 394 20.99 -12.29 25.52
CA TRP C 394 21.48 -12.69 24.22
C TRP C 394 21.86 -11.50 23.40
N SER C 395 21.07 -10.43 23.51
CA SER C 395 21.37 -9.24 22.73
C SER C 395 22.59 -8.56 23.27
N ASP C 396 22.88 -8.73 24.54
CA ASP C 396 24.04 -8.05 25.10
C ASP C 396 25.41 -8.60 24.61
N ARG C 397 26.16 -7.74 23.95
CA ARG C 397 27.44 -8.16 23.37
C ARG C 397 28.45 -8.69 24.36
N PHE C 398 28.30 -8.43 25.65
CA PHE C 398 29.24 -8.99 26.62
C PHE C 398 28.86 -10.37 27.18
N TYR C 399 27.70 -10.89 26.74
CA TYR C 399 27.22 -12.19 27.25
C TYR C 399 26.75 -13.09 26.11
N LYS C 400 25.96 -12.53 25.20
CA LYS C 400 25.48 -13.31 24.07
C LYS C 400 24.74 -14.60 24.48
N GLY C 401 24.03 -14.54 25.62
CA GLY C 401 23.33 -15.75 26.08
C GLY C 401 23.41 -15.77 27.59
N THR C 402 22.88 -16.82 28.21
CA THR C 402 22.89 -16.94 29.66
C THR C 402 23.77 -18.06 30.20
N PHE C 403 23.82 -19.21 29.52
CA PHE C 403 24.72 -20.29 29.98
C PHE C 403 24.82 -21.37 28.94
N SER C 404 25.94 -22.09 28.94
CA SER C 404 26.15 -23.13 27.93
C SER C 404 25.22 -24.34 28.15
N ASN C 405 25.05 -25.13 27.10
CA ASN C 405 24.24 -26.34 27.16
C ASN C 405 25.00 -27.36 26.26
N TRP C 406 24.95 -28.63 26.69
CA TRP C 406 25.66 -29.73 26.03
C TRP C 406 24.77 -30.40 24.98
N PRO C 407 25.04 -30.14 23.69
CA PRO C 407 24.24 -30.74 22.61
C PRO C 407 24.63 -32.15 22.20
N VAL C 408 23.68 -32.92 21.69
CA VAL C 408 24.04 -34.25 21.23
C VAL C 408 24.99 -34.02 20.06
N GLY C 409 26.04 -34.81 19.96
CA GLY C 409 26.98 -34.60 18.89
C GLY C 409 28.33 -34.23 19.52
N VAL C 410 28.31 -33.62 20.70
CA VAL C 410 29.60 -33.28 21.30
C VAL C 410 30.02 -34.35 22.33
N ASN C 411 31.22 -34.90 22.17
CA ASN C 411 31.73 -35.86 23.16
C ASN C 411 32.66 -35.26 24.20
N ARG C 412 33.08 -36.02 25.20
CA ARG C 412 33.86 -35.35 26.25
C ARG C 412 35.17 -34.74 25.81
N TYR C 413 35.71 -35.40 24.80
CA TYR C 413 36.98 -35.01 24.28
C TYR C 413 36.80 -33.61 23.70
N GLU C 414 35.81 -33.54 22.82
CA GLU C 414 35.54 -32.27 22.16
C GLU C 414 35.19 -31.22 23.17
N TYR C 415 34.45 -31.63 24.20
CA TYR C 415 34.15 -30.63 25.21
C TYR C 415 35.47 -30.16 25.84
N ASP C 416 36.42 -31.07 25.99
CA ASP C 416 37.64 -30.65 26.64
C ASP C 416 38.47 -29.67 25.85
N GLN C 417 38.33 -29.81 24.55
CA GLN C 417 38.97 -28.86 23.68
C GLN C 417 38.51 -27.43 23.91
N LEU C 418 37.38 -27.21 24.58
CA LEU C 418 36.96 -25.84 24.82
C LEU C 418 37.78 -25.32 25.95
N ARG C 419 38.17 -26.27 26.79
CA ARG C 419 38.89 -25.81 27.96
C ARG C 419 40.32 -25.60 27.56
N ALA C 420 40.81 -26.39 26.61
CA ALA C 420 42.22 -26.32 26.24
C ALA C 420 42.84 -24.97 25.86
N PRO C 421 44.03 -24.69 26.38
CA PRO C 421 44.68 -23.42 26.09
C PRO C 421 45.27 -23.51 24.72
N VAL C 422 45.58 -22.35 24.18
CA VAL C 422 46.18 -22.27 22.86
C VAL C 422 47.42 -21.44 23.14
N GLY C 423 48.60 -22.08 23.14
CA GLY C 423 49.84 -21.34 23.41
C GLY C 423 49.77 -20.72 24.81
N ARG C 424 49.92 -19.41 24.86
CA ARG C 424 49.81 -18.69 26.14
C ARG C 424 48.41 -18.14 26.48
N VAL C 425 47.41 -18.52 25.70
CA VAL C 425 46.03 -18.08 25.89
C VAL C 425 45.28 -19.20 26.61
N TYR C 426 44.82 -18.90 27.82
CA TYR C 426 44.07 -19.86 28.64
C TYR C 426 42.61 -19.42 28.68
N PHE C 427 41.75 -20.37 29.00
CA PHE C 427 40.32 -20.07 29.04
C PHE C 427 39.74 -20.53 30.37
N THR C 428 38.68 -19.87 30.85
CA THR C 428 38.05 -20.33 32.07
C THR C 428 36.58 -19.90 31.86
N GLY C 429 35.72 -20.30 32.78
CA GLY C 429 34.31 -19.93 32.66
C GLY C 429 33.46 -21.17 32.84
N GLU C 430 32.16 -20.98 33.09
CA GLU C 430 31.24 -22.07 33.32
C GLU C 430 31.29 -23.09 32.19
N HIS C 431 31.55 -22.62 30.99
CA HIS C 431 31.58 -23.54 29.86
C HIS C 431 32.89 -24.33 29.90
N THR C 432 33.78 -24.04 30.84
CA THR C 432 34.99 -24.86 30.86
C THR C 432 34.96 -25.73 32.11
N SER C 433 33.84 -25.77 32.83
CA SER C 433 33.72 -26.61 34.04
C SER C 433 33.65 -28.08 33.64
N GLU C 434 34.57 -28.86 34.17
CA GLU C 434 34.59 -30.26 33.81
C GLU C 434 33.24 -30.94 33.98
N HIS C 435 32.61 -30.85 35.16
CA HIS C 435 31.30 -31.49 35.37
C HIS C 435 30.12 -30.66 35.81
N TYR C 436 30.31 -29.35 35.85
CA TYR C 436 29.24 -28.47 36.30
C TYR C 436 29.02 -27.35 35.30
N ASN C 437 29.17 -27.63 34.00
CA ASN C 437 28.97 -26.53 33.07
C ASN C 437 27.60 -25.91 33.28
N GLY C 438 27.57 -24.60 33.06
CA GLY C 438 26.35 -23.83 33.20
C GLY C 438 26.13 -23.16 34.56
N TYR C 439 26.61 -23.76 35.66
CA TYR C 439 26.40 -23.29 37.04
C TYR C 439 27.32 -22.28 37.70
N VAL C 440 26.79 -21.55 38.67
CA VAL C 440 27.61 -20.59 39.39
C VAL C 440 28.76 -21.36 40.01
N HIS C 441 28.46 -22.54 40.54
CA HIS C 441 29.53 -23.30 41.15
C HIS C 441 30.51 -23.81 40.13
N GLY C 442 29.99 -24.11 38.93
CA GLY C 442 30.81 -24.56 37.80
C GLY C 442 31.76 -23.38 37.49
N ALA C 443 31.25 -22.16 37.49
CA ALA C 443 32.13 -21.05 37.19
C ALA C 443 33.26 -20.93 38.20
N TYR C 444 32.84 -21.02 39.45
CA TYR C 444 33.77 -20.85 40.54
C TYR C 444 34.88 -21.89 40.47
N LEU C 445 34.50 -23.14 40.29
CA LEU C 445 35.52 -24.18 40.23
C LEU C 445 36.35 -24.09 38.96
N SER C 446 35.80 -23.62 37.86
CA SER C 446 36.60 -23.58 36.63
C SER C 446 37.72 -22.58 36.76
N GLY C 447 37.49 -21.50 37.51
CA GLY C 447 38.50 -20.46 37.65
C GLY C 447 39.70 -21.03 38.40
N ILE C 448 39.40 -21.81 39.42
CA ILE C 448 40.46 -22.41 40.20
C ILE C 448 41.18 -23.44 39.32
N ASP C 449 40.44 -24.26 38.61
CA ASP C 449 41.08 -25.25 37.77
C ASP C 449 41.92 -24.60 36.70
N SER C 450 41.34 -23.62 36.01
CA SER C 450 42.13 -22.94 35.02
C SER C 450 43.38 -22.30 35.64
N ALA C 451 43.27 -21.68 36.80
CA ALA C 451 44.44 -21.02 37.35
C ALA C 451 45.53 -22.04 37.60
N GLU C 452 45.13 -23.19 38.14
CA GLU C 452 46.10 -24.23 38.48
C GLU C 452 46.90 -24.78 37.31
N ILE C 453 46.22 -24.90 36.18
CA ILE C 453 46.89 -25.34 34.97
C ILE C 453 47.91 -24.29 34.57
N LEU C 454 47.48 -23.04 34.59
CA LEU C 454 48.38 -21.97 34.26
C LEU C 454 49.53 -21.91 35.27
N ILE C 455 49.22 -22.08 36.54
CA ILE C 455 50.28 -22.00 37.52
C ILE C 455 51.31 -23.10 37.25
N ASN C 456 50.85 -24.32 37.05
CA ASN C 456 51.78 -25.38 36.78
C ASN C 456 52.64 -25.12 35.56
N CYS C 457 52.04 -24.57 34.51
CA CYS C 457 52.82 -24.32 33.31
C CYS C 457 53.83 -23.20 33.56
N ALA C 458 53.32 -22.11 34.10
CA ALA C 458 54.14 -20.95 34.33
C ALA C 458 55.17 -21.08 35.45
N GLN C 459 54.77 -21.66 36.57
CA GLN C 459 55.68 -21.76 37.70
C GLN C 459 56.54 -22.99 37.72
N LYS C 460 55.93 -24.14 37.46
CA LYS C 460 56.66 -25.38 37.49
C LYS C 460 57.21 -25.76 36.13
N LYS C 461 56.84 -25.03 35.08
CA LYS C 461 57.32 -25.35 33.74
C LYS C 461 56.79 -26.69 33.28
N MET C 462 55.71 -27.15 33.91
CA MET C 462 55.07 -28.40 33.50
C MET C 462 53.71 -28.08 32.88
N CYS C 463 53.67 -27.92 31.56
CA CYS C 463 52.47 -27.55 30.83
C CYS C 463 51.69 -28.79 30.44
N LYS C 464 50.71 -29.18 31.26
CA LYS C 464 49.93 -30.39 30.99
C LYS C 464 49.41 -30.45 29.56
N TYR C 465 49.75 -31.54 28.90
CA TYR C 465 49.36 -31.76 27.51
C TYR C 465 47.87 -32.10 27.39
N HIS C 466 47.36 -33.00 28.23
CA HIS C 466 45.92 -33.25 28.17
C HIS C 466 45.04 -32.51 29.17
C1 NAG D . 9.45 34.40 5.80
C2 NAG D . 10.78 33.73 5.71
C3 NAG D . 11.48 33.51 7.05
C4 NAG D . 11.47 34.80 7.86
C5 NAG D . 10.04 35.41 7.92
C6 NAG D . 9.95 36.81 8.53
C7 NAG D . 10.85 32.45 3.63
C8 NAG D . 10.56 31.08 3.05
N2 NAG D . 10.58 32.50 4.93
O3 NAG D . 12.79 32.85 6.94
O4 NAG D . 11.94 34.62 9.21
O5 NAG D . 9.49 35.55 6.60
O6 NAG D . 11.23 37.30 8.91
O7 NAG D . 11.27 33.39 2.96
C1 NAG D . 13.36 35.74 9.50
C2 NAG D . 13.69 35.58 10.96
C3 NAG D . 14.69 36.62 11.37
C4 NAG D . 15.90 36.49 10.49
C5 NAG D . 15.50 36.63 9.00
C6 NAG D . 16.64 36.54 7.99
C7 NAG D . 12.01 34.69 12.34
C8 NAG D . 10.72 34.97 13.05
N2 NAG D . 12.45 35.74 11.70
O3 NAG D . 15.00 36.42 12.78
O4 NAG D . 16.99 37.36 10.87
O5 NAG D . 14.47 35.66 8.66
O6 NAG D . 17.92 36.41 8.65
O7 NAG D . 12.60 33.62 12.36
C1 NAG E . -33.08 -14.26 -38.93
C2 NAG E . -33.73 -13.25 -39.81
C3 NAG E . -35.19 -13.53 -40.16
C4 NAG E . -35.31 -14.96 -40.57
C5 NAG E . -34.67 -15.92 -39.52
C6 NAG E . -34.59 -17.38 -39.96
C7 NAG E . -32.52 -11.27 -39.59
C8 NAG E . -32.34 -9.94 -38.91
N2 NAG E . -33.50 -11.98 -39.10
O3 NAG E . -35.86 -12.57 -41.06
O4 NAG E . -36.69 -15.33 -40.65
O5 NAG E . -33.29 -15.57 -39.36
O6 NAG E . -35.09 -17.59 -41.29
O7 NAG E . -31.84 -11.66 -40.51
C1 NAG E . -36.92 -15.93 -42.34
C2 NAG E . -38.35 -16.37 -42.26
C3 NAG E . -38.76 -16.90 -43.62
C4 NAG E . -38.51 -15.89 -44.71
C5 NAG E . -37.05 -15.34 -44.68
C6 NAG E . -36.80 -14.08 -45.49
C7 NAG E . -39.24 -17.23 -40.10
C8 NAG E . -39.16 -18.39 -39.13
N2 NAG E . -38.45 -17.39 -41.20
O3 NAG E . -40.15 -17.31 -43.59
O4 NAG E . -38.88 -16.45 -45.99
O5 NAG E . -36.75 -14.95 -43.33
O6 NAG E . -38.00 -13.60 -46.13
O7 NAG E . -39.96 -16.27 -39.86
C1 NAG F . 21.54 -22.86 56.67
C2 NAG F . 21.50 -24.29 57.06
C3 NAG F . 20.74 -24.60 58.29
C4 NAG F . 21.03 -23.61 59.36
C5 NAG F . 21.05 -22.14 58.88
C6 NAG F . 21.70 -21.19 59.88
C7 NAG F . 21.46 -25.68 55.06
C8 NAG F . 20.56 -26.16 53.97
N2 NAG F . 20.83 -24.90 55.90
O3 NAG F . 20.85 -25.98 58.64
O4 NAG F . 19.95 -23.72 60.26
O5 NAG F . 21.97 -22.07 57.73
O6 NAG F . 22.22 -21.91 60.98
O7 NAG F . 22.64 -25.95 55.17
C1 NAG F . 20.71 -23.80 61.77
C2 NAG F . 19.50 -23.87 62.66
C3 NAG F . 20.01 -24.34 64.00
C4 NAG F . 20.76 -25.64 63.88
C5 NAG F . 21.87 -25.55 62.83
C6 NAG F . 22.41 -26.93 62.43
C7 NAG F . 17.78 -22.26 62.33
C8 NAG F . 17.34 -20.81 62.49
N2 NAG F . 19.01 -22.49 62.79
O3 NAG F . 18.90 -24.46 64.90
O4 NAG F . 21.38 -25.95 65.13
O5 NAG F . 21.26 -25.06 61.62
O6 NAG F . 21.65 -27.98 63.02
O7 NAG F . 17.05 -23.15 61.83
C1 MAN F . 21.65 -26.42 66.12
C2 MAN F . 22.76 -26.55 67.12
C3 MAN F . 22.81 -27.98 67.64
C4 MAN F . 21.47 -28.36 68.25
C5 MAN F . 20.39 -28.20 67.20
C6 MAN F . 19.04 -28.50 67.84
O2 MAN F . 23.06 -25.31 67.84
O3 MAN F . 23.89 -28.15 68.57
O4 MAN F . 21.45 -29.70 68.73
O5 MAN F . 20.41 -26.84 66.73
O6 MAN F . 18.82 -27.51 68.88
C1 MAN F . 17.78 -27.65 69.73
C2 MAN F . 17.80 -26.80 70.97
C3 MAN F . 18.96 -27.32 71.80
C4 MAN F . 18.63 -28.78 72.14
C5 MAN F . 18.49 -29.61 70.88
C6 MAN F . 18.15 -31.08 71.12
O2 MAN F . 16.50 -26.87 71.61
O3 MAN F . 19.09 -26.53 72.98
O4 MAN F . 19.63 -29.37 72.94
O5 MAN F . 17.50 -29.02 70.01
O6 MAN F . 16.85 -31.54 70.67
C1 FCA F . 20.15 -26.77 57.93
C2 FCA F . 18.79 -26.65 58.57
C3 FCA F . 18.81 -26.89 60.03
C4 FCA F . 19.29 -28.34 60.29
C5 FCA F . 20.66 -28.49 59.60
C6 FCA F . 21.23 -29.92 59.63
O2 FCA F . 18.28 -25.32 58.25
O3 FCA F . 17.55 -26.76 60.67
O4 FCA F . 18.31 -29.29 59.80
O5 FCA F . 20.65 -28.09 58.23
PA FAD G . -10.74 35.03 -10.74
O1A FAD G . -11.92 34.20 -11.05
O2A FAD G . -10.00 35.04 -9.41
O5B FAD G . -11.08 36.52 -11.26
C5B FAD G . -12.03 36.74 -12.28
C4B FAD G . -13.06 37.74 -11.78
O4B FAD G . -14.03 38.00 -12.82
C3B FAD G . -13.83 37.37 -10.54
O3B FAD G . -13.68 38.40 -9.53
C2B FAD G . -15.28 37.27 -11.00
O2B FAD G . -16.21 37.62 -9.98
C1B FAD G . -15.31 38.18 -12.23
N9A FAD G . -16.33 37.94 -13.26
C8A FAD G . -16.81 36.74 -13.74
N7A FAD G . -17.78 36.87 -14.63
C5A FAD G . -17.89 38.23 -14.78
C6A FAD G . -18.73 39.03 -15.59
N6A FAD G . -19.63 38.51 -16.44
N1A FAD G . -18.65 40.37 -15.45
C2A FAD G . -17.79 40.88 -14.57
N3A FAD G . -16.91 40.26 -13.81
C4A FAD G . -17.04 38.92 -13.93
N1 FAD G . -4.00 28.74 -6.19
C2 FAD G . -2.89 28.75 -5.46
O2 FAD G . -1.84 29.24 -5.91
N3 FAD G . -2.90 28.15 -4.20
C4 FAD G . -4.05 27.59 -3.62
O4 FAD G . -4.09 27.15 -2.46
C4X FAD G . -5.21 27.57 -4.47
N5 FAD G . -6.25 26.77 -4.18
C5X FAD G . -7.46 27.01 -4.77
C6 FAD G . -8.63 26.44 -4.22
C7 FAD G . -9.89 26.86 -4.66
C7M FAD G . -11.15 26.26 -4.09
C8 FAD G . -9.95 27.89 -5.67
C8M FAD G . -11.25 28.48 -6.16
C9 FAD G . -8.76 28.41 -6.24
C9A FAD G . -7.51 28.00 -5.80
N10 FAD G . -6.31 28.36 -6.41
C10 FAD G . -5.14 28.16 -5.75
C1' FAD G . -6.26 29.07 -7.72
C2' FAD G . -6.30 30.60 -7.59
O2' FAD G . -7.28 31.02 -6.62
C3' FAD G . -6.66 31.18 -8.98
O3' FAD G . -5.64 30.69 -9.86
C4' FAD G . -6.75 32.71 -9.14
O4' FAD G . -7.30 33.32 -7.97
C5' FAD G . -7.61 33.11 -10.34
O5' FAD G . -7.45 34.50 -10.61
P FAD G . -8.10 35.03 -11.98
O1P FAD G . -7.97 36.52 -11.94
O2P FAD G . -7.57 34.24 -13.16
O3P FAD G . -9.62 34.56 -11.81
NH1 GZZ H . -3.11 21.03 -14.86
NH2 GZZ H . -1.09 22.00 -15.62
CZ1 GZZ H . -2.06 21.84 -14.68
NE1 GZZ H . -2.05 22.48 -13.50
C1 GZZ H . -3.10 22.35 -12.48
C2 GZZ H . -2.66 23.25 -11.31
C3 GZZ H . -3.86 23.62 -10.41
C4 GZZ H . -3.22 24.33 -9.19
C5 GZZ H . -4.20 24.93 -8.16
C6 GZZ H . -3.58 24.66 -6.77
C7 GZZ H . -4.54 24.03 -5.73
C8 GZZ H . -3.76 22.80 -5.23
N9 GZZ H . -4.03 22.65 -3.72
C10 GZZ H . -3.35 21.30 -3.40
C11 GZZ H . -3.13 21.06 -1.88
C12 GZZ H . -1.69 21.53 -1.55
C13 GZZ H . -0.81 20.28 -1.32
C14 GZZ H . 0.61 20.53 -1.91
C15 GZZ H . 1.31 19.24 -2.41
C16 GZZ H . 2.85 19.47 -2.49
C17 GZZ H . 3.36 19.40 -3.95
NE2 GZZ H . 4.77 19.02 -3.91
CZ2 GZZ H . 5.57 18.74 -4.95
NH3 GZZ H . 5.02 18.23 -6.06
NH4 GZZ H . 6.88 18.97 -4.88
PA FAD I . -10.13 -13.68 -26.67
O1A FAD I . -9.59 -13.21 -25.36
O2A FAD I . -11.51 -14.26 -26.71
O5B FAD I . -9.12 -14.85 -27.13
C5B FAD I . -7.80 -15.02 -26.63
C4B FAD I . -7.63 -16.46 -26.21
O4B FAD I . -6.27 -16.61 -25.73
C3B FAD I . -8.49 -16.91 -25.03
O3B FAD I . -9.13 -18.16 -25.27
C2B FAD I . -7.51 -16.97 -23.84
O2B FAD I . -7.82 -18.00 -22.93
C1B FAD I . -6.26 -17.42 -24.56
N9A FAD I . -4.98 -17.12 -23.90
C8A FAD I . -4.69 -15.97 -23.23
N7A FAD I . -3.43 -15.87 -22.86
C5A FAD I . -2.85 -17.05 -23.31
C6A FAD I . -1.54 -17.60 -23.18
N6A FAD I . -0.50 -17.01 -22.53
N1A FAD I . -1.32 -18.79 -23.75
C2A FAD I . -2.34 -19.39 -24.36
N3A FAD I . -3.62 -19.04 -24.49
C4A FAD I . -3.81 -17.83 -23.95
N1 FAD I . -18.59 -8.20 -28.41
C2 FAD I . -19.68 -8.20 -29.17
O2 FAD I . -19.57 -8.16 -30.41
N3 FAD I . -20.94 -8.24 -28.55
C4 FAD I . -21.13 -8.20 -27.17
O4 FAD I . -22.24 -8.28 -26.67
C4X FAD I . -19.92 -8.17 -26.38
N5 FAD I . -19.99 -8.02 -25.04
C5X FAD I . -18.85 -8.26 -24.32
C6 FAD I . -18.97 -8.44 -22.93
C7 FAD I . -17.97 -9.01 -22.13
C7M FAD I . -18.23 -9.15 -20.64
C8 FAD I . -16.78 -9.46 -22.80
C8M FAD I . -15.68 -10.14 -22.00
C9 FAD I . -16.62 -9.30 -24.19
C9A FAD I . -17.63 -8.66 -24.95
N10 FAD I . -17.52 -8.51 -26.32
C10 FAD I . -18.66 -8.18 -27.05
C1' FAD I . -16.18 -8.43 -26.96
C2' FAD I . -15.89 -9.80 -27.55
O2' FAD I . -16.20 -10.88 -26.67
C3' FAD I . -14.41 -9.87 -27.95
O3' FAD I . -14.15 -8.78 -28.84
C4' FAD I . -13.83 -11.16 -28.57
O4' FAD I . -14.48 -12.33 -28.06
C5' FAD I . -12.36 -11.27 -28.26
O5' FAD I . -11.89 -12.34 -29.05
P FAD I . -10.31 -12.35 -29.35
O1P FAD I . -9.94 -13.65 -29.97
O2P FAD I . -9.66 -11.08 -29.72
O3P FAD I . -9.79 -12.56 -27.80
NH1 GZZ J . -13.64 2.40 -28.52
NH2 GZZ J . -13.52 2.43 -30.83
CZ1 GZZ J . -14.01 1.87 -29.69
NE1 GZZ J . -14.85 0.80 -29.59
C1 GZZ J . -15.04 -0.10 -28.45
C2 GZZ J . -16.42 -0.74 -28.60
C3 GZZ J . -16.57 -1.88 -27.56
C4 GZZ J . -17.28 -3.15 -28.09
C5 GZZ J . -17.78 -4.25 -27.12
C6 GZZ J . -19.31 -4.42 -27.11
C7 GZZ J . -20.04 -4.62 -25.75
C8 GZZ J . -21.25 -3.65 -25.62
N9 GZZ J . -22.68 -4.17 -25.26
C10 GZZ J . -23.58 -2.90 -25.16
C11 GZZ J . -25.09 -3.20 -24.91
C12 GZZ J . -25.86 -3.25 -26.24
C13 GZZ J . -26.44 -1.84 -26.51
C14 GZZ J . -26.42 -1.40 -28.02
C15 GZZ J . -26.78 0.10 -28.15
C16 GZZ J . -27.31 0.37 -29.57
C17 GZZ J . -26.21 1.04 -30.43
NE2 GZZ J . -26.91 1.85 -31.44
CZ2 GZZ J . -26.39 2.66 -32.35
NH3 GZZ J . -25.22 3.29 -32.08
NH4 GZZ J . -27.06 2.78 -33.51
PA FAD K . 30.40 -14.25 33.30
O1A FAD K . 29.84 -13.94 31.96
O2A FAD K . 29.60 -14.10 34.59
O5B FAD K . 31.76 -13.43 33.45
C5B FAD K . 32.49 -13.04 32.28
C4B FAD K . 32.73 -11.55 32.42
O4B FAD K . 33.50 -11.12 31.28
C3B FAD K . 31.49 -10.65 32.46
O3B FAD K . 31.61 -9.71 33.54
C2B FAD K . 31.55 -9.86 31.17
O2B FAD K . 31.07 -8.56 31.37
C1B FAD K . 33.07 -9.83 30.89
N9A FAD K . 33.48 -9.62 29.50
C8A FAD K . 32.84 -10.09 28.39
N7A FAD K . 33.39 -9.74 27.25
C5A FAD K . 34.46 -8.95 27.63
C6A FAD K . 35.46 -8.27 26.88
N6A FAD K . 35.50 -8.29 25.55
N1A FAD K . 36.41 -7.57 27.53
C2A FAD K . 36.37 -7.62 28.87
N3A FAD K . 35.50 -8.20 29.71
C4A FAD K . 34.55 -8.86 29.02
N1 FAD K . 23.61 -20.62 37.68
C2 FAD K . 23.29 -21.13 38.85
O2 FAD K . 24.06 -21.88 39.48
N3 FAD K . 22.03 -20.90 39.40
C4 FAD K . 21.08 -20.15 38.75
O4 FAD K . 20.00 -19.98 39.35
C4X FAD K . 21.41 -19.60 37.46
N5 FAD K . 20.49 -19.01 36.62
C5X FAD K . 20.90 -18.28 35.54
C6 FAD K . 19.99 -17.40 34.89
C7 FAD K . 20.43 -16.42 33.97
C7M FAD K . 19.38 -15.51 33.28
C8 FAD K . 21.85 -16.26 33.75
C8M FAD K . 22.41 -15.18 32.86
C9 FAD K . 22.75 -17.14 34.42
C9A FAD K . 22.30 -18.16 35.29
N10 FAD K . 23.14 -19.06 35.92
C10 FAD K . 22.72 -19.86 36.98
C1' FAD K . 24.49 -19.30 35.38
C2' FAD K . 25.54 -18.48 36.13
O2' FAD K . 25.06 -17.15 36.33
C3' FAD K . 26.86 -18.47 35.34
O3' FAD K . 27.34 -19.82 35.23
C4' FAD K . 28.06 -17.69 35.92
O4' FAD K . 27.70 -16.44 36.53
C5' FAD K . 29.09 -17.46 34.80
O5' FAD K . 30.27 -16.87 35.30
P FAD K . 31.54 -16.70 34.34
O1P FAD K . 32.61 -15.93 35.06
O2P FAD K . 31.73 -18.00 33.63
O3P FAD K . 30.90 -15.78 33.17
NH1 GZZ L . 23.53 -29.32 29.56
NH2 GZZ L . 25.00 -30.47 30.87
CZ1 GZZ L . 24.23 -29.39 30.68
NE1 GZZ L . 24.06 -28.39 31.56
C1 GZZ L . 23.43 -27.06 31.48
C2 GZZ L . 22.94 -26.74 32.91
C3 GZZ L . 22.56 -25.24 33.01
C4 GZZ L . 22.37 -24.75 34.47
C5 GZZ L . 22.09 -23.24 34.63
C6 GZZ L . 21.10 -23.01 35.79
C7 GZZ L . 19.70 -22.37 35.46
C8 GZZ L . 18.60 -23.26 36.04
N9 GZZ L . 17.43 -22.46 36.72
C10 GZZ L . 16.28 -23.49 36.87
C11 GZZ L . 15.29 -23.04 37.96
C12 GZZ L . 15.41 -23.98 39.19
C13 GZZ L . 14.55 -25.27 39.01
C14 GZZ L . 15.30 -26.48 39.62
C15 GZZ L . 14.75 -27.83 39.13
C16 GZZ L . 14.91 -28.93 40.20
C17 GZZ L . 16.19 -29.80 40.10
NE2 GZZ L . 16.05 -31.16 40.66
CZ2 GZZ L . 16.72 -32.31 40.43
NH3 GZZ L . 17.45 -32.56 39.35
NH4 GZZ L . 16.67 -33.36 41.27
#